data_1UEM
#
_entry.id   1UEM
#
_cell.length_a   1.000
_cell.length_b   1.000
_cell.length_c   1.000
_cell.angle_alpha   90.00
_cell.angle_beta   90.00
_cell.angle_gamma   90.00
#
_symmetry.space_group_name_H-M   'P 1'
#
_entity_poly.entity_id   1
_entity_poly.type   'polypeptide(L)'
_entity_poly.pdbx_seq_one_letter_code
;GSSGSSGKNYDLSDLPGPPSKPQVTDVTKNSVTLSWQPGTPGTLPASAYIIEAFSQSVSNSWQTVANHVKTTLYTVRGLR
PNTIYLFMVRAINPQGLSDPSPMSDPVRTQDSGPSSG
;
_entity_poly.pdbx_strand_id   A
#
# COMPACT_ATOMS: atom_id res chain seq x y z
N GLY A 1 -2.46 -15.39 -21.32
CA GLY A 1 -3.25 -16.52 -20.79
C GLY A 1 -4.72 -16.18 -20.94
N SER A 2 -5.47 -16.07 -19.85
CA SER A 2 -6.90 -15.75 -19.88
C SER A 2 -7.21 -14.31 -20.28
N SER A 3 -6.18 -13.49 -20.54
CA SER A 3 -6.28 -12.38 -21.47
C SER A 3 -5.04 -12.43 -22.37
N GLY A 4 -5.17 -11.77 -23.51
CA GLY A 4 -4.19 -11.73 -24.58
C GLY A 4 -4.22 -10.39 -25.32
N SER A 5 -4.85 -9.36 -24.76
CA SER A 5 -4.76 -8.00 -25.24
C SER A 5 -4.75 -7.05 -24.04
N SER A 6 -4.19 -5.86 -24.26
CA SER A 6 -4.19 -4.72 -23.36
C SER A 6 -3.98 -3.47 -24.21
N GLY A 7 -4.02 -2.28 -23.61
CA GLY A 7 -3.80 -1.03 -24.33
C GLY A 7 -2.39 -1.03 -24.91
N LYS A 8 -1.39 -1.17 -24.04
CA LYS A 8 -0.02 -1.46 -24.45
C LYS A 8 0.11 -2.95 -24.75
N ASN A 9 1.23 -3.32 -25.36
CA ASN A 9 1.63 -4.69 -25.67
C ASN A 9 3.07 -4.83 -25.19
N TYR A 10 3.31 -5.80 -24.31
CA TYR A 10 4.58 -6.06 -23.62
C TYR A 10 5.06 -4.86 -22.79
N ASP A 11 6.21 -5.04 -22.14
CA ASP A 11 6.98 -4.02 -21.46
C ASP A 11 8.43 -4.48 -21.46
N LEU A 12 9.36 -3.56 -21.17
CA LEU A 12 10.74 -3.89 -20.84
C LEU A 12 10.80 -4.14 -19.33
N SER A 13 10.14 -5.21 -18.86
CA SER A 13 9.96 -5.49 -17.44
C SER A 13 10.05 -6.98 -17.16
N ASP A 14 10.62 -7.32 -16.00
CA ASP A 14 10.66 -8.66 -15.43
C ASP A 14 9.96 -8.70 -14.06
N LEU A 15 9.09 -7.72 -13.79
CA LEU A 15 8.42 -7.49 -12.50
C LEU A 15 6.93 -7.88 -12.61
N PRO A 16 6.24 -8.16 -11.48
CA PRO A 16 4.80 -8.40 -11.48
C PRO A 16 4.01 -7.19 -11.99
N GLY A 17 2.77 -7.42 -12.40
CA GLY A 17 1.79 -6.37 -12.57
C GLY A 17 1.32 -5.88 -11.19
N PRO A 18 1.09 -4.58 -10.99
CA PRO A 18 0.87 -4.01 -9.67
C PRO A 18 -0.46 -4.43 -9.04
N PRO A 19 -0.61 -4.28 -7.71
CA PRO A 19 -1.89 -4.42 -7.02
C PRO A 19 -2.93 -3.40 -7.49
N SER A 20 -4.20 -3.60 -7.09
CA SER A 20 -5.25 -2.61 -7.22
C SER A 20 -5.09 -1.50 -6.17
N LYS A 21 -5.86 -0.40 -6.27
CA LYS A 21 -5.96 0.56 -5.18
C LYS A 21 -6.43 -0.17 -3.93
N PRO A 22 -5.81 0.06 -2.76
CA PRO A 22 -6.40 -0.39 -1.52
C PRO A 22 -7.77 0.25 -1.23
N GLN A 23 -8.45 -0.38 -0.29
CA GLN A 23 -9.57 0.10 0.48
C GLN A 23 -9.05 0.41 1.86
N VAL A 24 -9.94 1.01 2.61
CA VAL A 24 -9.79 1.28 4.03
C VAL A 24 -10.98 0.63 4.74
N THR A 25 -10.75 -0.02 5.88
CA THR A 25 -11.80 -0.72 6.62
C THR A 25 -11.87 -0.21 8.06
N ASP A 26 -11.13 -0.82 8.99
CA ASP A 26 -11.06 -0.44 10.40
C ASP A 26 -10.20 0.81 10.50
N VAL A 27 -10.56 1.78 11.32
CA VAL A 27 -9.64 2.83 11.74
C VAL A 27 -9.85 3.17 13.22
N THR A 28 -8.80 3.69 13.84
CA THR A 28 -8.78 4.10 15.24
C THR A 28 -8.04 5.44 15.33
N LYS A 29 -7.57 5.77 16.53
CA LYS A 29 -6.63 6.86 16.70
C LYS A 29 -5.27 6.60 16.02
N ASN A 30 -4.80 5.35 15.91
CA ASN A 30 -3.43 5.11 15.43
C ASN A 30 -3.19 3.77 14.73
N SER A 31 -4.22 2.93 14.58
CA SER A 31 -4.21 1.84 13.63
C SER A 31 -5.26 2.11 12.56
N VAL A 32 -5.05 1.57 11.36
CA VAL A 32 -6.05 1.54 10.29
C VAL A 32 -5.80 0.27 9.51
N THR A 33 -6.82 -0.33 8.94
CA THR A 33 -6.73 -1.56 8.18
C THR A 33 -6.98 -1.23 6.71
N LEU A 34 -6.11 -1.77 5.87
CA LEU A 34 -6.10 -1.63 4.44
C LEU A 34 -6.41 -3.00 3.85
N SER A 35 -7.22 -3.04 2.79
CA SER A 35 -7.53 -4.27 2.05
C SER A 35 -7.26 -3.97 0.60
N TRP A 36 -6.60 -4.84 -0.15
CA TRP A 36 -6.47 -4.68 -1.61
C TRP A 36 -6.65 -6.02 -2.27
N GLN A 37 -6.73 -6.04 -3.60
CA GLN A 37 -6.66 -7.24 -4.42
C GLN A 37 -5.30 -7.28 -5.12
N PRO A 38 -4.69 -8.47 -5.28
CA PRO A 38 -3.27 -8.61 -5.56
C PRO A 38 -2.92 -8.24 -7.00
N GLY A 39 -1.62 -8.16 -7.27
CA GLY A 39 -1.08 -8.15 -8.61
C GLY A 39 -1.21 -9.54 -9.26
N THR A 40 -0.67 -9.67 -10.46
CA THR A 40 -0.50 -10.95 -11.15
C THR A 40 0.96 -11.05 -11.59
N PRO A 41 1.49 -12.28 -11.66
CA PRO A 41 2.81 -12.56 -12.19
C PRO A 41 2.87 -12.50 -13.73
N GLY A 42 4.07 -12.76 -14.21
CA GLY A 42 4.43 -12.80 -15.60
C GLY A 42 5.71 -13.61 -15.71
N THR A 43 6.85 -12.94 -15.80
CA THR A 43 8.18 -13.51 -15.88
C THR A 43 8.44 -14.39 -14.66
N LEU A 44 8.23 -13.84 -13.46
CA LEU A 44 8.58 -14.49 -12.20
C LEU A 44 7.37 -14.49 -11.25
N PRO A 45 7.42 -15.28 -10.17
CA PRO A 45 6.47 -15.24 -9.08
C PRO A 45 6.77 -14.02 -8.20
N ALA A 46 5.82 -13.70 -7.32
CA ALA A 46 5.91 -12.65 -6.33
C ALA A 46 6.47 -13.22 -5.04
N SER A 47 7.27 -12.40 -4.36
CA SER A 47 7.86 -12.71 -3.09
C SER A 47 6.99 -12.18 -1.96
N ALA A 48 6.69 -10.89 -1.92
CA ALA A 48 5.91 -10.28 -0.84
C ALA A 48 5.38 -8.93 -1.29
N TYR A 49 4.80 -8.15 -0.37
CA TYR A 49 4.39 -6.79 -0.61
C TYR A 49 5.11 -5.87 0.39
N ILE A 50 5.06 -4.57 0.10
CA ILE A 50 5.31 -3.47 1.03
C ILE A 50 4.02 -2.66 1.09
N ILE A 51 3.87 -1.89 2.17
CA ILE A 51 2.98 -0.74 2.20
C ILE A 51 3.87 0.43 2.58
N GLU A 52 3.72 1.55 1.87
CA GLU A 52 4.27 2.84 2.25
C GLU A 52 3.12 3.73 2.69
N ALA A 53 3.46 4.78 3.43
CA ALA A 53 2.60 5.88 3.80
C ALA A 53 3.42 7.15 3.66
N PHE A 54 2.70 8.25 3.59
CA PHE A 54 3.23 9.59 3.48
C PHE A 54 2.25 10.47 4.22
N SER A 55 2.77 11.46 4.94
CA SER A 55 1.97 12.42 5.66
C SER A 55 2.78 13.69 5.85
N GLN A 56 2.27 14.79 5.35
CA GLN A 56 2.98 16.06 5.38
C GLN A 56 3.29 16.50 6.82
N SER A 57 2.36 16.20 7.72
CA SER A 57 2.39 16.45 9.15
C SER A 57 3.13 15.36 9.96
N VAL A 58 3.96 14.51 9.34
CA VAL A 58 4.69 13.43 10.01
C VAL A 58 6.14 13.63 9.65
N SER A 59 6.49 13.31 8.40
CA SER A 59 7.75 13.56 7.77
C SER A 59 7.42 13.80 6.29
N ASN A 60 8.18 14.67 5.65
CA ASN A 60 7.97 15.12 4.29
C ASN A 60 8.17 14.01 3.23
N SER A 61 8.52 12.79 3.65
CA SER A 61 8.93 11.64 2.85
C SER A 61 7.79 10.62 2.69
N TRP A 62 7.82 9.79 1.63
CA TRP A 62 7.19 8.48 1.63
C TRP A 62 8.07 7.56 2.47
N GLN A 63 7.50 6.74 3.36
CA GLN A 63 8.25 5.76 4.13
C GLN A 63 7.56 4.40 4.11
N THR A 64 8.36 3.36 4.31
CA THR A 64 7.92 2.00 4.52
C THR A 64 7.23 1.93 5.89
N VAL A 65 6.04 1.35 5.95
CA VAL A 65 5.22 1.23 7.16
C VAL A 65 4.64 -0.18 7.33
N ALA A 66 4.84 -1.07 6.36
CA ALA A 66 4.97 -2.50 6.56
C ALA A 66 5.89 -3.04 5.45
N ASN A 67 6.58 -4.14 5.72
CA ASN A 67 7.61 -4.72 4.87
C ASN A 67 7.40 -6.23 4.81
N HIS A 68 7.60 -6.81 3.62
CA HIS A 68 7.49 -8.24 3.37
C HIS A 68 6.12 -8.80 3.82
N VAL A 69 5.06 -8.06 3.49
CA VAL A 69 3.67 -8.38 3.80
C VAL A 69 3.27 -9.55 2.91
N LYS A 70 2.77 -10.63 3.50
CA LYS A 70 2.38 -11.85 2.80
C LYS A 70 0.86 -12.03 2.72
N THR A 71 0.10 -10.97 2.99
CA THR A 71 -1.36 -10.95 3.01
C THR A 71 -1.85 -9.78 2.16
N THR A 72 -3.17 -9.73 2.03
CA THR A 72 -3.94 -8.82 1.21
C THR A 72 -4.77 -7.85 2.08
N LEU A 73 -4.78 -8.05 3.41
CA LEU A 73 -5.50 -7.25 4.38
C LEU A 73 -4.53 -7.01 5.53
N TYR A 74 -4.25 -5.76 5.88
CA TYR A 74 -3.23 -5.44 6.88
C TYR A 74 -3.61 -4.21 7.71
N THR A 75 -3.69 -4.39 9.02
CA THR A 75 -3.73 -3.36 10.05
C THR A 75 -2.36 -2.68 10.15
N VAL A 76 -2.26 -1.47 9.61
CA VAL A 76 -1.27 -0.46 9.91
C VAL A 76 -1.44 -0.07 11.39
N ARG A 77 -0.35 0.30 12.07
CA ARG A 77 -0.34 0.72 13.48
C ARG A 77 0.61 1.90 13.67
N GLY A 78 0.64 2.45 14.89
CA GLY A 78 1.67 3.38 15.33
C GLY A 78 1.50 4.80 14.82
N LEU A 79 0.38 5.10 14.17
CA LEU A 79 0.12 6.35 13.49
C LEU A 79 -0.17 7.43 14.53
N ARG A 80 -0.59 8.60 14.06
CA ARG A 80 -0.93 9.74 14.91
C ARG A 80 -2.42 9.98 14.79
N PRO A 81 -3.13 10.17 15.90
CA PRO A 81 -4.52 10.61 15.88
C PRO A 81 -4.70 11.96 15.18
N ASN A 82 -5.93 12.21 14.67
CA ASN A 82 -6.38 13.39 13.91
C ASN A 82 -5.38 13.88 12.86
N THR A 83 -4.62 12.97 12.25
CA THR A 83 -3.56 13.22 11.29
C THR A 83 -3.95 12.49 10.00
N ILE A 84 -3.77 13.19 8.87
CA ILE A 84 -3.99 12.64 7.55
C ILE A 84 -2.84 11.69 7.21
N TYR A 85 -3.14 10.66 6.42
CA TYR A 85 -2.16 9.75 5.85
C TYR A 85 -2.55 9.38 4.44
N LEU A 86 -1.52 9.12 3.63
CA LEU A 86 -1.64 8.41 2.37
C LEU A 86 -1.03 7.04 2.55
N PHE A 87 -1.40 6.12 1.66
CA PHE A 87 -0.83 4.79 1.58
C PHE A 87 -0.69 4.41 0.12
N MET A 88 0.37 3.66 -0.26
CA MET A 88 0.40 2.87 -1.48
C MET A 88 0.87 1.48 -1.09
N VAL A 89 0.48 0.48 -1.86
CA VAL A 89 0.96 -0.90 -1.75
C VAL A 89 1.99 -1.07 -2.88
N ARG A 90 3.00 -1.89 -2.64
CA ARG A 90 4.02 -2.25 -3.61
C ARG A 90 4.18 -3.76 -3.61
N ALA A 91 4.28 -4.39 -4.77
CA ALA A 91 4.65 -5.80 -4.85
C ALA A 91 6.17 -5.90 -4.90
N ILE A 92 6.69 -7.02 -4.40
CA ILE A 92 8.08 -7.41 -4.40
C ILE A 92 8.22 -8.75 -5.11
N ASN A 93 9.37 -8.95 -5.77
CA ASN A 93 9.74 -10.16 -6.49
C ASN A 93 11.27 -10.34 -6.42
N PRO A 94 11.83 -11.42 -6.99
CA PRO A 94 13.27 -11.67 -6.99
C PRO A 94 14.16 -10.63 -7.69
N GLN A 95 13.62 -9.59 -8.32
CA GLN A 95 14.35 -8.69 -9.22
C GLN A 95 14.17 -7.21 -8.90
N GLY A 96 13.16 -6.83 -8.12
CA GLY A 96 12.83 -5.43 -7.87
C GLY A 96 11.54 -5.30 -7.08
N LEU A 97 11.11 -4.07 -6.85
CA LEU A 97 9.73 -3.76 -6.57
C LEU A 97 9.01 -3.59 -7.91
N SER A 98 7.70 -3.87 -7.95
CA SER A 98 6.81 -3.54 -9.06
C SER A 98 6.56 -2.03 -9.10
N ASP A 99 5.96 -1.56 -10.20
CA ASP A 99 5.16 -0.34 -10.19
C ASP A 99 4.29 -0.29 -8.92
N PRO A 100 3.98 0.90 -8.38
CA PRO A 100 3.11 1.00 -7.20
C PRO A 100 1.65 0.69 -7.57
N SER A 101 0.83 0.44 -6.56
CA SER A 101 -0.61 0.56 -6.68
C SER A 101 -0.98 2.04 -6.88
N PRO A 102 -2.22 2.34 -7.28
CA PRO A 102 -2.86 3.60 -6.95
C PRO A 102 -2.72 3.96 -5.45
N MET A 103 -2.68 5.25 -5.11
CA MET A 103 -2.84 5.72 -3.75
C MET A 103 -4.23 5.43 -3.20
N SER A 104 -4.29 5.09 -1.91
CA SER A 104 -5.49 4.97 -1.09
C SER A 104 -6.39 6.21 -1.10
N ASP A 105 -5.82 7.37 -1.42
CA ASP A 105 -6.34 8.72 -1.16
C ASP A 105 -6.37 9.00 0.36
N PRO A 106 -6.31 10.28 0.80
CA PRO A 106 -5.90 10.63 2.16
C PRO A 106 -6.93 10.20 3.19
N VAL A 107 -6.60 9.20 4.01
CA VAL A 107 -7.41 8.88 5.18
C VAL A 107 -7.12 9.93 6.25
N ARG A 108 -7.99 10.04 7.27
CA ARG A 108 -7.72 10.72 8.52
C ARG A 108 -7.91 9.70 9.62
N THR A 109 -6.97 9.62 10.57
CA THR A 109 -7.19 8.89 11.82
C THR A 109 -8.33 9.55 12.59
N GLN A 110 -8.83 8.90 13.65
CA GLN A 110 -9.93 9.45 14.45
C GLN A 110 -9.34 10.47 15.43
N ASP A 111 -9.43 10.22 16.72
CA ASP A 111 -8.81 11.01 17.78
C ASP A 111 -8.54 10.06 18.94
N SER A 112 -7.73 10.48 19.89
CA SER A 112 -7.33 9.73 21.06
C SER A 112 -8.36 9.88 22.20
N GLY A 113 -9.61 10.26 21.91
CA GLY A 113 -10.71 10.09 22.85
C GLY A 113 -11.15 8.62 22.89
N PRO A 114 -12.09 8.24 23.77
CA PRO A 114 -12.64 6.89 23.79
C PRO A 114 -13.72 6.67 22.72
N SER A 115 -14.35 7.74 22.21
CA SER A 115 -15.57 7.69 21.41
C SER A 115 -16.70 6.94 22.11
N SER A 116 -16.96 7.25 23.38
CA SER A 116 -18.25 6.94 23.99
C SER A 116 -19.27 7.94 23.44
N GLY A 117 -20.13 7.46 22.56
CA GLY A 117 -21.26 8.15 21.97
C GLY A 117 -21.82 7.18 20.95
N GLY A 1 4.03 3.15 -19.25
CA GLY A 1 3.22 1.98 -18.88
C GLY A 1 2.02 1.86 -19.80
N SER A 2 0.92 1.29 -19.33
CA SER A 2 -0.20 0.89 -20.17
C SER A 2 -0.98 2.06 -20.78
N SER A 3 -1.04 3.22 -20.12
CA SER A 3 -1.87 4.31 -20.59
C SER A 3 -1.05 5.15 -21.58
N GLY A 4 -1.61 5.47 -22.74
CA GLY A 4 -0.98 6.31 -23.75
C GLY A 4 -0.55 5.51 -24.98
N SER A 5 0.47 5.99 -25.68
CA SER A 5 0.97 5.40 -26.91
C SER A 5 1.81 4.17 -26.60
N SER A 6 1.17 3.00 -26.48
CA SER A 6 1.82 1.77 -26.06
C SER A 6 2.75 1.23 -27.14
N GLY A 7 2.20 0.92 -28.32
CA GLY A 7 2.89 0.11 -29.31
C GLY A 7 1.86 -0.75 -30.04
N LYS A 8 2.34 -1.76 -30.76
CA LYS A 8 1.49 -2.81 -31.33
C LYS A 8 2.25 -4.12 -31.11
N ASN A 9 1.96 -4.80 -30.00
CA ASN A 9 2.63 -6.02 -29.52
C ASN A 9 4.11 -5.75 -29.28
N TYR A 10 4.40 -5.03 -28.20
CA TYR A 10 5.75 -4.84 -27.67
C TYR A 10 5.79 -5.39 -26.23
N ASP A 11 7.00 -5.54 -25.69
CA ASP A 11 7.25 -6.14 -24.38
C ASP A 11 6.64 -5.30 -23.26
N LEU A 12 6.60 -5.85 -22.05
CA LEU A 12 6.11 -5.19 -20.85
C LEU A 12 7.26 -5.19 -19.83
N SER A 13 7.07 -5.77 -18.64
CA SER A 13 7.99 -5.68 -17.51
C SER A 13 8.21 -7.08 -16.94
N ASP A 14 9.42 -7.43 -16.47
CA ASP A 14 9.62 -8.72 -15.80
C ASP A 14 8.99 -8.71 -14.40
N LEU A 15 8.72 -7.51 -13.89
CA LEU A 15 8.19 -7.31 -12.56
C LEU A 15 6.69 -7.67 -12.56
N PRO A 16 6.14 -8.08 -11.39
CA PRO A 16 4.76 -8.49 -11.29
C PRO A 16 3.82 -7.35 -11.64
N GLY A 17 2.59 -7.68 -12.02
CA GLY A 17 1.56 -6.68 -12.24
C GLY A 17 1.29 -5.96 -10.92
N PRO A 18 1.02 -4.65 -10.93
CA PRO A 18 0.77 -3.90 -9.71
C PRO A 18 -0.53 -4.37 -9.04
N PRO A 19 -0.67 -4.24 -7.71
CA PRO A 19 -1.94 -4.43 -7.02
C PRO A 19 -2.99 -3.40 -7.44
N SER A 20 -4.22 -3.61 -7.00
CA SER A 20 -5.28 -2.60 -7.08
C SER A 20 -5.05 -1.50 -6.03
N LYS A 21 -5.89 -0.46 -6.06
CA LYS A 21 -5.92 0.56 -5.01
C LYS A 21 -6.17 -0.12 -3.66
N PRO A 22 -5.47 0.23 -2.58
CA PRO A 22 -5.96 -0.08 -1.25
C PRO A 22 -7.16 0.79 -0.93
N GLN A 23 -8.22 0.09 -0.59
CA GLN A 23 -9.34 0.66 0.12
C GLN A 23 -9.00 0.62 1.61
N VAL A 24 -9.86 1.28 2.38
CA VAL A 24 -9.70 1.48 3.80
C VAL A 24 -10.97 0.96 4.47
N THR A 25 -10.82 0.23 5.57
CA THR A 25 -11.91 -0.53 6.16
C THR A 25 -12.12 -0.18 7.64
N ASP A 26 -11.15 -0.52 8.48
CA ASP A 26 -11.16 -0.20 9.91
C ASP A 26 -10.19 0.93 10.17
N VAL A 27 -10.52 1.91 11.02
CA VAL A 27 -9.58 2.96 11.40
C VAL A 27 -9.79 3.35 12.86
N THR A 28 -8.69 3.63 13.56
CA THR A 28 -8.65 4.01 14.98
C THR A 28 -7.79 5.27 15.13
N LYS A 29 -7.56 5.73 16.36
CA LYS A 29 -6.70 6.86 16.64
C LYS A 29 -5.24 6.63 16.24
N ASN A 30 -4.79 5.39 16.05
CA ASN A 30 -3.39 5.12 15.70
C ASN A 30 -3.22 3.90 14.80
N SER A 31 -4.30 3.38 14.20
CA SER A 31 -4.20 2.26 13.28
C SER A 31 -5.19 2.42 12.14
N VAL A 32 -4.97 1.72 11.03
CA VAL A 32 -5.91 1.61 9.93
C VAL A 32 -5.68 0.30 9.19
N THR A 33 -6.75 -0.48 8.98
CA THR A 33 -6.74 -1.63 8.10
C THR A 33 -6.94 -1.14 6.66
N LEU A 34 -5.96 -1.45 5.83
CA LEU A 34 -6.03 -1.34 4.38
C LEU A 34 -6.54 -2.65 3.80
N SER A 35 -7.10 -2.58 2.60
CA SER A 35 -7.63 -3.72 1.89
C SER A 35 -7.48 -3.50 0.38
N TRP A 36 -6.44 -4.09 -0.23
CA TRP A 36 -6.21 -4.04 -1.68
C TRP A 36 -6.58 -5.39 -2.28
N GLN A 37 -6.80 -5.43 -3.59
CA GLN A 37 -6.86 -6.66 -4.36
C GLN A 37 -5.45 -6.85 -4.94
N PRO A 38 -5.02 -8.11 -5.09
CA PRO A 38 -3.65 -8.47 -5.38
C PRO A 38 -3.25 -8.11 -6.82
N GLY A 39 -1.96 -8.25 -7.12
CA GLY A 39 -1.44 -8.19 -8.48
C GLY A 39 -1.28 -9.61 -9.04
N THR A 40 -0.86 -9.67 -10.29
CA THR A 40 -0.71 -10.84 -11.10
C THR A 40 0.78 -11.18 -11.28
N PRO A 41 1.09 -12.44 -11.61
CA PRO A 41 2.44 -12.93 -11.89
C PRO A 41 2.99 -12.42 -13.23
N GLY A 42 4.00 -13.10 -13.78
CA GLY A 42 4.51 -12.90 -15.12
C GLY A 42 5.64 -13.89 -15.32
N THR A 43 6.82 -13.38 -15.65
CA THR A 43 8.04 -14.13 -15.83
C THR A 43 8.62 -14.64 -14.52
N LEU A 44 8.34 -13.93 -13.42
CA LEU A 44 8.85 -14.26 -12.10
C LEU A 44 7.77 -14.15 -11.02
N PRO A 45 7.87 -14.97 -9.96
CA PRO A 45 6.91 -15.04 -8.88
C PRO A 45 7.07 -13.84 -7.94
N ALA A 46 6.06 -13.62 -7.11
CA ALA A 46 6.01 -12.54 -6.14
C ALA A 46 6.58 -13.07 -4.83
N SER A 47 7.33 -12.23 -4.13
CA SER A 47 8.16 -12.59 -2.99
C SER A 47 7.66 -11.96 -1.69
N ALA A 48 7.05 -10.78 -1.72
CA ALA A 48 6.16 -10.28 -0.69
C ALA A 48 5.39 -9.10 -1.29
N TYR A 49 4.79 -8.26 -0.45
CA TYR A 49 4.43 -6.89 -0.74
C TYR A 49 5.19 -5.96 0.22
N ILE A 50 5.22 -4.68 -0.10
CA ILE A 50 5.57 -3.56 0.76
C ILE A 50 4.30 -2.71 0.84
N ILE A 51 4.13 -1.97 1.94
CA ILE A 51 3.16 -0.90 2.09
C ILE A 51 3.94 0.31 2.57
N GLU A 52 3.66 1.46 1.96
CA GLU A 52 4.24 2.72 2.36
C GLU A 52 3.10 3.67 2.73
N ALA A 53 3.42 4.70 3.50
CA ALA A 53 2.53 5.78 3.87
C ALA A 53 3.29 7.08 3.78
N PHE A 54 2.55 8.18 3.71
CA PHE A 54 3.06 9.53 3.77
C PHE A 54 2.08 10.32 4.65
N SER A 55 2.55 11.15 5.59
CA SER A 55 1.77 12.28 6.06
C SER A 55 2.49 13.57 5.67
N GLN A 56 1.74 14.64 5.42
CA GLN A 56 2.29 15.99 5.40
C GLN A 56 2.42 16.54 6.83
N SER A 57 2.37 15.71 7.87
CA SER A 57 2.43 16.11 9.26
C SER A 57 3.45 15.24 10.03
N VAL A 58 4.25 14.45 9.32
CA VAL A 58 5.22 13.55 9.87
C VAL A 58 6.59 13.94 9.28
N SER A 59 7.06 13.38 8.17
CA SER A 59 8.39 13.66 7.63
C SER A 59 8.35 14.26 6.23
N ASN A 60 7.17 14.56 5.69
CA ASN A 60 6.92 14.98 4.30
C ASN A 60 7.53 14.00 3.27
N SER A 61 7.79 12.76 3.68
CA SER A 61 8.48 11.68 3.01
C SER A 61 7.54 10.47 2.90
N TRP A 62 7.84 9.50 2.04
CA TRP A 62 7.20 8.19 2.08
C TRP A 62 8.01 7.27 3.00
N GLN A 63 7.37 6.37 3.74
CA GLN A 63 8.03 5.45 4.66
C GLN A 63 7.40 4.08 4.53
N THR A 64 8.22 3.05 4.64
CA THR A 64 7.79 1.67 4.66
C THR A 64 7.08 1.41 5.99
N VAL A 65 5.75 1.49 6.00
CA VAL A 65 4.96 1.21 7.19
C VAL A 65 4.72 -0.30 7.34
N ALA A 66 4.92 -1.08 6.27
CA ALA A 66 5.08 -2.51 6.35
C ALA A 66 6.07 -2.95 5.26
N ASN A 67 7.01 -3.80 5.62
CA ASN A 67 7.96 -4.44 4.73
C ASN A 67 7.76 -5.95 4.87
N HIS A 68 7.76 -6.64 3.74
CA HIS A 68 7.41 -8.05 3.57
C HIS A 68 6.04 -8.39 4.19
N VAL A 69 4.97 -7.90 3.57
CA VAL A 69 3.59 -8.28 3.82
C VAL A 69 3.27 -9.47 2.91
N LYS A 70 2.71 -10.54 3.47
CA LYS A 70 2.38 -11.77 2.74
C LYS A 70 0.87 -12.03 2.76
N THR A 71 0.09 -10.97 2.64
CA THR A 71 -1.37 -10.96 2.70
C THR A 71 -1.86 -9.78 1.86
N THR A 72 -3.17 -9.60 1.83
CA THR A 72 -3.92 -8.58 1.10
C THR A 72 -4.62 -7.60 2.04
N LEU A 73 -4.52 -7.80 3.36
CA LEU A 73 -4.96 -6.82 4.34
C LEU A 73 -3.89 -6.67 5.38
N TYR A 74 -3.66 -5.45 5.82
CA TYR A 74 -2.73 -5.14 6.90
C TYR A 74 -3.25 -3.95 7.66
N THR A 75 -3.11 -4.01 8.98
CA THR A 75 -3.42 -2.95 9.90
C THR A 75 -2.13 -2.18 10.13
N VAL A 76 -2.01 -1.02 9.50
CA VAL A 76 -0.98 -0.04 9.82
C VAL A 76 -1.15 0.32 11.29
N ARG A 77 -0.09 0.40 12.09
CA ARG A 77 -0.13 0.77 13.50
C ARG A 77 0.90 1.85 13.81
N GLY A 78 0.96 2.30 15.07
CA GLY A 78 1.92 3.29 15.53
C GLY A 78 1.62 4.72 15.06
N LEU A 79 0.47 4.95 14.40
CA LEU A 79 0.15 6.23 13.76
C LEU A 79 -0.15 7.29 14.81
N ARG A 80 -0.52 8.47 14.34
CA ARG A 80 -0.87 9.63 15.14
C ARG A 80 -2.37 9.84 15.04
N PRO A 81 -3.04 10.38 16.07
CA PRO A 81 -4.47 10.58 16.02
C PRO A 81 -4.83 11.83 15.23
N ASN A 82 -6.05 11.82 14.69
CA ASN A 82 -6.65 12.87 13.85
C ASN A 82 -5.77 13.30 12.66
N THR A 83 -4.76 12.51 12.29
CA THR A 83 -3.72 12.81 11.30
C THR A 83 -4.07 12.07 10.02
N ILE A 84 -3.99 12.79 8.90
CA ILE A 84 -4.10 12.24 7.57
C ILE A 84 -2.87 11.41 7.29
N TYR A 85 -3.07 10.38 6.49
CA TYR A 85 -2.00 9.65 5.84
C TYR A 85 -2.49 9.29 4.45
N LEU A 86 -1.53 9.04 3.57
CA LEU A 86 -1.72 8.31 2.33
C LEU A 86 -1.04 6.98 2.46
N PHE A 87 -1.36 6.06 1.54
CA PHE A 87 -0.85 4.72 1.52
C PHE A 87 -0.62 4.28 0.08
N MET A 88 0.42 3.48 -0.14
CA MET A 88 0.65 2.75 -1.40
C MET A 88 1.06 1.33 -1.04
N VAL A 89 0.98 0.42 -2.00
CA VAL A 89 1.35 -0.98 -1.91
C VAL A 89 2.24 -1.26 -3.13
N ARG A 90 3.27 -2.10 -2.98
CA ARG A 90 4.13 -2.58 -4.07
C ARG A 90 4.26 -4.08 -3.92
N ALA A 91 4.22 -4.84 -5.00
CA ALA A 91 4.51 -6.29 -4.97
C ALA A 91 6.02 -6.45 -5.15
N ILE A 92 6.69 -7.14 -4.23
CA ILE A 92 8.11 -7.48 -4.31
C ILE A 92 8.25 -8.78 -5.10
N ASN A 93 9.41 -8.95 -5.74
CA ASN A 93 9.77 -10.11 -6.56
C ASN A 93 11.31 -10.30 -6.52
N PRO A 94 11.85 -11.43 -6.99
CA PRO A 94 13.28 -11.74 -6.94
C PRO A 94 14.24 -10.76 -7.64
N GLN A 95 13.75 -9.80 -8.41
CA GLN A 95 14.53 -8.79 -9.11
C GLN A 95 14.29 -7.41 -8.50
N GLY A 96 13.05 -7.05 -8.19
CA GLY A 96 12.67 -5.72 -7.73
C GLY A 96 11.25 -5.71 -7.18
N LEU A 97 10.58 -4.57 -7.31
CA LEU A 97 9.21 -4.34 -6.86
C LEU A 97 8.41 -3.74 -8.01
N SER A 98 7.09 -3.86 -7.95
CA SER A 98 6.18 -3.50 -9.03
C SER A 98 6.09 -1.98 -9.20
N ASP A 99 5.50 -1.55 -10.32
CA ASP A 99 4.87 -0.23 -10.40
C ASP A 99 3.97 -0.04 -9.16
N PRO A 100 3.76 1.20 -8.70
CA PRO A 100 3.02 1.45 -7.48
C PRO A 100 1.53 1.17 -7.69
N SER A 101 0.86 0.70 -6.63
CA SER A 101 -0.59 0.73 -6.56
C SER A 101 -1.11 2.13 -6.91
N PRO A 102 -2.33 2.24 -7.45
CA PRO A 102 -3.13 3.46 -7.29
C PRO A 102 -3.09 3.86 -5.82
N MET A 103 -2.64 5.08 -5.49
CA MET A 103 -2.54 5.58 -4.17
C MET A 103 -3.92 5.55 -3.49
N SER A 104 -3.95 5.35 -2.18
CA SER A 104 -5.15 5.61 -1.41
C SER A 104 -5.52 7.08 -1.54
N ASP A 105 -6.77 7.35 -1.20
CA ASP A 105 -7.17 8.72 -0.95
C ASP A 105 -6.79 9.09 0.49
N PRO A 106 -6.58 10.38 0.79
CA PRO A 106 -6.12 10.83 2.10
C PRO A 106 -7.16 10.59 3.18
N VAL A 107 -7.03 9.44 3.83
CA VAL A 107 -7.82 9.03 4.99
C VAL A 107 -7.19 9.60 6.26
N ARG A 108 -7.94 9.62 7.35
CA ARG A 108 -7.53 10.16 8.64
C ARG A 108 -7.63 9.06 9.69
N THR A 109 -6.75 9.07 10.68
CA THR A 109 -7.02 8.37 11.92
C THR A 109 -8.26 8.99 12.57
N GLN A 110 -8.87 8.25 13.50
CA GLN A 110 -9.90 8.79 14.37
C GLN A 110 -9.26 9.65 15.45
N ASP A 111 -10.09 10.24 16.30
CA ASP A 111 -9.57 11.05 17.39
C ASP A 111 -9.10 10.16 18.53
N SER A 112 -8.16 10.69 19.30
CA SER A 112 -7.56 10.06 20.45
C SER A 112 -8.48 10.00 21.66
N GLY A 113 -9.38 10.97 21.85
CA GLY A 113 -10.03 11.17 23.14
C GLY A 113 -11.33 10.37 23.33
N PRO A 114 -11.78 10.23 24.59
CA PRO A 114 -13.08 9.67 24.92
C PRO A 114 -14.17 10.75 24.75
N SER A 115 -14.64 10.96 23.51
CA SER A 115 -15.72 11.88 23.19
C SER A 115 -16.92 11.59 24.11
N SER A 116 -17.32 12.60 24.90
CA SER A 116 -18.25 12.41 26.00
C SER A 116 -19.68 12.19 25.47
N GLY A 117 -20.11 10.94 25.42
CA GLY A 117 -21.34 10.48 24.83
C GLY A 117 -21.06 9.09 24.31
N GLY A 1 -12.86 8.09 -5.14
CA GLY A 1 -12.22 9.35 -5.54
C GLY A 1 -11.49 9.20 -6.86
N SER A 2 -11.72 10.18 -7.74
CA SER A 2 -11.03 10.51 -8.98
C SER A 2 -10.11 9.41 -9.53
N SER A 3 -10.71 8.46 -10.25
CA SER A 3 -10.03 7.37 -10.94
C SER A 3 -9.24 7.95 -12.12
N GLY A 4 -7.92 8.00 -11.98
CA GLY A 4 -7.04 8.51 -13.02
C GLY A 4 -5.61 8.70 -12.53
N SER A 5 -5.39 8.75 -11.23
CA SER A 5 -4.08 8.57 -10.66
C SER A 5 -3.71 7.09 -10.80
N SER A 6 -2.59 6.78 -11.44
CA SER A 6 -2.06 5.43 -11.57
C SER A 6 -0.56 5.49 -11.82
N GLY A 7 0.12 4.35 -11.70
CA GLY A 7 1.34 4.11 -12.45
C GLY A 7 0.99 3.35 -13.72
N LYS A 8 1.90 3.29 -14.68
CA LYS A 8 1.86 2.25 -15.71
C LYS A 8 3.29 2.02 -16.17
N ASN A 9 3.55 0.90 -16.84
CA ASN A 9 4.75 0.74 -17.64
C ASN A 9 4.41 -0.10 -18.86
N TYR A 10 5.25 -0.01 -19.87
CA TYR A 10 5.16 -0.63 -21.18
C TYR A 10 6.59 -0.75 -21.70
N ASP A 11 6.91 -1.89 -22.30
CA ASP A 11 8.27 -2.36 -22.60
C ASP A 11 9.02 -2.68 -21.29
N LEU A 12 10.24 -3.24 -21.36
CA LEU A 12 11.11 -3.81 -20.31
C LEU A 12 10.45 -3.84 -18.95
N SER A 13 9.70 -4.92 -18.72
CA SER A 13 9.05 -5.18 -17.46
C SER A 13 9.13 -6.69 -17.22
N ASP A 14 9.98 -7.13 -16.29
CA ASP A 14 9.88 -8.50 -15.80
C ASP A 14 8.87 -8.51 -14.64
N LEU A 15 8.64 -7.35 -14.02
CA LEU A 15 8.05 -7.17 -12.70
C LEU A 15 6.58 -7.60 -12.65
N PRO A 16 6.03 -7.88 -11.46
CA PRO A 16 4.63 -8.23 -11.30
C PRO A 16 3.69 -7.13 -11.81
N GLY A 17 2.47 -7.54 -12.16
CA GLY A 17 1.31 -6.67 -12.12
C GLY A 17 1.15 -6.12 -10.71
N PRO A 18 1.17 -4.79 -10.53
CA PRO A 18 1.09 -4.16 -9.22
C PRO A 18 -0.33 -4.28 -8.63
N PRO A 19 -0.49 -4.10 -7.31
CA PRO A 19 -1.79 -4.26 -6.66
C PRO A 19 -2.75 -3.13 -7.05
N SER A 20 -4.05 -3.38 -6.92
CA SER A 20 -5.07 -2.37 -7.17
C SER A 20 -5.06 -1.29 -6.07
N LYS A 21 -5.88 -0.24 -6.23
CA LYS A 21 -6.12 0.73 -5.15
C LYS A 21 -6.55 -0.03 -3.91
N PRO A 22 -5.84 0.04 -2.78
CA PRO A 22 -6.35 -0.53 -1.55
C PRO A 22 -7.59 0.23 -1.12
N GLN A 23 -8.49 -0.49 -0.46
CA GLN A 23 -9.52 0.09 0.37
C GLN A 23 -8.89 0.46 1.70
N VAL A 24 -9.72 1.16 2.44
CA VAL A 24 -9.57 1.59 3.81
C VAL A 24 -10.80 1.01 4.52
N THR A 25 -10.59 0.19 5.56
CA THR A 25 -11.69 -0.56 6.17
C THR A 25 -11.84 -0.19 7.65
N ASP A 26 -11.09 -0.79 8.57
CA ASP A 26 -11.02 -0.36 9.97
C ASP A 26 -10.15 0.89 10.05
N VAL A 27 -10.41 1.79 11.00
CA VAL A 27 -9.46 2.83 11.41
C VAL A 27 -9.56 3.05 12.91
N THR A 28 -8.47 3.49 13.52
CA THR A 28 -8.37 3.84 14.92
C THR A 28 -7.49 5.08 15.07
N LYS A 29 -7.16 5.45 16.31
CA LYS A 29 -6.29 6.58 16.58
C LYS A 29 -4.91 6.44 15.93
N ASN A 30 -4.31 5.26 15.84
CA ASN A 30 -2.95 5.13 15.30
C ASN A 30 -2.81 3.95 14.33
N SER A 31 -3.91 3.40 13.82
CA SER A 31 -3.87 2.23 12.95
C SER A 31 -5.06 2.25 11.98
N VAL A 32 -4.98 1.50 10.89
CA VAL A 32 -5.99 1.42 9.84
C VAL A 32 -5.79 0.09 9.12
N THR A 33 -6.87 -0.59 8.75
CA THR A 33 -6.81 -1.77 7.93
C THR A 33 -7.02 -1.35 6.47
N LEU A 34 -6.24 -1.98 5.59
CA LEU A 34 -6.23 -1.79 4.16
C LEU A 34 -6.57 -3.12 3.50
N SER A 35 -7.27 -3.10 2.37
CA SER A 35 -7.68 -4.31 1.65
C SER A 35 -7.53 -4.08 0.15
N TRP A 36 -6.62 -4.77 -0.54
CA TRP A 36 -6.40 -4.64 -1.98
C TRP A 36 -6.57 -5.98 -2.69
N GLN A 37 -6.58 -6.00 -4.02
CA GLN A 37 -6.43 -7.22 -4.80
C GLN A 37 -4.95 -7.31 -5.21
N PRO A 38 -4.41 -8.53 -5.27
CA PRO A 38 -3.13 -8.82 -5.87
C PRO A 38 -3.26 -8.64 -7.38
N GLY A 39 -2.31 -7.94 -8.01
CA GLY A 39 -2.21 -7.92 -9.46
C GLY A 39 -1.62 -9.24 -9.95
N THR A 40 -1.43 -9.35 -11.25
CA THR A 40 -0.84 -10.50 -11.91
C THR A 40 0.62 -10.70 -11.44
N PRO A 41 1.14 -11.93 -11.46
CA PRO A 41 2.56 -12.24 -11.31
C PRO A 41 3.35 -11.78 -12.56
N GLY A 42 4.42 -12.45 -12.97
CA GLY A 42 4.96 -12.25 -14.31
C GLY A 42 5.91 -13.38 -14.64
N THR A 43 7.12 -13.03 -15.02
CA THR A 43 8.28 -13.88 -15.19
C THR A 43 8.47 -14.77 -13.96
N LEU A 44 8.16 -14.19 -12.80
CA LEU A 44 8.44 -14.68 -11.47
C LEU A 44 7.21 -14.49 -10.58
N PRO A 45 7.22 -15.08 -9.37
CA PRO A 45 6.24 -14.83 -8.34
C PRO A 45 6.54 -13.51 -7.64
N ALA A 46 5.59 -13.08 -6.83
CA ALA A 46 5.74 -11.97 -5.92
C ALA A 46 6.06 -12.56 -4.56
N SER A 47 7.30 -12.38 -4.12
CA SER A 47 7.89 -12.81 -2.86
C SER A 47 7.07 -12.34 -1.65
N ALA A 48 6.71 -11.06 -1.58
CA ALA A 48 5.87 -10.51 -0.51
C ALA A 48 5.21 -9.21 -1.03
N TYR A 49 4.71 -8.38 -0.12
CA TYR A 49 4.27 -7.01 -0.37
C TYR A 49 4.89 -6.12 0.72
N ILE A 50 4.80 -4.80 0.54
CA ILE A 50 5.20 -3.72 1.44
C ILE A 50 3.98 -2.82 1.60
N ILE A 51 3.99 -1.93 2.59
CA ILE A 51 3.11 -0.79 2.67
C ILE A 51 3.99 0.42 2.98
N GLU A 52 3.73 1.51 2.28
CA GLU A 52 4.32 2.81 2.54
C GLU A 52 3.22 3.75 2.98
N ALA A 53 3.57 4.86 3.63
CA ALA A 53 2.67 5.93 4.02
C ALA A 53 3.38 7.26 3.89
N PHE A 54 2.61 8.30 3.62
CA PHE A 54 3.04 9.68 3.59
C PHE A 54 2.11 10.47 4.48
N SER A 55 2.68 11.42 5.21
CA SER A 55 1.94 12.58 5.65
C SER A 55 2.90 13.74 5.64
N GLN A 56 2.41 14.86 5.14
CA GLN A 56 3.06 16.14 5.30
C GLN A 56 3.16 16.49 6.79
N SER A 57 2.13 16.15 7.58
CA SER A 57 2.01 16.39 9.02
C SER A 57 2.86 15.44 9.88
N VAL A 58 3.83 14.73 9.29
CA VAL A 58 4.71 13.79 9.97
C VAL A 58 6.15 14.17 9.61
N SER A 59 6.60 13.84 8.40
CA SER A 59 7.97 14.09 7.98
C SER A 59 8.03 14.34 6.46
N ASN A 60 6.90 14.72 5.87
CA ASN A 60 6.69 15.00 4.44
C ASN A 60 7.51 14.05 3.55
N SER A 61 7.37 12.76 3.81
CA SER A 61 8.11 11.68 3.17
C SER A 61 7.19 10.50 3.00
N TRP A 62 7.32 9.77 1.89
CA TRP A 62 6.96 8.37 1.85
C TRP A 62 7.92 7.63 2.77
N GLN A 63 7.40 6.71 3.58
CA GLN A 63 8.16 5.84 4.46
C GLN A 63 7.55 4.46 4.38
N THR A 64 8.37 3.42 4.47
CA THR A 64 7.89 2.06 4.70
C THR A 64 7.22 2.01 6.07
N VAL A 65 5.97 1.57 6.15
CA VAL A 65 5.22 1.43 7.40
C VAL A 65 4.71 0.00 7.63
N ALA A 66 4.88 -0.90 6.66
CA ALA A 66 4.96 -2.34 6.90
C ALA A 66 5.85 -2.92 5.81
N ASN A 67 6.54 -4.02 6.09
CA ASN A 67 7.43 -4.63 5.11
C ASN A 67 7.15 -6.12 5.09
N HIS A 68 7.36 -6.76 3.94
CA HIS A 68 7.23 -8.20 3.72
C HIS A 68 5.96 -8.74 4.37
N VAL A 69 4.81 -8.27 3.87
CA VAL A 69 3.50 -8.31 4.52
C VAL A 69 2.71 -9.55 4.12
N LYS A 70 2.98 -10.03 2.92
CA LYS A 70 2.66 -11.36 2.38
C LYS A 70 1.16 -11.65 2.32
N THR A 71 0.33 -10.62 2.45
CA THR A 71 -1.11 -10.71 2.38
C THR A 71 -1.61 -9.53 1.55
N THR A 72 -2.92 -9.46 1.45
CA THR A 72 -3.66 -8.45 0.70
C THR A 72 -4.68 -7.73 1.58
N LEU A 73 -4.76 -8.08 2.87
CA LEU A 73 -5.56 -7.44 3.90
C LEU A 73 -4.65 -7.29 5.11
N TYR A 74 -4.28 -6.07 5.49
CA TYR A 74 -3.33 -5.83 6.58
C TYR A 74 -3.68 -4.56 7.35
N THR A 75 -3.31 -4.54 8.63
CA THR A 75 -3.53 -3.46 9.56
C THR A 75 -2.21 -2.70 9.77
N VAL A 76 -2.09 -1.56 9.12
CA VAL A 76 -1.04 -0.57 9.33
C VAL A 76 -1.19 -0.03 10.74
N ARG A 77 -0.08 0.18 11.45
CA ARG A 77 -0.02 0.74 12.80
C ARG A 77 1.06 1.82 12.87
N GLY A 78 1.37 2.28 14.08
CA GLY A 78 2.46 3.22 14.32
C GLY A 78 2.19 4.60 13.71
N LEU A 79 0.93 5.00 13.60
CA LEU A 79 0.55 6.30 13.03
C LEU A 79 0.51 7.35 14.14
N ARG A 80 -0.08 8.51 13.83
CA ARG A 80 -0.46 9.57 14.75
C ARG A 80 -1.98 9.71 14.71
N PRO A 81 -2.61 10.24 15.77
CA PRO A 81 -4.05 10.49 15.79
C PRO A 81 -4.40 11.80 15.10
N ASN A 82 -5.66 11.90 14.63
CA ASN A 82 -6.24 13.01 13.86
C ASN A 82 -5.29 13.52 12.75
N THR A 83 -4.55 12.62 12.11
CA THR A 83 -3.52 12.91 11.12
C THR A 83 -3.91 12.19 9.83
N ILE A 84 -3.87 12.94 8.72
CA ILE A 84 -4.10 12.39 7.40
C ILE A 84 -2.94 11.49 7.04
N TYR A 85 -3.23 10.46 6.24
CA TYR A 85 -2.22 9.65 5.59
C TYR A 85 -2.62 9.30 4.18
N LEU A 86 -1.59 9.16 3.36
CA LEU A 86 -1.61 8.38 2.14
C LEU A 86 -0.81 7.14 2.36
N PHE A 87 -1.02 6.15 1.48
CA PHE A 87 -0.34 4.88 1.55
C PHE A 87 0.13 4.46 0.15
N MET A 88 0.99 3.45 0.08
CA MET A 88 1.16 2.63 -1.11
C MET A 88 1.19 1.16 -0.71
N VAL A 89 1.12 0.25 -1.67
CA VAL A 89 1.47 -1.15 -1.50
C VAL A 89 2.36 -1.48 -2.70
N ARG A 90 3.66 -1.69 -2.51
CA ARG A 90 4.49 -2.27 -3.56
C ARG A 90 4.46 -3.76 -3.36
N ALA A 91 4.39 -4.54 -4.45
CA ALA A 91 4.63 -5.97 -4.38
C ALA A 91 6.14 -6.15 -4.51
N ILE A 92 6.69 -7.18 -3.86
CA ILE A 92 8.10 -7.52 -3.95
C ILE A 92 8.21 -8.81 -4.71
N ASN A 93 9.29 -8.95 -5.45
CA ASN A 93 9.53 -10.06 -6.34
C ASN A 93 11.04 -10.28 -6.44
N PRO A 94 11.52 -11.41 -6.96
CA PRO A 94 12.95 -11.71 -6.96
C PRO A 94 13.82 -10.73 -7.77
N GLN A 95 13.27 -9.99 -8.73
CA GLN A 95 13.98 -9.04 -9.58
C GLN A 95 13.92 -7.63 -9.00
N GLY A 96 12.79 -7.21 -8.43
CA GLY A 96 12.60 -5.87 -7.92
C GLY A 96 11.35 -5.75 -7.08
N LEU A 97 10.75 -4.56 -7.10
CA LEU A 97 9.47 -4.23 -6.51
C LEU A 97 8.62 -3.65 -7.64
N SER A 98 7.30 -3.71 -7.51
CA SER A 98 6.36 -3.38 -8.58
C SER A 98 6.22 -1.87 -8.81
N ASP A 99 5.59 -1.49 -9.93
CA ASP A 99 5.05 -0.14 -10.10
C ASP A 99 4.13 0.24 -8.93
N PRO A 100 3.81 1.54 -8.78
CA PRO A 100 3.04 2.04 -7.66
C PRO A 100 1.54 1.80 -7.89
N SER A 101 0.89 1.16 -6.91
CA SER A 101 -0.55 1.11 -6.74
C SER A 101 -1.19 2.52 -6.83
N PRO A 102 -2.47 2.65 -7.19
CA PRO A 102 -3.23 3.87 -6.99
C PRO A 102 -3.24 4.20 -5.49
N MET A 103 -2.80 5.39 -5.07
CA MET A 103 -2.90 5.80 -3.67
C MET A 103 -4.35 5.72 -3.20
N SER A 104 -4.58 4.98 -2.13
CA SER A 104 -5.87 4.62 -1.53
C SER A 104 -6.78 5.82 -1.20
N ASP A 105 -6.20 7.01 -1.16
CA ASP A 105 -6.73 8.38 -1.10
C ASP A 105 -6.84 8.81 0.38
N PRO A 106 -6.64 10.11 0.71
CA PRO A 106 -6.17 10.53 2.02
C PRO A 106 -7.14 10.11 3.13
N VAL A 107 -6.75 9.13 3.93
CA VAL A 107 -7.49 8.71 5.11
C VAL A 107 -7.13 9.69 6.23
N ARG A 108 -7.86 9.64 7.35
CA ARG A 108 -7.53 10.27 8.60
C ARG A 108 -7.57 9.21 9.69
N THR A 109 -6.74 9.31 10.71
CA THR A 109 -6.92 8.53 11.93
C THR A 109 -8.06 9.08 12.78
N GLN A 110 -8.49 8.31 13.78
CA GLN A 110 -9.40 8.78 14.82
C GLN A 110 -8.66 9.64 15.84
N ASP A 111 -9.38 10.17 16.82
CA ASP A 111 -8.81 10.88 17.96
C ASP A 111 -8.30 9.89 19.02
N SER A 112 -7.48 10.37 19.96
CA SER A 112 -6.74 9.53 20.90
C SER A 112 -7.22 9.60 22.35
N GLY A 113 -8.17 10.48 22.69
CA GLY A 113 -8.62 10.72 24.06
C GLY A 113 -10.04 10.19 24.28
N PRO A 114 -10.61 10.39 25.48
CA PRO A 114 -11.99 10.01 25.78
C PRO A 114 -12.94 10.92 25.00
N SER A 115 -13.71 10.33 24.09
CA SER A 115 -14.84 10.91 23.36
C SER A 115 -15.68 9.75 22.79
N SER A 116 -15.83 8.66 23.55
CA SER A 116 -16.86 7.68 23.32
C SER A 116 -18.06 8.17 24.14
N GLY A 117 -18.02 7.97 25.45
CA GLY A 117 -18.19 9.04 26.41
C GLY A 117 -16.83 9.22 27.06
N GLY A 1 19.67 8.40 -4.33
CA GLY A 1 18.82 8.99 -5.38
C GLY A 1 17.39 8.47 -5.30
N SER A 2 16.59 8.74 -6.33
CA SER A 2 15.20 8.34 -6.46
C SER A 2 14.97 7.74 -7.84
N SER A 3 14.51 6.49 -7.90
CA SER A 3 14.53 5.63 -9.08
C SER A 3 13.29 5.83 -9.97
N GLY A 4 13.13 7.01 -10.57
CA GLY A 4 12.13 7.29 -11.59
C GLY A 4 12.40 6.53 -12.90
N SER A 5 11.71 6.88 -13.97
CA SER A 5 11.96 6.34 -15.30
C SER A 5 13.43 6.52 -15.71
N SER A 6 14.10 5.43 -16.05
CA SER A 6 15.38 5.47 -16.76
C SER A 6 15.15 5.77 -18.25
N GLY A 7 16.22 5.78 -19.05
CA GLY A 7 16.18 5.81 -20.51
C GLY A 7 17.21 4.83 -21.08
N LYS A 8 17.30 3.65 -20.48
CA LYS A 8 18.32 2.61 -20.72
C LYS A 8 17.72 1.22 -20.47
N ASN A 9 16.41 1.06 -20.67
CA ASN A 9 15.62 0.00 -20.08
C ASN A 9 14.57 -0.43 -21.10
N TYR A 10 14.80 -1.57 -21.74
CA TYR A 10 14.00 -2.09 -22.86
C TYR A 10 13.24 -3.37 -22.44
N ASP A 11 13.22 -3.69 -21.14
CA ASP A 11 12.58 -4.89 -20.59
C ASP A 11 11.11 -4.92 -20.98
N LEU A 12 10.60 -6.14 -21.20
CA LEU A 12 9.20 -6.44 -21.42
C LEU A 12 8.54 -6.76 -20.07
N SER A 13 8.71 -5.86 -19.09
CA SER A 13 8.09 -5.86 -17.77
C SER A 13 8.13 -7.22 -17.06
N ASP A 14 9.28 -7.58 -16.46
CA ASP A 14 9.45 -8.84 -15.72
C ASP A 14 8.97 -8.72 -14.25
N LEU A 15 8.32 -7.62 -13.87
CA LEU A 15 7.89 -7.37 -12.49
C LEU A 15 6.44 -7.84 -12.32
N PRO A 16 5.91 -7.95 -11.10
CA PRO A 16 4.50 -8.25 -10.90
C PRO A 16 3.65 -7.11 -11.46
N GLY A 17 2.52 -7.45 -12.09
CA GLY A 17 1.45 -6.50 -12.36
C GLY A 17 1.01 -5.87 -11.03
N PRO A 18 0.75 -4.56 -10.98
CA PRO A 18 0.56 -3.86 -9.73
C PRO A 18 -0.78 -4.21 -9.06
N PRO A 19 -0.89 -4.10 -7.72
CA PRO A 19 -2.17 -4.20 -7.04
C PRO A 19 -3.07 -3.03 -7.42
N SER A 20 -4.37 -3.17 -7.19
CA SER A 20 -5.35 -2.10 -7.37
C SER A 20 -5.27 -1.13 -6.19
N LYS A 21 -6.00 0.01 -6.24
CA LYS A 21 -6.09 0.93 -5.10
C LYS A 21 -6.48 0.15 -3.84
N PRO A 22 -5.72 0.22 -2.73
CA PRO A 22 -6.17 -0.31 -1.46
C PRO A 22 -7.39 0.47 -0.98
N GLN A 23 -8.38 -0.28 -0.50
CA GLN A 23 -9.52 0.24 0.22
C GLN A 23 -9.20 0.24 1.70
N VAL A 24 -9.53 1.35 2.33
CA VAL A 24 -9.55 1.45 3.78
C VAL A 24 -10.71 0.58 4.28
N THR A 25 -10.54 -0.08 5.43
CA THR A 25 -11.62 -0.71 6.17
C THR A 25 -11.57 -0.22 7.62
N ASP A 26 -10.97 -0.98 8.54
CA ASP A 26 -10.89 -0.70 9.97
C ASP A 26 -10.08 0.58 10.18
N VAL A 27 -10.52 1.50 11.04
CA VAL A 27 -9.67 2.62 11.48
C VAL A 27 -9.85 2.87 12.97
N THR A 28 -8.78 3.34 13.61
CA THR A 28 -8.73 3.67 15.03
C THR A 28 -7.95 4.98 15.22
N LYS A 29 -7.61 5.33 16.46
CA LYS A 29 -6.80 6.49 16.78
C LYS A 29 -5.44 6.43 16.08
N ASN A 30 -4.79 5.26 16.03
CA ASN A 30 -3.39 5.14 15.58
C ASN A 30 -3.16 3.95 14.64
N SER A 31 -4.21 3.33 14.12
CA SER A 31 -4.09 2.23 13.17
C SER A 31 -5.18 2.32 12.08
N VAL A 32 -4.96 1.69 10.93
CA VAL A 32 -5.96 1.54 9.87
C VAL A 32 -5.66 0.26 9.08
N THR A 33 -6.67 -0.56 8.80
CA THR A 33 -6.56 -1.72 7.92
C THR A 33 -6.77 -1.26 6.48
N LEU A 34 -5.84 -1.68 5.63
CA LEU A 34 -5.85 -1.49 4.19
C LEU A 34 -6.10 -2.84 3.54
N SER A 35 -6.81 -2.81 2.42
CA SER A 35 -7.45 -3.96 1.84
C SER A 35 -7.37 -3.84 0.32
N TRP A 36 -6.46 -4.54 -0.35
CA TRP A 36 -6.26 -4.38 -1.79
C TRP A 36 -6.50 -5.69 -2.51
N GLN A 37 -6.78 -5.61 -3.81
CA GLN A 37 -6.73 -6.72 -4.73
C GLN A 37 -5.25 -6.89 -5.12
N PRO A 38 -4.76 -8.13 -5.12
CA PRO A 38 -3.46 -8.47 -5.65
C PRO A 38 -3.49 -8.37 -7.18
N GLY A 39 -2.33 -8.20 -7.81
CA GLY A 39 -2.17 -8.13 -9.25
C GLY A 39 -1.78 -9.48 -9.84
N THR A 40 -1.54 -9.49 -11.15
CA THR A 40 -1.12 -10.63 -11.91
C THR A 40 0.40 -10.84 -11.76
N PRO A 41 0.87 -12.10 -11.85
CA PRO A 41 2.28 -12.47 -11.96
C PRO A 41 2.86 -12.19 -13.36
N GLY A 42 4.05 -12.72 -13.65
CA GLY A 42 4.60 -12.72 -15.00
C GLY A 42 5.69 -13.77 -15.12
N THR A 43 6.93 -13.31 -15.24
CA THR A 43 8.14 -14.09 -15.40
C THR A 43 8.44 -14.90 -14.14
N LEU A 44 8.34 -14.25 -12.97
CA LEU A 44 8.89 -14.74 -11.72
C LEU A 44 7.81 -14.72 -10.64
N PRO A 45 8.02 -15.46 -9.55
CA PRO A 45 7.08 -15.47 -8.44
C PRO A 45 7.27 -14.16 -7.66
N ALA A 46 6.16 -13.66 -7.14
CA ALA A 46 6.17 -12.66 -6.10
C ALA A 46 6.80 -13.27 -4.85
N SER A 47 7.28 -12.40 -3.98
CA SER A 47 8.08 -12.77 -2.84
C SER A 47 7.42 -12.24 -1.57
N ALA A 48 7.01 -10.97 -1.54
CA ALA A 48 6.22 -10.39 -0.45
C ALA A 48 5.67 -9.05 -0.94
N TYR A 49 5.15 -8.20 -0.05
CA TYR A 49 4.61 -6.88 -0.34
C TYR A 49 5.26 -5.84 0.60
N ILE A 50 5.17 -4.57 0.24
CA ILE A 50 5.57 -3.38 0.99
C ILE A 50 4.35 -2.45 1.02
N ILE A 51 4.25 -1.63 2.07
CA ILE A 51 3.18 -0.67 2.34
C ILE A 51 3.91 0.58 2.83
N GLU A 52 4.00 1.62 2.00
CA GLU A 52 4.59 2.91 2.33
C GLU A 52 3.48 3.90 2.62
N ALA A 53 3.58 4.72 3.66
CA ALA A 53 2.64 5.78 3.99
C ALA A 53 3.30 7.13 3.76
N PHE A 54 2.50 8.20 3.72
CA PHE A 54 2.94 9.57 3.71
C PHE A 54 2.04 10.36 4.65
N SER A 55 2.59 11.36 5.34
CA SER A 55 1.83 12.42 5.98
C SER A 55 2.75 13.62 6.10
N GLN A 56 2.37 14.73 5.49
CA GLN A 56 3.26 15.88 5.43
C GLN A 56 3.55 16.53 6.79
N SER A 57 2.71 16.28 7.81
CA SER A 57 2.92 16.75 9.17
C SER A 57 3.68 15.70 10.01
N VAL A 58 4.25 14.67 9.38
CA VAL A 58 5.08 13.66 10.03
C VAL A 58 6.42 13.65 9.31
N SER A 59 6.42 13.38 8.00
CA SER A 59 7.56 13.49 7.09
C SER A 59 7.03 13.59 5.66
N ASN A 60 7.57 14.47 4.82
CA ASN A 60 7.27 14.49 3.38
C ASN A 60 7.86 13.27 2.67
N SER A 61 8.83 12.59 3.28
CA SER A 61 9.29 11.30 2.79
C SER A 61 8.20 10.26 2.96
N TRP A 62 8.11 9.36 1.99
CA TRP A 62 7.34 8.14 2.14
C TRP A 62 8.02 7.28 3.20
N GLN A 63 7.23 6.56 4.00
CA GLN A 63 7.69 5.82 5.16
C GLN A 63 7.20 4.42 4.98
N THR A 64 8.15 3.50 4.91
CA THR A 64 7.84 2.08 4.73
C THR A 64 7.33 1.58 6.09
N VAL A 65 6.01 1.59 6.27
CA VAL A 65 5.36 1.30 7.55
C VAL A 65 5.09 -0.20 7.70
N ALA A 66 5.11 -0.96 6.61
CA ALA A 66 5.35 -2.40 6.66
C ALA A 66 6.14 -2.81 5.42
N ASN A 67 6.95 -3.85 5.58
CA ASN A 67 7.78 -4.47 4.57
C ASN A 67 7.67 -5.97 4.79
N HIS A 68 7.75 -6.75 3.71
CA HIS A 68 7.59 -8.20 3.75
C HIS A 68 6.23 -8.61 4.34
N VAL A 69 5.16 -8.02 3.81
CA VAL A 69 3.77 -8.40 4.06
C VAL A 69 3.45 -9.58 3.12
N LYS A 70 2.73 -10.60 3.59
CA LYS A 70 2.37 -11.80 2.83
C LYS A 70 0.86 -11.97 2.67
N THR A 71 0.11 -10.88 2.75
CA THR A 71 -1.34 -10.88 2.71
C THR A 71 -1.81 -9.64 1.95
N THR A 72 -3.11 -9.58 1.72
CA THR A 72 -3.84 -8.54 1.01
C THR A 72 -4.59 -7.60 1.96
N LEU A 73 -4.46 -7.82 3.28
CA LEU A 73 -5.20 -7.17 4.34
C LEU A 73 -4.23 -6.89 5.48
N TYR A 74 -3.96 -5.62 5.78
CA TYR A 74 -2.98 -5.28 6.81
C TYR A 74 -3.36 -4.02 7.57
N THR A 75 -3.51 -4.17 8.87
CA THR A 75 -3.57 -3.10 9.86
C THR A 75 -2.20 -2.41 9.93
N VAL A 76 -2.09 -1.25 9.30
CA VAL A 76 -1.03 -0.28 9.55
C VAL A 76 -1.18 0.21 10.98
N ARG A 77 -0.08 0.49 11.67
CA ARG A 77 -0.03 0.88 13.08
C ARG A 77 0.95 2.02 13.28
N GLY A 78 1.06 2.49 14.52
CA GLY A 78 2.09 3.45 14.94
C GLY A 78 1.75 4.87 14.52
N LEU A 79 0.50 5.14 14.15
CA LEU A 79 0.10 6.40 13.53
C LEU A 79 -0.17 7.45 14.60
N ARG A 80 -0.69 8.60 14.17
CA ARG A 80 -1.09 9.72 15.00
C ARG A 80 -2.61 9.88 14.89
N PRO A 81 -3.31 10.30 15.94
CA PRO A 81 -4.74 10.57 15.87
C PRO A 81 -4.98 11.91 15.20
N ASN A 82 -6.16 12.09 14.58
CA ASN A 82 -6.53 13.27 13.80
C ASN A 82 -5.42 13.67 12.81
N THR A 83 -4.86 12.70 12.11
CA THR A 83 -3.80 12.91 11.13
C THR A 83 -4.20 12.17 9.86
N ILE A 84 -4.00 12.84 8.73
CA ILE A 84 -4.15 12.24 7.42
C ILE A 84 -2.97 11.32 7.15
N TYR A 85 -3.25 10.25 6.41
CA TYR A 85 -2.23 9.42 5.81
C TYR A 85 -2.64 9.09 4.38
N LEU A 86 -1.62 8.95 3.54
CA LEU A 86 -1.69 8.21 2.29
C LEU A 86 -0.90 6.96 2.44
N PHE A 87 -1.17 6.00 1.56
CA PHE A 87 -0.60 4.67 1.55
C PHE A 87 -0.41 4.26 0.08
N MET A 88 0.67 3.54 -0.24
CA MET A 88 1.07 2.99 -1.51
C MET A 88 1.58 1.56 -1.27
N VAL A 89 1.04 0.57 -1.97
CA VAL A 89 1.47 -0.82 -1.89
C VAL A 89 2.46 -1.05 -3.04
N ARG A 90 3.47 -1.90 -2.80
CA ARG A 90 4.35 -2.43 -3.83
C ARG A 90 4.43 -3.94 -3.63
N ALA A 91 4.20 -4.74 -4.66
CA ALA A 91 4.41 -6.19 -4.60
C ALA A 91 5.87 -6.45 -4.97
N ILE A 92 6.61 -7.15 -4.11
CA ILE A 92 8.01 -7.51 -4.30
C ILE A 92 8.10 -8.81 -5.10
N ASN A 93 9.17 -8.94 -5.88
CA ASN A 93 9.63 -10.17 -6.52
C ASN A 93 11.17 -10.23 -6.34
N PRO A 94 11.91 -11.25 -6.81
CA PRO A 94 13.33 -11.38 -6.49
C PRO A 94 14.23 -10.39 -7.25
N GLN A 95 13.67 -9.53 -8.11
CA GLN A 95 14.42 -8.63 -9.00
C GLN A 95 14.12 -7.17 -8.66
N GLY A 96 12.89 -6.87 -8.29
CA GLY A 96 12.47 -5.54 -7.90
C GLY A 96 11.16 -5.60 -7.16
N LEU A 97 10.32 -4.61 -7.44
CA LEU A 97 9.03 -4.35 -6.84
C LEU A 97 8.13 -3.84 -7.96
N SER A 98 6.82 -3.92 -7.78
CA SER A 98 5.85 -3.68 -8.83
C SER A 98 5.79 -2.19 -9.16
N ASP A 99 5.16 -1.84 -10.28
CA ASP A 99 4.66 -0.48 -10.48
C ASP A 99 3.88 -0.05 -9.23
N PRO A 100 3.89 1.26 -8.89
CA PRO A 100 3.20 1.76 -7.72
C PRO A 100 1.70 1.62 -7.95
N SER A 101 0.98 1.04 -6.99
CA SER A 101 -0.47 1.11 -6.90
C SER A 101 -0.96 2.57 -6.90
N PRO A 102 -2.24 2.81 -7.20
CA PRO A 102 -2.92 4.05 -6.82
C PRO A 102 -2.78 4.30 -5.31
N MET A 103 -2.51 5.55 -4.88
CA MET A 103 -2.58 5.88 -3.47
C MET A 103 -3.98 5.59 -2.94
N SER A 104 -4.06 5.25 -1.66
CA SER A 104 -5.31 4.92 -0.96
C SER A 104 -6.33 6.06 -0.88
N ASP A 105 -5.99 7.27 -1.34
CA ASP A 105 -6.68 8.53 -1.04
C ASP A 105 -6.57 8.87 0.47
N PRO A 106 -6.56 10.17 0.85
CA PRO A 106 -6.14 10.58 2.18
C PRO A 106 -7.19 10.25 3.26
N VAL A 107 -6.98 9.14 3.98
CA VAL A 107 -7.77 8.79 5.16
C VAL A 107 -7.31 9.63 6.34
N ARG A 108 -8.20 9.83 7.32
CA ARG A 108 -7.89 10.35 8.64
C ARG A 108 -7.98 9.24 9.69
N THR A 109 -7.22 9.32 10.75
CA THR A 109 -7.42 8.52 11.96
C THR A 109 -8.58 9.08 12.80
N GLN A 110 -9.02 8.30 13.79
CA GLN A 110 -9.94 8.75 14.83
C GLN A 110 -9.18 9.59 15.87
N ASP A 111 -9.91 10.10 16.87
CA ASP A 111 -9.32 10.76 18.04
C ASP A 111 -8.89 9.69 19.06
N SER A 112 -8.10 10.08 20.05
CA SER A 112 -7.55 9.26 21.13
C SER A 112 -8.31 9.47 22.46
N GLY A 113 -9.33 10.35 22.50
CA GLY A 113 -10.19 10.55 23.65
C GLY A 113 -10.91 9.24 24.01
N PRO A 114 -10.62 8.60 25.16
CA PRO A 114 -11.12 7.27 25.48
C PRO A 114 -12.56 7.33 25.98
N SER A 115 -13.51 7.44 25.07
CA SER A 115 -14.93 7.36 25.36
C SER A 115 -15.58 6.46 24.32
N SER A 116 -16.49 5.59 24.75
CA SER A 116 -17.38 4.73 23.98
C SER A 116 -18.45 4.19 24.93
N GLY A 117 -19.54 3.64 24.40
CA GLY A 117 -20.64 3.06 25.13
C GLY A 117 -21.49 2.34 24.12
N GLY A 1 12.95 -1.59 -20.78
CA GLY A 1 14.26 -1.25 -20.21
C GLY A 1 14.17 0.06 -19.46
N SER A 2 15.13 0.96 -19.65
CA SER A 2 15.19 2.24 -18.95
C SER A 2 13.89 3.03 -19.05
N SER A 3 13.67 3.96 -18.11
CA SER A 3 12.38 4.58 -17.91
C SER A 3 12.50 6.08 -17.65
N GLY A 4 13.51 6.49 -16.87
CA GLY A 4 13.59 7.77 -16.19
C GLY A 4 13.41 7.52 -14.68
N SER A 5 12.71 8.42 -13.99
CA SER A 5 12.32 8.26 -12.58
C SER A 5 10.81 8.07 -12.41
N SER A 6 9.99 8.62 -13.30
CA SER A 6 8.54 8.49 -13.33
C SER A 6 8.05 9.14 -14.63
N GLY A 7 6.93 8.68 -15.19
CA GLY A 7 6.33 9.23 -16.39
C GLY A 7 5.70 8.11 -17.19
N LYS A 8 6.06 8.01 -18.47
CA LYS A 8 5.72 6.89 -19.32
C LYS A 8 6.49 5.67 -18.82
N ASN A 9 5.82 4.52 -18.77
CA ASN A 9 6.41 3.20 -18.74
C ASN A 9 5.53 2.30 -19.63
N TYR A 10 6.11 1.26 -20.22
CA TYR A 10 5.37 0.17 -20.85
C TYR A 10 5.27 -0.94 -19.81
N ASP A 11 4.13 -1.62 -19.76
CA ASP A 11 3.87 -2.74 -18.83
C ASP A 11 4.69 -4.00 -19.16
N LEU A 12 5.50 -3.93 -20.20
CA LEU A 12 6.48 -4.93 -20.62
C LEU A 12 7.76 -4.81 -19.78
N SER A 13 7.62 -5.10 -18.49
CA SER A 13 8.67 -5.18 -17.50
C SER A 13 8.67 -6.60 -16.92
N ASP A 14 9.80 -7.07 -16.36
CA ASP A 14 9.85 -8.43 -15.77
C ASP A 14 8.96 -8.49 -14.52
N LEU A 15 8.80 -7.35 -13.84
CA LEU A 15 8.17 -7.18 -12.55
C LEU A 15 6.69 -7.62 -12.58
N PRO A 16 6.12 -8.00 -11.42
CA PRO A 16 4.74 -8.43 -11.32
C PRO A 16 3.79 -7.26 -11.61
N GLY A 17 2.62 -7.58 -12.16
CA GLY A 17 1.54 -6.61 -12.34
C GLY A 17 1.24 -5.89 -11.02
N PRO A 18 1.09 -4.56 -10.99
CA PRO A 18 0.91 -3.82 -9.75
C PRO A 18 -0.42 -4.19 -9.07
N PRO A 19 -0.52 -4.04 -7.73
CA PRO A 19 -1.77 -4.30 -7.00
C PRO A 19 -2.91 -3.39 -7.47
N SER A 20 -4.14 -3.71 -7.04
CA SER A 20 -5.22 -2.73 -7.07
C SER A 20 -4.98 -1.69 -5.97
N LYS A 21 -5.78 -0.63 -5.96
CA LYS A 21 -5.71 0.40 -4.93
C LYS A 21 -6.02 -0.25 -3.56
N PRO A 22 -5.38 0.19 -2.46
CA PRO A 22 -5.89 -0.10 -1.13
C PRO A 22 -7.21 0.64 -0.87
N GLN A 23 -8.18 -0.12 -0.42
CA GLN A 23 -9.37 0.30 0.32
C GLN A 23 -9.01 0.48 1.78
N VAL A 24 -9.85 1.27 2.43
CA VAL A 24 -9.71 1.70 3.81
C VAL A 24 -10.95 1.21 4.55
N THR A 25 -10.75 0.40 5.59
CA THR A 25 -11.82 -0.36 6.23
C THR A 25 -11.99 0.12 7.68
N ASP A 26 -11.37 -0.56 8.65
CA ASP A 26 -11.34 -0.19 10.05
C ASP A 26 -10.36 0.95 10.26
N VAL A 27 -10.65 1.90 11.15
CA VAL A 27 -9.70 2.92 11.58
C VAL A 27 -9.85 3.20 13.09
N THR A 28 -8.75 3.56 13.74
CA THR A 28 -8.71 4.01 15.12
C THR A 28 -7.79 5.24 15.20
N LYS A 29 -7.43 5.68 16.39
CA LYS A 29 -6.60 6.87 16.56
C LYS A 29 -5.16 6.65 16.10
N ASN A 30 -4.68 5.43 15.92
CA ASN A 30 -3.30 5.19 15.49
C ASN A 30 -3.13 3.89 14.73
N SER A 31 -4.23 3.29 14.27
CA SER A 31 -4.18 2.13 13.40
C SER A 31 -5.26 2.28 12.32
N VAL A 32 -5.15 1.52 11.22
CA VAL A 32 -6.15 1.43 10.15
C VAL A 32 -5.95 0.09 9.43
N THR A 33 -7.02 -0.59 9.05
CA THR A 33 -7.00 -1.79 8.24
C THR A 33 -7.15 -1.39 6.78
N LEU A 34 -6.20 -1.86 5.98
CA LEU A 34 -6.15 -1.71 4.54
C LEU A 34 -6.48 -3.06 3.92
N SER A 35 -7.25 -3.05 2.85
CA SER A 35 -7.58 -4.23 2.07
C SER A 35 -7.42 -3.87 0.62
N TRP A 36 -6.86 -4.78 -0.16
CA TRP A 36 -6.71 -4.60 -1.61
C TRP A 36 -7.00 -5.90 -2.36
N GLN A 37 -7.07 -5.81 -3.69
CA GLN A 37 -6.93 -6.96 -4.57
C GLN A 37 -5.50 -6.97 -5.09
N PRO A 38 -4.96 -8.17 -5.35
CA PRO A 38 -3.63 -8.35 -5.87
C PRO A 38 -3.58 -8.15 -7.37
N GLY A 39 -2.37 -7.92 -7.89
CA GLY A 39 -2.09 -8.00 -9.31
C GLY A 39 -1.82 -9.46 -9.71
N THR A 40 -1.42 -9.63 -10.97
CA THR A 40 -0.89 -10.87 -11.50
C THR A 40 0.60 -10.99 -11.10
N PRO A 41 1.23 -12.15 -11.35
CA PRO A 41 2.67 -12.33 -11.26
C PRO A 41 3.35 -11.59 -12.43
N GLY A 42 4.56 -11.99 -12.83
CA GLY A 42 5.17 -11.53 -14.07
C GLY A 42 5.90 -12.70 -14.70
N THR A 43 7.14 -12.45 -15.09
CA THR A 43 8.17 -13.41 -15.43
C THR A 43 8.42 -14.41 -14.29
N LEU A 44 8.15 -13.93 -13.07
CA LEU A 44 8.70 -14.39 -11.80
C LEU A 44 7.62 -14.29 -10.72
N PRO A 45 7.81 -14.98 -9.58
CA PRO A 45 6.88 -15.00 -8.47
C PRO A 45 6.97 -13.72 -7.66
N ALA A 46 5.89 -13.43 -6.93
CA ALA A 46 5.86 -12.38 -5.95
C ALA A 46 6.18 -13.00 -4.59
N SER A 47 7.13 -12.39 -3.89
CA SER A 47 7.77 -13.02 -2.73
C SER A 47 7.33 -12.34 -1.42
N ALA A 48 6.95 -11.07 -1.46
CA ALA A 48 6.14 -10.44 -0.44
C ALA A 48 5.49 -9.19 -1.03
N TYR A 49 4.94 -8.34 -0.18
CA TYR A 49 4.50 -6.99 -0.47
C TYR A 49 5.10 -6.03 0.55
N ILE A 50 4.94 -4.74 0.28
CA ILE A 50 5.25 -3.61 1.13
C ILE A 50 4.02 -2.69 1.13
N ILE A 51 3.88 -1.87 2.17
CA ILE A 51 2.97 -0.73 2.22
C ILE A 51 3.84 0.47 2.58
N GLU A 52 3.67 1.57 1.86
CA GLU A 52 4.26 2.85 2.18
C GLU A 52 3.15 3.81 2.55
N ALA A 53 3.46 4.87 3.28
CA ALA A 53 2.53 5.94 3.60
C ALA A 53 3.26 7.27 3.43
N PHE A 54 2.53 8.28 3.02
CA PHE A 54 2.92 9.68 3.06
C PHE A 54 2.07 10.35 4.13
N SER A 55 2.61 11.34 4.85
CA SER A 55 1.84 12.18 5.76
C SER A 55 2.57 13.50 5.97
N GLN A 56 1.88 14.61 5.72
CA GLN A 56 2.52 15.90 5.66
C GLN A 56 3.00 16.41 7.02
N SER A 57 2.26 16.13 8.10
CA SER A 57 2.66 16.51 9.46
C SER A 57 3.69 15.54 10.07
N VAL A 58 4.20 14.59 9.29
CA VAL A 58 5.04 13.50 9.75
C VAL A 58 6.37 13.57 9.00
N SER A 59 6.32 13.58 7.67
CA SER A 59 7.49 13.72 6.83
C SER A 59 7.10 14.59 5.63
N ASN A 60 6.78 14.01 4.47
CA ASN A 60 6.95 14.52 3.09
C ASN A 60 7.40 13.40 2.14
N SER A 61 7.89 12.28 2.67
CA SER A 61 8.40 11.16 1.88
C SER A 61 7.58 9.91 2.17
N TRP A 62 7.50 9.02 1.19
CA TRP A 62 6.84 7.73 1.31
C TRP A 62 7.69 6.85 2.22
N GLN A 63 7.14 6.37 3.33
CA GLN A 63 7.90 5.62 4.32
C GLN A 63 7.32 4.23 4.45
N THR A 64 8.18 3.23 4.66
CA THR A 64 7.77 1.82 4.66
C THR A 64 7.06 1.55 5.98
N VAL A 65 5.73 1.66 6.01
CA VAL A 65 4.95 1.48 7.22
C VAL A 65 4.64 -0.01 7.46
N ALA A 66 4.82 -0.87 6.45
CA ALA A 66 4.94 -2.31 6.64
C ALA A 66 5.75 -2.89 5.47
N ASN A 67 6.44 -4.01 5.70
CA ASN A 67 7.17 -4.72 4.67
C ASN A 67 7.09 -6.22 4.86
N HIS A 68 7.54 -6.97 3.86
CA HIS A 68 7.51 -8.44 3.86
C HIS A 68 6.10 -9.01 4.16
N VAL A 69 5.08 -8.33 3.62
CA VAL A 69 3.67 -8.59 3.87
C VAL A 69 3.22 -9.70 2.94
N LYS A 70 2.61 -10.73 3.49
CA LYS A 70 2.26 -11.95 2.78
C LYS A 70 0.75 -12.14 2.64
N THR A 71 0.00 -11.04 2.58
CA THR A 71 -1.45 -11.02 2.40
C THR A 71 -1.82 -9.73 1.68
N THR A 72 -3.10 -9.63 1.33
CA THR A 72 -3.78 -8.47 0.76
C THR A 72 -4.55 -7.66 1.82
N LEU A 73 -4.49 -8.04 3.12
CA LEU A 73 -5.26 -7.39 4.18
C LEU A 73 -4.41 -7.27 5.43
N TYR A 74 -4.14 -6.05 5.87
CA TYR A 74 -3.27 -5.76 7.01
C TYR A 74 -3.74 -4.54 7.78
N THR A 75 -3.46 -4.53 9.08
CA THR A 75 -3.71 -3.43 9.98
C THR A 75 -2.40 -2.66 10.22
N VAL A 76 -2.29 -1.50 9.57
CA VAL A 76 -1.27 -0.50 9.83
C VAL A 76 -1.45 -0.02 11.27
N ARG A 77 -0.37 0.18 12.04
CA ARG A 77 -0.39 0.60 13.44
C ARG A 77 0.70 1.62 13.74
N GLY A 78 0.74 2.14 14.97
CA GLY A 78 1.82 3.00 15.45
C GLY A 78 1.75 4.41 14.86
N LEU A 79 0.58 4.81 14.37
CA LEU A 79 0.41 6.04 13.61
C LEU A 79 0.20 7.24 14.55
N ARG A 80 -0.07 8.42 13.99
CA ARG A 80 -0.47 9.60 14.76
C ARG A 80 -1.99 9.76 14.72
N PRO A 81 -2.62 10.23 15.80
CA PRO A 81 -4.04 10.56 15.82
C PRO A 81 -4.33 11.87 15.11
N ASN A 82 -5.59 12.03 14.71
CA ASN A 82 -6.15 13.21 14.03
C ASN A 82 -5.24 13.70 12.90
N THR A 83 -4.62 12.78 12.16
CA THR A 83 -3.58 13.09 11.16
C THR A 83 -3.91 12.35 9.87
N ILE A 84 -3.80 13.08 8.77
CA ILE A 84 -3.94 12.52 7.44
C ILE A 84 -2.75 11.65 7.15
N TYR A 85 -3.02 10.53 6.48
CA TYR A 85 -2.01 9.68 5.87
C TYR A 85 -2.55 9.24 4.51
N LEU A 86 -1.62 8.92 3.61
CA LEU A 86 -1.85 8.18 2.39
C LEU A 86 -1.25 6.81 2.54
N PHE A 87 -1.62 5.89 1.66
CA PHE A 87 -0.97 4.59 1.57
C PHE A 87 -0.74 4.22 0.12
N MET A 88 0.42 3.63 -0.20
CA MET A 88 0.64 2.89 -1.41
C MET A 88 0.99 1.46 -1.00
N VAL A 89 1.00 0.54 -1.95
CA VAL A 89 1.44 -0.84 -1.79
C VAL A 89 2.53 -1.06 -2.84
N ARG A 90 3.44 -2.02 -2.63
CA ARG A 90 4.33 -2.54 -3.67
C ARG A 90 4.33 -4.05 -3.60
N ALA A 91 4.35 -4.74 -4.74
CA ALA A 91 4.66 -6.16 -4.76
C ALA A 91 6.17 -6.29 -4.84
N ILE A 92 6.72 -7.28 -4.15
CA ILE A 92 8.14 -7.60 -4.18
C ILE A 92 8.34 -8.87 -4.99
N ASN A 93 9.48 -8.96 -5.68
CA ASN A 93 9.83 -10.07 -6.54
C ASN A 93 11.37 -10.22 -6.57
N PRO A 94 11.91 -11.29 -7.17
CA PRO A 94 13.34 -11.55 -7.22
C PRO A 94 14.13 -10.70 -8.24
N GLN A 95 13.61 -9.54 -8.65
CA GLN A 95 14.29 -8.55 -9.49
C GLN A 95 14.15 -7.14 -8.90
N GLY A 96 13.04 -6.80 -8.25
CA GLY A 96 12.78 -5.48 -7.71
C GLY A 96 11.42 -5.43 -7.00
N LEU A 97 10.93 -4.22 -6.75
CA LEU A 97 9.55 -3.97 -6.41
C LEU A 97 8.82 -3.51 -7.67
N SER A 98 7.54 -3.81 -7.82
CA SER A 98 6.75 -3.42 -8.98
C SER A 98 6.42 -1.91 -8.98
N ASP A 99 5.94 -1.43 -10.14
CA ASP A 99 5.56 -0.04 -10.42
C ASP A 99 4.59 0.47 -9.35
N PRO A 100 4.66 1.74 -8.94
CA PRO A 100 3.89 2.21 -7.80
C PRO A 100 2.38 2.09 -8.00
N SER A 101 1.72 1.46 -7.02
CA SER A 101 0.29 1.22 -6.94
C SER A 101 -0.54 2.51 -7.08
N PRO A 102 -1.83 2.41 -7.41
CA PRO A 102 -2.79 3.45 -7.09
C PRO A 102 -2.76 3.72 -5.57
N MET A 103 -2.47 4.95 -5.12
CA MET A 103 -2.46 5.25 -3.69
C MET A 103 -3.91 5.41 -3.19
N SER A 104 -4.15 5.11 -1.92
CA SER A 104 -5.43 5.36 -1.25
C SER A 104 -5.74 6.86 -1.30
N ASP A 105 -7.02 7.23 -1.22
CA ASP A 105 -7.41 8.60 -0.80
C ASP A 105 -6.85 8.88 0.61
N PRO A 106 -6.53 10.14 0.95
CA PRO A 106 -5.96 10.50 2.25
C PRO A 106 -6.96 10.22 3.37
N VAL A 107 -6.75 9.13 4.11
CA VAL A 107 -7.52 8.83 5.31
C VAL A 107 -7.06 9.80 6.40
N ARG A 108 -7.86 9.92 7.45
CA ARG A 108 -7.49 10.52 8.71
C ARG A 108 -7.69 9.48 9.81
N THR A 109 -6.80 9.45 10.78
CA THR A 109 -7.01 8.67 12.00
C THR A 109 -8.14 9.29 12.82
N GLN A 110 -8.71 8.50 13.74
CA GLN A 110 -9.54 9.06 14.80
C GLN A 110 -8.66 9.89 15.74
N ASP A 111 -9.32 10.36 16.78
CA ASP A 111 -8.73 11.27 17.75
C ASP A 111 -8.38 10.54 19.04
N SER A 112 -7.40 11.06 19.76
CA SER A 112 -6.74 10.45 20.90
C SER A 112 -7.47 10.76 22.22
N GLY A 113 -8.80 10.62 22.21
CA GLY A 113 -9.68 10.97 23.31
C GLY A 113 -10.93 10.09 23.30
N PRO A 114 -12.14 10.61 23.57
CA PRO A 114 -13.38 9.86 23.42
C PRO A 114 -13.55 9.47 21.95
N SER A 115 -13.74 8.18 21.69
CA SER A 115 -13.70 7.54 20.38
C SER A 115 -14.81 6.50 20.36
N SER A 116 -15.68 6.60 19.37
CA SER A 116 -17.03 6.04 19.36
C SER A 116 -17.82 6.47 20.61
N GLY A 117 -19.07 6.03 20.69
CA GLY A 117 -19.99 6.27 21.77
C GLY A 117 -21.21 5.47 21.41
N GLY A 1 4.41 -17.08 -47.12
CA GLY A 1 5.74 -17.69 -47.21
C GLY A 1 6.48 -17.37 -45.93
N SER A 2 7.23 -18.33 -45.38
CA SER A 2 7.45 -18.44 -43.94
C SER A 2 6.10 -18.56 -43.19
N SER A 3 6.14 -18.71 -41.88
CA SER A 3 5.04 -18.82 -40.93
C SER A 3 5.59 -18.58 -39.52
N GLY A 4 4.74 -18.61 -38.50
CA GLY A 4 5.14 -18.29 -37.13
C GLY A 4 5.13 -16.77 -36.91
N SER A 5 5.61 -16.31 -35.76
CA SER A 5 5.75 -14.89 -35.45
C SER A 5 6.88 -14.74 -34.42
N SER A 6 7.67 -13.68 -34.55
CA SER A 6 8.76 -13.24 -33.68
C SER A 6 9.26 -11.90 -34.25
N GLY A 7 10.23 -11.24 -33.61
CA GLY A 7 10.97 -10.13 -34.19
C GLY A 7 11.23 -9.03 -33.17
N LYS A 8 10.17 -8.33 -32.75
CA LYS A 8 10.18 -7.59 -31.50
C LYS A 8 9.58 -8.52 -30.44
N ASN A 9 9.72 -8.16 -29.16
CA ASN A 9 9.15 -8.87 -28.03
C ASN A 9 8.42 -7.82 -27.19
N TYR A 10 7.10 -7.78 -27.32
CA TYR A 10 6.25 -6.66 -26.90
C TYR A 10 5.71 -6.82 -25.48
N ASP A 11 6.42 -7.57 -24.65
CA ASP A 11 6.07 -7.90 -23.26
C ASP A 11 5.86 -6.66 -22.40
N LEU A 12 5.26 -6.86 -21.23
CA LEU A 12 5.05 -5.81 -20.24
C LEU A 12 6.36 -5.57 -19.46
N SER A 13 6.40 -6.04 -18.22
CA SER A 13 7.50 -5.93 -17.29
C SER A 13 7.72 -7.31 -16.66
N ASP A 14 8.98 -7.62 -16.31
CA ASP A 14 9.39 -8.85 -15.62
C ASP A 14 8.80 -8.92 -14.21
N LEU A 15 8.39 -7.75 -13.70
CA LEU A 15 7.91 -7.50 -12.37
C LEU A 15 6.45 -7.97 -12.22
N PRO A 16 5.95 -8.14 -10.98
CA PRO A 16 4.55 -8.43 -10.74
C PRO A 16 3.72 -7.28 -11.28
N GLY A 17 2.49 -7.56 -11.71
CA GLY A 17 1.48 -6.54 -11.91
C GLY A 17 1.22 -5.81 -10.58
N PRO A 18 0.89 -4.51 -10.62
CA PRO A 18 0.65 -3.73 -9.42
C PRO A 18 -0.64 -4.18 -8.71
N PRO A 19 -0.70 -4.11 -7.37
CA PRO A 19 -1.95 -4.27 -6.63
C PRO A 19 -2.91 -3.12 -6.94
N SER A 20 -4.18 -3.28 -6.57
CA SER A 20 -5.17 -2.24 -6.76
C SER A 20 -4.89 -1.05 -5.84
N LYS A 21 -5.59 0.08 -6.07
CA LYS A 21 -5.79 1.05 -5.00
C LYS A 21 -6.28 0.28 -3.76
N PRO A 22 -5.68 0.42 -2.58
CA PRO A 22 -6.26 -0.15 -1.39
C PRO A 22 -7.53 0.61 -1.00
N GLN A 23 -8.51 -0.13 -0.51
CA GLN A 23 -9.65 0.36 0.24
C GLN A 23 -9.24 0.62 1.67
N VAL A 24 -10.09 1.42 2.30
CA VAL A 24 -9.98 1.93 3.65
C VAL A 24 -11.29 1.50 4.32
N THR A 25 -11.22 0.49 5.17
CA THR A 25 -12.35 -0.22 5.75
C THR A 25 -12.49 0.08 7.24
N ASP A 26 -11.48 -0.28 8.05
CA ASP A 26 -11.45 -0.12 9.51
C ASP A 26 -10.42 0.93 9.91
N VAL A 27 -10.73 1.84 10.85
CA VAL A 27 -9.78 2.85 11.31
C VAL A 27 -9.95 3.11 12.81
N THR A 28 -8.85 3.48 13.46
CA THR A 28 -8.78 3.86 14.86
C THR A 28 -7.83 5.07 14.97
N LYS A 29 -7.53 5.50 16.19
CA LYS A 29 -6.72 6.68 16.44
C LYS A 29 -5.24 6.45 16.12
N ASN A 30 -4.73 5.21 16.15
CA ASN A 30 -3.32 4.93 15.91
C ASN A 30 -3.14 3.79 14.91
N SER A 31 -4.21 3.24 14.30
CA SER A 31 -4.09 2.12 13.38
C SER A 31 -5.22 2.18 12.34
N VAL A 32 -5.09 1.43 11.23
CA VAL A 32 -6.05 1.39 10.13
C VAL A 32 -5.86 0.06 9.39
N THR A 33 -6.94 -0.63 9.02
CA THR A 33 -6.87 -1.73 8.06
C THR A 33 -6.81 -1.14 6.66
N LEU A 34 -6.00 -1.73 5.79
CA LEU A 34 -6.06 -1.56 4.35
C LEU A 34 -6.45 -2.90 3.76
N SER A 35 -7.14 -2.88 2.62
CA SER A 35 -7.49 -4.06 1.83
C SER A 35 -7.29 -3.75 0.38
N TRP A 36 -6.66 -4.65 -0.37
CA TRP A 36 -6.45 -4.51 -1.81
C TRP A 36 -6.68 -5.85 -2.51
N GLN A 37 -6.72 -5.82 -3.84
CA GLN A 37 -6.61 -7.00 -4.68
C GLN A 37 -5.12 -7.17 -5.00
N PRO A 38 -4.61 -8.39 -4.96
CA PRO A 38 -3.23 -8.71 -5.28
C PRO A 38 -3.04 -8.49 -6.78
N GLY A 39 -1.90 -7.94 -7.18
CA GLY A 39 -1.59 -7.81 -8.59
C GLY A 39 -1.04 -9.12 -9.11
N THR A 40 -1.05 -9.23 -10.42
CA THR A 40 -0.88 -10.44 -11.17
C THR A 40 0.58 -10.91 -11.14
N PRO A 41 0.81 -12.23 -11.08
CA PRO A 41 2.10 -12.86 -11.31
C PRO A 41 2.50 -12.81 -12.79
N GLY A 42 3.55 -13.53 -13.17
CA GLY A 42 3.83 -13.84 -14.57
C GLY A 42 5.20 -14.46 -14.69
N THR A 43 6.09 -13.72 -15.34
CA THR A 43 7.47 -14.03 -15.65
C THR A 43 8.24 -14.54 -14.43
N LEU A 44 7.99 -13.94 -13.28
CA LEU A 44 8.58 -14.32 -12.01
C LEU A 44 7.50 -14.36 -10.93
N PRO A 45 7.78 -15.01 -9.79
CA PRO A 45 6.88 -15.07 -8.65
C PRO A 45 6.96 -13.78 -7.83
N ALA A 46 6.07 -13.61 -6.86
CA ALA A 46 5.98 -12.42 -6.01
C ALA A 46 6.43 -12.79 -4.59
N SER A 47 7.62 -12.32 -4.26
CA SER A 47 8.33 -12.51 -3.01
C SER A 47 7.54 -11.98 -1.79
N ALA A 48 7.04 -10.74 -1.82
CA ALA A 48 6.29 -10.15 -0.72
C ALA A 48 5.60 -8.88 -1.24
N TYR A 49 5.14 -8.03 -0.34
CA TYR A 49 4.66 -6.68 -0.57
C TYR A 49 5.34 -5.74 0.41
N ILE A 50 5.26 -4.46 0.11
CA ILE A 50 5.46 -3.33 1.00
C ILE A 50 4.16 -2.54 1.01
N ILE A 51 3.93 -1.80 2.09
CA ILE A 51 3.06 -0.63 2.13
C ILE A 51 3.98 0.53 2.48
N GLU A 52 4.01 1.58 1.67
CA GLU A 52 4.60 2.84 2.10
C GLU A 52 3.43 3.74 2.48
N ALA A 53 3.67 4.67 3.39
CA ALA A 53 2.74 5.70 3.79
C ALA A 53 3.49 7.02 3.78
N PHE A 54 2.75 8.09 3.53
CA PHE A 54 3.22 9.46 3.67
C PHE A 54 2.28 10.13 4.63
N SER A 55 2.79 11.12 5.36
CA SER A 55 1.98 12.22 5.84
C SER A 55 2.84 13.44 5.68
N GLN A 56 2.23 14.50 5.18
CA GLN A 56 2.77 15.82 5.27
C GLN A 56 3.00 16.16 6.74
N SER A 57 1.95 15.94 7.54
CA SER A 57 1.83 16.18 8.97
C SER A 57 2.60 15.15 9.83
N VAL A 58 3.66 14.54 9.29
CA VAL A 58 4.64 13.75 10.01
C VAL A 58 6.01 14.17 9.48
N SER A 59 6.27 13.95 8.18
CA SER A 59 7.61 14.02 7.62
C SER A 59 7.65 14.57 6.17
N ASN A 60 6.51 14.83 5.52
CA ASN A 60 6.42 15.26 4.10
C ASN A 60 7.31 14.41 3.18
N SER A 61 7.38 13.12 3.50
CA SER A 61 8.28 12.11 2.98
C SER A 61 7.49 10.79 3.06
N TRP A 62 7.85 9.78 2.27
CA TRP A 62 7.28 8.44 2.41
C TRP A 62 8.11 7.66 3.44
N GLN A 63 7.53 6.66 4.10
CA GLN A 63 8.22 5.66 4.91
C GLN A 63 7.59 4.32 4.58
N THR A 64 8.39 3.26 4.59
CA THR A 64 7.95 1.88 4.55
C THR A 64 7.30 1.58 5.92
N VAL A 65 6.07 1.05 5.94
CA VAL A 65 5.26 0.87 7.16
C VAL A 65 4.76 -0.57 7.40
N ALA A 66 4.87 -1.48 6.41
CA ALA A 66 4.45 -2.87 6.46
C ALA A 66 5.28 -3.68 5.44
N ASN A 67 6.53 -3.93 5.79
CA ASN A 67 7.59 -4.48 4.98
C ASN A 67 7.49 -6.00 4.99
N HIS A 68 7.83 -6.59 3.84
CA HIS A 68 7.62 -7.99 3.48
C HIS A 68 6.28 -8.52 3.99
N VAL A 69 5.17 -7.93 3.56
CA VAL A 69 3.83 -8.46 3.82
C VAL A 69 3.55 -9.57 2.80
N LYS A 70 2.83 -10.61 3.18
CA LYS A 70 2.45 -11.74 2.34
C LYS A 70 0.95 -11.97 2.39
N THR A 71 0.17 -10.90 2.39
CA THR A 71 -1.28 -10.94 2.38
C THR A 71 -1.76 -9.72 1.60
N THR A 72 -3.07 -9.56 1.55
CA THR A 72 -3.83 -8.55 0.84
C THR A 72 -4.58 -7.63 1.81
N LEU A 73 -4.40 -7.83 3.12
CA LEU A 73 -4.86 -6.92 4.15
C LEU A 73 -3.77 -6.73 5.18
N TYR A 74 -3.64 -5.52 5.72
CA TYR A 74 -2.74 -5.23 6.83
C TYR A 74 -3.35 -4.16 7.71
N THR A 75 -3.38 -4.44 9.02
CA THR A 75 -3.56 -3.47 10.08
C THR A 75 -2.27 -2.66 10.17
N VAL A 76 -2.21 -1.50 9.51
CA VAL A 76 -1.16 -0.52 9.72
C VAL A 76 -1.31 -0.02 11.16
N ARG A 77 -0.20 0.16 11.87
CA ARG A 77 -0.16 0.59 13.27
C ARG A 77 0.91 1.67 13.45
N GLY A 78 1.05 2.17 14.68
CA GLY A 78 2.07 3.15 15.03
C GLY A 78 1.75 4.53 14.46
N LEU A 79 0.47 4.81 14.16
CA LEU A 79 0.08 6.09 13.59
C LEU A 79 -0.20 7.10 14.71
N ARG A 80 -0.42 8.33 14.29
CA ARG A 80 -0.75 9.47 15.15
C ARG A 80 -2.24 9.73 14.98
N PRO A 81 -2.94 10.24 16.00
CA PRO A 81 -4.36 10.55 15.88
C PRO A 81 -4.55 11.82 15.07
N ASN A 82 -5.77 11.99 14.54
CA ASN A 82 -6.19 13.15 13.74
C ASN A 82 -5.14 13.50 12.67
N THR A 83 -4.45 12.51 12.12
CA THR A 83 -3.35 12.69 11.19
C THR A 83 -3.77 11.97 9.91
N ILE A 84 -3.70 12.71 8.82
CA ILE A 84 -3.91 12.20 7.48
C ILE A 84 -2.74 11.28 7.14
N TYR A 85 -3.04 10.27 6.33
CA TYR A 85 -2.04 9.43 5.72
C TYR A 85 -2.44 9.13 4.30
N LEU A 86 -1.43 8.99 3.46
CA LEU A 86 -1.53 8.31 2.18
C LEU A 86 -0.79 7.03 2.32
N PHE A 87 -1.15 6.08 1.47
CA PHE A 87 -0.56 4.77 1.37
C PHE A 87 -0.39 4.43 -0.10
N MET A 88 0.66 3.69 -0.43
CA MET A 88 0.75 2.95 -1.69
C MET A 88 1.27 1.57 -1.30
N VAL A 89 0.71 0.52 -1.89
CA VAL A 89 1.21 -0.84 -1.78
C VAL A 89 2.12 -1.09 -3.00
N ARG A 90 3.25 -1.76 -2.81
CA ARG A 90 4.10 -2.29 -3.86
C ARG A 90 4.18 -3.78 -3.62
N ALA A 91 4.27 -4.57 -4.68
CA ALA A 91 4.72 -5.95 -4.56
C ALA A 91 6.25 -5.94 -4.66
N ILE A 92 6.85 -7.05 -4.24
CA ILE A 92 8.26 -7.34 -4.33
C ILE A 92 8.44 -8.69 -5.03
N ASN A 93 9.57 -8.84 -5.71
CA ASN A 93 9.85 -9.97 -6.60
C ASN A 93 11.36 -10.18 -6.72
N PRO A 94 11.83 -11.28 -7.32
CA PRO A 94 13.25 -11.63 -7.39
C PRO A 94 14.07 -10.78 -8.39
N GLN A 95 13.58 -9.61 -8.81
CA GLN A 95 14.31 -8.57 -9.51
C GLN A 95 14.14 -7.23 -8.80
N GLY A 96 12.90 -6.78 -8.67
CA GLY A 96 12.59 -5.44 -8.18
C GLY A 96 11.30 -5.37 -7.37
N LEU A 97 10.91 -4.14 -7.01
CA LEU A 97 9.55 -3.86 -6.59
C LEU A 97 8.70 -3.71 -7.86
N SER A 98 7.39 -3.91 -7.75
CA SER A 98 6.46 -3.70 -8.84
C SER A 98 6.30 -2.21 -9.11
N ASP A 99 5.65 -1.86 -10.23
CA ASP A 99 4.91 -0.60 -10.29
C ASP A 99 4.15 -0.41 -8.96
N PRO A 100 4.05 0.81 -8.42
CA PRO A 100 3.25 1.06 -7.24
C PRO A 100 1.76 0.91 -7.59
N SER A 101 0.93 0.62 -6.60
CA SER A 101 -0.51 0.78 -6.73
C SER A 101 -0.89 2.28 -6.83
N PRO A 102 -2.12 2.59 -7.23
CA PRO A 102 -2.72 3.91 -7.03
C PRO A 102 -2.66 4.32 -5.53
N MET A 103 -2.49 5.61 -5.24
CA MET A 103 -2.60 6.10 -3.86
C MET A 103 -3.99 5.81 -3.31
N SER A 104 -4.06 5.50 -2.02
CA SER A 104 -5.26 5.11 -1.29
C SER A 104 -6.37 6.16 -1.23
N ASP A 105 -6.07 7.40 -1.62
CA ASP A 105 -6.71 8.63 -1.16
C ASP A 105 -6.33 8.90 0.31
N PRO A 106 -6.39 10.14 0.82
CA PRO A 106 -5.91 10.47 2.15
C PRO A 106 -6.90 10.00 3.23
N VAL A 107 -6.61 8.88 3.88
CA VAL A 107 -7.31 8.50 5.11
C VAL A 107 -6.94 9.50 6.21
N ARG A 108 -7.70 9.48 7.30
CA ARG A 108 -7.44 10.17 8.55
C ARG A 108 -7.55 9.14 9.67
N THR A 109 -6.71 9.19 10.69
CA THR A 109 -6.98 8.48 11.92
C THR A 109 -8.07 9.20 12.70
N GLN A 110 -8.70 8.49 13.64
CA GLN A 110 -9.67 9.09 14.53
C GLN A 110 -8.99 10.09 15.46
N ASP A 111 -9.80 10.92 16.12
CA ASP A 111 -9.35 12.06 16.93
C ASP A 111 -9.09 11.67 18.39
N SER A 112 -8.50 10.50 18.51
CA SER A 112 -8.23 9.78 19.74
C SER A 112 -9.54 9.37 20.43
N GLY A 113 -10.28 10.31 21.00
CA GLY A 113 -11.46 10.09 21.82
C GLY A 113 -12.38 11.30 21.76
N PRO A 114 -13.13 11.51 20.66
CA PRO A 114 -14.17 12.52 20.61
C PRO A 114 -15.32 12.06 21.52
N SER A 115 -15.23 12.40 22.81
CA SER A 115 -15.97 11.78 23.90
C SER A 115 -15.75 10.27 23.98
N SER A 116 -16.43 9.60 24.92
CA SER A 116 -16.42 8.16 25.11
C SER A 116 -17.85 7.67 24.89
N GLY A 117 -18.36 7.87 23.68
CA GLY A 117 -19.73 7.73 23.28
C GLY A 117 -19.89 8.59 22.05
N GLY A 1 26.44 7.01 -25.96
CA GLY A 1 26.16 5.93 -26.91
C GLY A 1 24.92 6.28 -27.72
N SER A 2 24.09 5.29 -28.08
CA SER A 2 22.76 5.54 -28.63
C SER A 2 21.76 5.75 -27.47
N SER A 3 20.61 6.35 -27.75
CA SER A 3 19.48 6.44 -26.84
C SER A 3 18.20 6.63 -27.64
N GLY A 4 17.05 6.42 -27.01
CA GLY A 4 15.78 6.43 -27.71
C GLY A 4 15.62 5.19 -28.58
N SER A 5 14.69 5.25 -29.52
CA SER A 5 14.20 4.09 -30.27
C SER A 5 13.63 3.04 -29.29
N SER A 6 13.39 1.84 -29.80
CA SER A 6 12.77 0.71 -29.11
C SER A 6 13.73 0.02 -28.12
N GLY A 7 14.57 0.77 -27.40
CA GLY A 7 15.54 0.22 -26.47
C GLY A 7 14.83 -0.43 -25.28
N LYS A 8 15.03 -1.74 -25.05
CA LYS A 8 14.77 -2.33 -23.73
C LYS A 8 15.79 -1.79 -22.74
N ASN A 9 15.58 -1.99 -21.44
CA ASN A 9 16.56 -1.68 -20.41
C ASN A 9 16.57 -2.81 -19.39
N TYR A 10 17.66 -3.58 -19.37
CA TYR A 10 18.04 -4.56 -18.35
C TYR A 10 17.26 -5.87 -18.49
N ASP A 11 15.94 -5.82 -18.41
CA ASP A 11 15.03 -6.94 -18.68
C ASP A 11 13.76 -6.39 -19.31
N LEU A 12 12.89 -7.25 -19.84
CA LEU A 12 11.64 -6.86 -20.49
C LEU A 12 10.54 -6.59 -19.45
N SER A 13 10.89 -5.94 -18.33
CA SER A 13 10.06 -5.72 -17.15
C SER A 13 9.62 -7.04 -16.52
N ASP A 14 10.59 -7.79 -15.98
CA ASP A 14 10.39 -9.09 -15.32
C ASP A 14 9.99 -8.89 -13.86
N LEU A 15 8.90 -8.14 -13.66
CA LEU A 15 8.34 -7.75 -12.38
C LEU A 15 6.82 -8.05 -12.38
N PRO A 16 6.18 -8.22 -11.21
CA PRO A 16 4.77 -8.59 -11.12
C PRO A 16 3.86 -7.38 -11.42
N GLY A 17 2.57 -7.64 -11.66
CA GLY A 17 1.62 -6.57 -11.91
C GLY A 17 1.36 -5.76 -10.64
N PRO A 18 1.04 -4.46 -10.76
CA PRO A 18 0.80 -3.58 -9.63
C PRO A 18 -0.50 -3.95 -8.91
N PRO A 19 -0.56 -3.91 -7.56
CA PRO A 19 -1.81 -4.05 -6.85
C PRO A 19 -2.73 -2.87 -7.14
N SER A 20 -4.03 -3.06 -6.95
CA SER A 20 -5.02 -2.00 -7.09
C SER A 20 -5.03 -1.12 -5.82
N LYS A 21 -5.76 0.00 -5.88
CA LYS A 21 -5.88 0.94 -4.78
C LYS A 21 -6.41 0.21 -3.55
N PRO A 22 -5.71 0.21 -2.41
CA PRO A 22 -6.23 -0.37 -1.19
C PRO A 22 -7.43 0.43 -0.73
N GLN A 23 -8.29 -0.22 0.05
CA GLN A 23 -9.40 0.42 0.73
C GLN A 23 -9.27 0.16 2.20
N VAL A 24 -9.26 1.25 2.95
CA VAL A 24 -9.31 1.22 4.36
C VAL A 24 -10.61 0.58 4.81
N THR A 25 -10.58 -0.05 5.96
CA THR A 25 -11.72 -0.76 6.52
C THR A 25 -11.83 -0.44 8.01
N ASP A 26 -10.97 -1.04 8.82
CA ASP A 26 -10.81 -0.69 10.22
C ASP A 26 -9.98 0.58 10.28
N VAL A 27 -10.36 1.55 11.09
CA VAL A 27 -9.50 2.65 11.52
C VAL A 27 -9.82 2.92 12.99
N THR A 28 -8.88 3.52 13.72
CA THR A 28 -9.05 3.70 15.17
C THR A 28 -8.57 5.02 15.73
N LYS A 29 -7.27 5.30 15.69
CA LYS A 29 -6.63 6.55 16.02
C LYS A 29 -5.17 6.47 15.54
N ASN A 30 -4.53 5.30 15.69
CA ASN A 30 -3.11 5.12 15.41
C ASN A 30 -2.89 3.91 14.51
N SER A 31 -3.94 3.28 14.01
CA SER A 31 -3.85 2.13 13.15
C SER A 31 -5.06 2.02 12.23
N VAL A 32 -4.88 1.42 11.06
CA VAL A 32 -5.87 1.36 10.00
C VAL A 32 -5.57 0.10 9.18
N THR A 33 -6.58 -0.75 8.98
CA THR A 33 -6.52 -1.89 8.10
C THR A 33 -6.68 -1.40 6.66
N LEU A 34 -6.03 -2.09 5.72
CA LEU A 34 -6.02 -1.81 4.30
C LEU A 34 -6.38 -3.07 3.56
N SER A 35 -7.20 -2.92 2.52
CA SER A 35 -7.82 -4.01 1.79
C SER A 35 -7.70 -3.78 0.28
N TRP A 36 -6.67 -4.36 -0.36
CA TRP A 36 -6.44 -4.22 -1.79
C TRP A 36 -6.73 -5.52 -2.53
N GLN A 37 -6.73 -5.42 -3.86
CA GLN A 37 -6.70 -6.51 -4.79
C GLN A 37 -5.25 -6.60 -5.27
N PRO A 38 -4.73 -7.81 -5.44
CA PRO A 38 -3.38 -8.03 -5.94
C PRO A 38 -3.34 -7.68 -7.43
N GLY A 39 -2.14 -7.66 -8.01
CA GLY A 39 -1.98 -7.75 -9.45
C GLY A 39 -1.96 -9.24 -9.81
N THR A 40 -0.96 -9.63 -10.60
CA THR A 40 -0.76 -10.99 -11.06
C THR A 40 0.77 -11.24 -11.14
N PRO A 41 1.17 -12.51 -11.27
CA PRO A 41 2.53 -12.94 -11.60
C PRO A 41 2.83 -12.63 -13.08
N GLY A 42 3.65 -13.45 -13.74
CA GLY A 42 3.88 -13.43 -15.16
C GLY A 42 5.23 -14.07 -15.39
N THR A 43 6.25 -13.23 -15.42
CA THR A 43 7.64 -13.59 -15.45
C THR A 43 8.02 -14.37 -14.19
N LEU A 44 7.72 -13.81 -13.01
CA LEU A 44 8.08 -14.38 -11.71
C LEU A 44 6.88 -14.35 -10.76
N PRO A 45 6.94 -15.13 -9.66
CA PRO A 45 6.01 -15.01 -8.54
C PRO A 45 6.28 -13.73 -7.74
N ALA A 46 5.43 -13.46 -6.77
CA ALA A 46 5.54 -12.29 -5.89
C ALA A 46 6.05 -12.78 -4.54
N SER A 47 7.30 -12.47 -4.25
CA SER A 47 8.04 -12.78 -3.04
C SER A 47 7.30 -12.30 -1.79
N ALA A 48 6.93 -11.02 -1.74
CA ALA A 48 6.22 -10.38 -0.65
C ALA A 48 5.57 -9.10 -1.20
N TYR A 49 5.10 -8.23 -0.32
CA TYR A 49 4.59 -6.90 -0.60
C TYR A 49 5.26 -5.92 0.36
N ILE A 50 5.25 -4.64 0.01
CA ILE A 50 5.58 -3.50 0.85
C ILE A 50 4.33 -2.62 0.94
N ILE A 51 4.26 -1.81 2.01
CA ILE A 51 3.31 -0.74 2.14
C ILE A 51 4.14 0.47 2.56
N GLU A 52 3.98 1.58 1.85
CA GLU A 52 4.55 2.86 2.24
C GLU A 52 3.42 3.78 2.68
N ALA A 53 3.74 4.89 3.32
CA ALA A 53 2.81 5.92 3.71
C ALA A 53 3.54 7.27 3.67
N PHE A 54 2.90 8.33 3.18
CA PHE A 54 3.37 9.71 3.24
C PHE A 54 2.36 10.52 4.02
N SER A 55 2.83 11.28 5.01
CA SER A 55 2.00 12.13 5.84
C SER A 55 2.78 13.43 6.04
N GLN A 56 2.26 14.52 5.49
CA GLN A 56 2.93 15.81 5.56
C GLN A 56 2.85 16.45 6.96
N SER A 57 1.90 16.02 7.76
CA SER A 57 1.78 16.38 9.17
C SER A 57 2.70 15.51 10.07
N VAL A 58 3.52 14.62 9.51
CA VAL A 58 4.36 13.65 10.22
C VAL A 58 5.82 13.98 9.86
N SER A 59 6.31 13.56 8.70
CA SER A 59 7.71 13.76 8.29
C SER A 59 7.84 14.30 6.85
N ASN A 60 6.73 14.39 6.12
CA ASN A 60 6.71 14.87 4.74
C ASN A 60 7.68 14.06 3.85
N SER A 61 7.66 12.74 4.04
CA SER A 61 8.36 11.73 3.25
C SER A 61 7.42 10.54 3.11
N TRP A 62 7.56 9.77 2.03
CA TRP A 62 7.09 8.39 2.01
C TRP A 62 8.04 7.59 2.88
N GLN A 63 7.50 6.76 3.77
CA GLN A 63 8.23 5.84 4.62
C GLN A 63 7.67 4.46 4.40
N THR A 64 8.46 3.42 4.58
CA THR A 64 7.90 2.07 4.66
C THR A 64 7.15 1.98 5.99
N VAL A 65 5.89 1.56 5.96
CA VAL A 65 5.12 1.27 7.16
C VAL A 65 4.82 -0.24 7.29
N ALA A 66 5.25 -1.03 6.30
CA ALA A 66 5.30 -2.48 6.32
C ALA A 66 6.37 -2.94 5.34
N ASN A 67 7.32 -3.77 5.78
CA ASN A 67 8.22 -4.53 4.90
C ASN A 67 7.96 -6.04 5.07
N HIS A 68 7.98 -6.78 3.94
CA HIS A 68 7.59 -8.19 3.76
C HIS A 68 6.21 -8.56 4.35
N VAL A 69 5.13 -8.08 3.73
CA VAL A 69 3.77 -8.55 3.94
C VAL A 69 3.52 -9.66 2.92
N LYS A 70 2.81 -10.73 3.30
CA LYS A 70 2.44 -11.83 2.41
C LYS A 70 0.93 -12.06 2.38
N THR A 71 0.13 -11.01 2.52
CA THR A 71 -1.32 -11.04 2.46
C THR A 71 -1.76 -9.80 1.68
N THR A 72 -3.02 -9.78 1.24
CA THR A 72 -3.68 -8.63 0.60
C THR A 72 -4.40 -7.72 1.62
N LEU A 73 -4.32 -8.05 2.92
CA LEU A 73 -4.83 -7.23 4.01
C LEU A 73 -3.77 -7.14 5.08
N TYR A 74 -3.54 -5.92 5.55
CA TYR A 74 -2.57 -5.53 6.58
C TYR A 74 -3.13 -4.37 7.38
N THR A 75 -2.71 -4.26 8.62
CA THR A 75 -3.02 -3.16 9.51
C THR A 75 -1.76 -2.36 9.76
N VAL A 76 -1.75 -1.13 9.27
CA VAL A 76 -0.78 -0.10 9.57
C VAL A 76 -0.94 0.26 11.04
N ARG A 77 0.16 0.56 11.75
CA ARG A 77 0.14 0.98 13.15
C ARG A 77 1.09 2.16 13.37
N GLY A 78 1.24 2.58 14.63
CA GLY A 78 2.18 3.61 15.02
C GLY A 78 1.80 5.01 14.51
N LEU A 79 0.55 5.23 14.10
CA LEU A 79 0.11 6.48 13.50
C LEU A 79 -0.28 7.45 14.62
N ARG A 80 -1.01 8.51 14.26
CA ARG A 80 -1.37 9.61 15.15
C ARG A 80 -2.85 9.91 14.91
N PRO A 81 -3.64 10.20 15.94
CA PRO A 81 -5.05 10.53 15.80
C PRO A 81 -5.23 11.85 15.05
N ASN A 82 -6.43 12.03 14.47
CA ASN A 82 -6.86 13.22 13.74
C ASN A 82 -5.84 13.68 12.68
N THR A 83 -5.08 12.76 12.08
CA THR A 83 -3.97 13.04 11.17
C THR A 83 -4.22 12.31 9.86
N ILE A 84 -3.99 13.01 8.75
CA ILE A 84 -4.01 12.46 7.40
C ILE A 84 -2.75 11.65 7.16
N TYR A 85 -2.92 10.62 6.34
CA TYR A 85 -1.90 9.77 5.77
C TYR A 85 -2.33 9.51 4.32
N LEU A 86 -1.35 9.23 3.47
CA LEU A 86 -1.49 8.46 2.24
C LEU A 86 -0.73 7.18 2.41
N PHE A 87 -1.11 6.14 1.64
CA PHE A 87 -0.51 4.83 1.59
C PHE A 87 -0.14 4.47 0.14
N MET A 88 0.79 3.54 -0.03
CA MET A 88 1.08 2.83 -1.26
C MET A 88 1.09 1.34 -0.91
N VAL A 89 0.85 0.47 -1.87
CA VAL A 89 1.18 -0.94 -1.80
C VAL A 89 2.09 -1.23 -2.99
N ARG A 90 3.10 -2.09 -2.79
CA ARG A 90 3.97 -2.59 -3.85
C ARG A 90 4.04 -4.08 -3.66
N ALA A 91 4.16 -4.85 -4.75
CA ALA A 91 4.60 -6.23 -4.67
C ALA A 91 6.12 -6.24 -4.77
N ILE A 92 6.76 -7.29 -4.27
CA ILE A 92 8.20 -7.57 -4.36
C ILE A 92 8.34 -8.91 -5.07
N ASN A 93 9.47 -9.12 -5.74
CA ASN A 93 9.79 -10.35 -6.45
C ASN A 93 11.31 -10.62 -6.40
N PRO A 94 11.81 -11.76 -6.93
CA PRO A 94 13.23 -12.09 -6.95
C PRO A 94 14.15 -11.11 -7.70
N GLN A 95 13.65 -9.99 -8.24
CA GLN A 95 14.37 -9.02 -9.05
C GLN A 95 14.20 -7.59 -8.51
N GLY A 96 13.03 -7.22 -8.02
CA GLY A 96 12.70 -5.85 -7.68
C GLY A 96 11.31 -5.75 -7.09
N LEU A 97 10.66 -4.60 -7.29
CA LEU A 97 9.32 -4.29 -6.83
C LEU A 97 8.44 -3.86 -8.02
N SER A 98 7.13 -3.98 -7.90
CA SER A 98 6.18 -3.72 -8.99
C SER A 98 6.05 -2.23 -9.29
N ASP A 99 5.45 -1.88 -10.43
CA ASP A 99 4.82 -0.57 -10.62
C ASP A 99 4.00 -0.19 -9.38
N PRO A 100 3.82 1.11 -9.09
CA PRO A 100 3.05 1.54 -7.93
C PRO A 100 1.56 1.22 -8.12
N SER A 101 0.91 0.83 -7.01
CA SER A 101 -0.53 0.95 -6.86
C SER A 101 -0.97 2.43 -6.95
N PRO A 102 -2.27 2.71 -7.12
CA PRO A 102 -2.86 4.00 -6.78
C PRO A 102 -2.72 4.30 -5.27
N MET A 103 -2.44 5.56 -4.86
CA MET A 103 -2.58 5.94 -3.46
C MET A 103 -4.03 5.77 -2.96
N SER A 104 -4.18 5.43 -1.68
CA SER A 104 -5.40 5.05 -0.97
C SER A 104 -6.55 6.06 -0.99
N ASP A 105 -6.25 7.33 -1.31
CA ASP A 105 -6.96 8.56 -0.92
C ASP A 105 -6.37 9.03 0.42
N PRO A 106 -6.34 10.33 0.75
CA PRO A 106 -5.81 10.83 2.01
C PRO A 106 -6.78 10.47 3.13
N VAL A 107 -6.41 9.53 4.00
CA VAL A 107 -7.30 8.97 5.01
C VAL A 107 -6.94 9.57 6.37
N ARG A 108 -7.94 10.10 7.06
CA ARG A 108 -7.76 10.60 8.41
C ARG A 108 -7.92 9.44 9.36
N THR A 109 -7.09 9.40 10.39
CA THR A 109 -7.38 8.63 11.59
C THR A 109 -8.62 9.19 12.29
N GLN A 110 -9.22 8.44 13.22
CA GLN A 110 -10.29 8.95 14.06
C GLN A 110 -9.67 9.81 15.16
N ASP A 111 -10.53 10.27 16.04
CA ASP A 111 -10.14 10.82 17.34
C ASP A 111 -9.73 9.68 18.28
N SER A 112 -8.89 9.96 19.26
CA SER A 112 -8.18 9.00 20.11
C SER A 112 -9.06 8.44 21.24
N GLY A 113 -10.30 8.02 20.96
CA GLY A 113 -11.21 7.55 22.00
C GLY A 113 -12.23 6.51 21.51
N PRO A 114 -13.31 6.94 20.85
CA PRO A 114 -14.47 6.10 20.55
C PRO A 114 -14.25 5.20 19.32
N SER A 115 -13.23 4.35 19.36
CA SER A 115 -13.03 3.29 18.38
C SER A 115 -14.13 2.22 18.49
N SER A 116 -14.18 1.34 17.50
CA SER A 116 -14.64 -0.04 17.66
C SER A 116 -13.53 -0.98 17.16
N GLY A 117 -13.77 -2.28 17.26
CA GLY A 117 -12.71 -3.25 17.44
C GLY A 117 -12.46 -3.29 18.92
N GLY A 1 -11.19 -9.47 -29.75
CA GLY A 1 -11.49 -10.62 -28.89
C GLY A 1 -10.94 -11.89 -29.52
N SER A 2 -9.87 -12.45 -28.93
CA SER A 2 -9.18 -13.63 -29.39
C SER A 2 -8.43 -14.27 -28.21
N SER A 3 -8.10 -15.55 -28.30
CA SER A 3 -7.19 -16.26 -27.41
C SER A 3 -6.76 -17.56 -28.11
N GLY A 4 -6.08 -18.47 -27.41
CA GLY A 4 -5.93 -19.86 -27.87
C GLY A 4 -5.02 -20.04 -29.09
N SER A 5 -4.23 -19.04 -29.46
CA SER A 5 -3.29 -19.13 -30.58
C SER A 5 -1.96 -18.50 -30.16
N SER A 6 -0.93 -18.68 -30.97
CA SER A 6 0.42 -18.17 -30.71
C SER A 6 0.43 -16.68 -31.07
N GLY A 7 0.34 -15.80 -30.07
CA GLY A 7 0.36 -14.36 -30.29
C GLY A 7 0.60 -13.64 -28.98
N LYS A 8 1.86 -13.52 -28.56
CA LYS A 8 2.29 -12.57 -27.54
C LYS A 8 3.46 -11.79 -28.12
N ASN A 9 3.68 -10.58 -27.61
CA ASN A 9 4.65 -9.64 -28.14
C ASN A 9 5.62 -9.38 -27.00
N TYR A 10 6.77 -10.06 -27.03
CA TYR A 10 7.64 -10.25 -25.87
C TYR A 10 6.84 -10.92 -24.74
N ASP A 11 7.39 -10.96 -23.52
CA ASP A 11 6.62 -11.33 -22.33
C ASP A 11 6.11 -10.07 -21.66
N LEU A 12 4.94 -10.22 -21.03
CA LEU A 12 4.10 -9.13 -20.53
C LEU A 12 4.57 -8.60 -19.16
N SER A 13 5.86 -8.74 -18.86
CA SER A 13 6.68 -8.26 -17.73
C SER A 13 7.33 -9.46 -17.01
N ASP A 14 8.52 -9.21 -16.47
CA ASP A 14 9.19 -10.11 -15.52
C ASP A 14 8.54 -9.94 -14.15
N LEU A 15 8.27 -8.69 -13.76
CA LEU A 15 7.83 -8.25 -12.44
C LEU A 15 6.33 -8.50 -12.24
N PRO A 16 5.85 -8.57 -10.99
CA PRO A 16 4.42 -8.60 -10.69
C PRO A 16 3.81 -7.22 -10.89
N GLY A 17 2.53 -7.18 -11.26
CA GLY A 17 1.80 -5.98 -11.60
C GLY A 17 1.49 -5.11 -10.38
N PRO A 18 1.21 -3.81 -10.59
CA PRO A 18 0.85 -2.89 -9.52
C PRO A 18 -0.52 -3.29 -8.94
N PRO A 19 -0.63 -3.53 -7.61
CA PRO A 19 -1.88 -3.91 -6.98
C PRO A 19 -2.97 -2.83 -7.11
N SER A 20 -4.22 -3.20 -6.83
CA SER A 20 -5.34 -2.28 -6.87
C SER A 20 -5.26 -1.27 -5.72
N LYS A 21 -5.99 -0.16 -5.84
CA LYS A 21 -6.02 0.90 -4.84
C LYS A 21 -6.43 0.32 -3.48
N PRO A 22 -5.62 0.44 -2.41
CA PRO A 22 -6.01 -0.02 -1.10
C PRO A 22 -7.25 0.74 -0.61
N GLN A 23 -8.12 0.01 0.09
CA GLN A 23 -9.32 0.52 0.73
C GLN A 23 -9.29 0.21 2.20
N VAL A 24 -9.57 1.24 2.98
CA VAL A 24 -9.54 1.23 4.40
C VAL A 24 -10.83 0.59 4.93
N THR A 25 -10.70 -0.18 5.99
CA THR A 25 -11.74 -1.09 6.45
C THR A 25 -11.94 -1.03 7.95
N ASP A 26 -10.84 -0.97 8.68
CA ASP A 26 -10.79 -0.61 10.10
C ASP A 26 -9.87 0.59 10.27
N VAL A 27 -10.16 1.50 11.19
CA VAL A 27 -9.26 2.57 11.61
C VAL A 27 -9.41 2.74 13.13
N THR A 28 -8.34 3.19 13.80
CA THR A 28 -8.32 3.13 15.28
C THR A 28 -8.06 4.45 15.98
N LYS A 29 -7.08 5.21 15.47
CA LYS A 29 -6.45 6.46 15.87
C LYS A 29 -4.95 6.43 15.54
N ASN A 30 -4.33 5.25 15.49
CA ASN A 30 -2.90 5.03 15.32
C ASN A 30 -2.65 3.85 14.38
N SER A 31 -3.70 3.17 13.95
CA SER A 31 -3.70 1.99 13.11
C SER A 31 -4.83 2.16 12.09
N VAL A 32 -4.71 1.47 10.96
CA VAL A 32 -5.74 1.37 9.94
C VAL A 32 -5.50 0.06 9.19
N THR A 33 -6.53 -0.76 9.06
CA THR A 33 -6.51 -1.94 8.20
C THR A 33 -6.77 -1.45 6.77
N LEU A 34 -6.00 -2.00 5.84
CA LEU A 34 -6.00 -1.68 4.43
C LEU A 34 -6.20 -2.96 3.68
N SER A 35 -6.89 -2.86 2.54
CA SER A 35 -7.45 -3.98 1.81
C SER A 35 -7.24 -3.74 0.33
N TRP A 36 -6.48 -4.58 -0.38
CA TRP A 36 -6.25 -4.40 -1.80
C TRP A 36 -6.31 -5.74 -2.50
N GLN A 37 -6.60 -5.72 -3.81
CA GLN A 37 -6.73 -6.92 -4.61
C GLN A 37 -5.45 -7.14 -5.43
N PRO A 38 -5.05 -8.41 -5.64
CA PRO A 38 -3.76 -8.77 -6.21
C PRO A 38 -3.76 -8.61 -7.72
N GLY A 39 -2.90 -7.71 -8.21
CA GLY A 39 -2.62 -7.52 -9.62
C GLY A 39 -1.88 -8.72 -10.18
N THR A 40 -1.69 -8.66 -11.48
CA THR A 40 -1.26 -9.69 -12.39
C THR A 40 0.14 -10.20 -12.01
N PRO A 41 0.46 -11.45 -12.37
CA PRO A 41 1.81 -11.98 -12.28
C PRO A 41 2.73 -11.35 -13.33
N GLY A 42 3.94 -11.87 -13.41
CA GLY A 42 4.84 -11.75 -14.54
C GLY A 42 5.37 -13.16 -14.74
N THR A 43 6.47 -13.20 -15.44
CA THR A 43 7.34 -14.36 -15.57
C THR A 43 7.70 -14.89 -14.16
N LEU A 44 8.15 -14.05 -13.23
CA LEU A 44 8.59 -14.52 -11.90
C LEU A 44 7.44 -14.46 -10.87
N PRO A 45 7.57 -15.19 -9.75
CA PRO A 45 6.65 -15.14 -8.62
C PRO A 45 7.04 -14.02 -7.68
N ALA A 46 6.05 -13.50 -6.96
CA ALA A 46 6.27 -12.56 -5.87
C ALA A 46 6.94 -13.25 -4.67
N SER A 47 7.61 -12.45 -3.84
CA SER A 47 7.97 -12.77 -2.48
C SER A 47 6.86 -12.28 -1.56
N ALA A 48 6.58 -10.96 -1.57
CA ALA A 48 5.78 -10.28 -0.56
C ALA A 48 5.25 -8.97 -1.14
N TYR A 49 4.67 -8.13 -0.30
CA TYR A 49 4.31 -6.77 -0.55
C TYR A 49 5.20 -5.86 0.31
N ILE A 50 5.24 -4.58 -0.06
CA ILE A 50 5.60 -3.44 0.77
C ILE A 50 4.35 -2.55 0.86
N ILE A 51 4.23 -1.80 1.95
CA ILE A 51 3.17 -0.84 2.22
C ILE A 51 3.90 0.40 2.69
N GLU A 52 3.91 1.42 1.84
CA GLU A 52 4.45 2.72 2.15
C GLU A 52 3.28 3.61 2.51
N ALA A 53 3.56 4.69 3.24
CA ALA A 53 2.63 5.74 3.62
C ALA A 53 3.37 7.07 3.51
N PHE A 54 2.64 8.14 3.24
CA PHE A 54 3.16 9.50 3.30
C PHE A 54 2.20 10.28 4.17
N SER A 55 2.69 11.29 4.87
CA SER A 55 1.84 12.21 5.60
C SER A 55 2.55 13.55 5.80
N GLN A 56 1.98 14.61 5.23
CA GLN A 56 2.62 15.92 5.24
C GLN A 56 2.72 16.49 6.65
N SER A 57 1.69 16.25 7.45
CA SER A 57 1.55 16.60 8.86
C SER A 57 2.45 15.78 9.81
N VAL A 58 3.33 14.93 9.28
CA VAL A 58 4.07 13.93 10.05
C VAL A 58 5.54 14.12 9.74
N SER A 59 5.95 13.79 8.51
CA SER A 59 7.32 13.75 8.02
C SER A 59 7.21 13.84 6.50
N ASN A 60 7.81 14.86 5.88
CA ASN A 60 7.84 14.98 4.42
C ASN A 60 8.79 13.94 3.83
N SER A 61 8.30 12.71 3.67
CA SER A 61 8.89 11.58 2.93
C SER A 61 7.82 10.48 2.85
N TRP A 62 7.95 9.56 1.89
CA TRP A 62 7.26 8.27 1.96
C TRP A 62 8.02 7.41 2.97
N GLN A 63 7.30 6.61 3.77
CA GLN A 63 7.85 5.78 4.83
C GLN A 63 7.29 4.39 4.68
N THR A 64 8.12 3.37 4.89
CA THR A 64 7.69 1.99 4.72
C THR A 64 7.09 1.49 6.04
N VAL A 65 5.77 1.60 6.18
CA VAL A 65 5.04 1.33 7.42
C VAL A 65 4.65 -0.14 7.59
N ALA A 66 4.70 -0.93 6.52
CA ALA A 66 4.84 -2.38 6.61
C ALA A 66 5.75 -2.80 5.46
N ASN A 67 6.49 -3.88 5.67
CA ASN A 67 7.36 -4.45 4.65
C ASN A 67 7.12 -5.94 4.72
N HIS A 68 7.35 -6.65 3.61
CA HIS A 68 7.37 -8.11 3.57
C HIS A 68 6.02 -8.75 3.95
N VAL A 69 4.90 -8.07 3.70
CA VAL A 69 3.57 -8.59 4.02
C VAL A 69 3.20 -9.65 2.99
N LYS A 70 2.66 -10.79 3.43
CA LYS A 70 2.29 -11.89 2.53
C LYS A 70 0.78 -12.02 2.33
N THR A 71 -0.02 -11.28 3.10
CA THR A 71 -1.48 -11.29 3.07
C THR A 71 -1.98 -10.21 2.09
N THR A 72 -3.29 -10.01 2.04
CA THR A 72 -3.98 -8.98 1.24
C THR A 72 -4.80 -8.03 2.12
N LEU A 73 -4.80 -8.21 3.45
CA LEU A 73 -5.21 -7.18 4.40
C LEU A 73 -4.15 -7.05 5.48
N TYR A 74 -3.80 -5.84 5.89
CA TYR A 74 -2.87 -5.64 7.00
C TYR A 74 -3.27 -4.38 7.77
N THR A 75 -3.07 -4.41 9.09
CA THR A 75 -3.23 -3.29 9.99
C THR A 75 -1.90 -2.54 10.08
N VAL A 76 -1.82 -1.37 9.46
CA VAL A 76 -0.77 -0.38 9.70
C VAL A 76 -0.81 0.03 11.17
N ARG A 77 0.31 0.43 11.77
CA ARG A 77 0.41 0.97 13.14
C ARG A 77 1.31 2.20 13.18
N GLY A 78 1.55 2.74 14.39
CA GLY A 78 2.51 3.81 14.65
C GLY A 78 2.04 5.19 14.22
N LEU A 79 0.77 5.34 13.81
CA LEU A 79 0.25 6.58 13.25
C LEU A 79 -0.13 7.54 14.38
N ARG A 80 -0.67 8.67 13.97
CA ARG A 80 -1.12 9.78 14.81
C ARG A 80 -2.61 9.98 14.59
N PRO A 81 -3.35 10.47 15.59
CA PRO A 81 -4.79 10.66 15.51
C PRO A 81 -5.10 11.96 14.79
N ASN A 82 -6.31 12.05 14.21
CA ASN A 82 -6.80 13.23 13.49
C ASN A 82 -5.82 13.67 12.38
N THR A 83 -5.04 12.74 11.87
CA THR A 83 -3.92 12.96 10.96
C THR A 83 -4.21 12.21 9.67
N ILE A 84 -4.10 12.92 8.54
CA ILE A 84 -4.15 12.34 7.21
C ILE A 84 -2.92 11.49 6.96
N TYR A 85 -3.14 10.40 6.22
CA TYR A 85 -2.12 9.55 5.63
C TYR A 85 -2.54 9.15 4.24
N LEU A 86 -1.55 8.86 3.41
CA LEU A 86 -1.67 8.09 2.20
C LEU A 86 -1.03 6.76 2.44
N PHE A 87 -1.36 5.80 1.58
CA PHE A 87 -0.74 4.49 1.54
C PHE A 87 -0.57 4.11 0.06
N MET A 88 0.59 3.58 -0.33
CA MET A 88 0.82 2.91 -1.62
C MET A 88 1.34 1.52 -1.31
N VAL A 89 0.83 0.51 -1.98
CA VAL A 89 1.33 -0.87 -1.90
C VAL A 89 2.31 -1.04 -3.07
N ARG A 90 3.38 -1.80 -2.85
CA ARG A 90 4.18 -2.41 -3.91
C ARG A 90 4.12 -3.90 -3.69
N ALA A 91 4.24 -4.70 -4.74
CA ALA A 91 4.64 -6.09 -4.62
C ALA A 91 6.17 -6.12 -4.66
N ILE A 92 6.73 -7.25 -4.27
CA ILE A 92 8.16 -7.54 -4.19
C ILE A 92 8.40 -8.93 -4.76
N ASN A 93 9.60 -9.17 -5.31
CA ASN A 93 9.94 -10.40 -6.03
C ASN A 93 11.47 -10.62 -6.09
N PRO A 94 11.98 -11.72 -6.69
CA PRO A 94 13.42 -12.02 -6.78
C PRO A 94 14.32 -11.00 -7.50
N GLN A 95 13.80 -9.91 -8.06
CA GLN A 95 14.53 -8.98 -8.93
C GLN A 95 14.31 -7.53 -8.50
N GLY A 96 13.11 -7.17 -8.05
CA GLY A 96 12.73 -5.79 -7.84
C GLY A 96 11.41 -5.70 -7.09
N LEU A 97 10.87 -4.49 -7.01
CA LEU A 97 9.50 -4.22 -6.60
C LEU A 97 8.63 -4.03 -7.84
N SER A 98 7.31 -4.06 -7.69
CA SER A 98 6.36 -3.73 -8.76
C SER A 98 6.39 -2.23 -9.04
N ASP A 99 5.77 -1.81 -10.13
CA ASP A 99 5.24 -0.46 -10.24
C ASP A 99 4.38 -0.14 -8.99
N PRO A 100 4.30 1.14 -8.58
CA PRO A 100 3.53 1.54 -7.42
C PRO A 100 2.03 1.53 -7.76
N SER A 101 1.22 0.94 -6.89
CA SER A 101 -0.24 1.02 -6.94
C SER A 101 -0.75 2.46 -6.86
N PRO A 102 -2.05 2.69 -7.13
CA PRO A 102 -2.78 3.89 -6.72
C PRO A 102 -2.58 4.21 -5.23
N MET A 103 -2.33 5.48 -4.86
CA MET A 103 -2.44 5.88 -3.46
C MET A 103 -3.87 5.64 -2.98
N SER A 104 -4.02 5.36 -1.69
CA SER A 104 -5.27 5.05 -1.01
C SER A 104 -6.33 6.14 -1.04
N ASP A 105 -5.98 7.33 -1.51
CA ASP A 105 -6.61 8.62 -1.20
C ASP A 105 -6.38 8.97 0.28
N PRO A 106 -6.24 10.27 0.62
CA PRO A 106 -5.80 10.69 1.93
C PRO A 106 -6.87 10.38 2.98
N VAL A 107 -6.55 9.56 3.97
CA VAL A 107 -7.48 9.06 4.98
C VAL A 107 -7.10 9.58 6.35
N ARG A 108 -8.08 10.11 7.08
CA ARG A 108 -7.87 10.56 8.46
C ARG A 108 -7.94 9.34 9.38
N THR A 109 -7.14 9.35 10.43
CA THR A 109 -7.32 8.48 11.57
C THR A 109 -8.54 8.91 12.40
N GLN A 110 -8.94 8.05 13.35
CA GLN A 110 -9.87 8.42 14.42
C GLN A 110 -9.23 9.46 15.33
N ASP A 111 -9.88 9.67 16.47
CA ASP A 111 -9.69 10.83 17.35
C ASP A 111 -9.11 10.47 18.71
N SER A 112 -8.70 9.21 18.84
CA SER A 112 -8.02 8.58 19.95
C SER A 112 -8.90 8.33 21.18
N GLY A 113 -10.17 8.75 21.15
CA GLY A 113 -11.20 8.26 22.04
C GLY A 113 -11.40 6.76 21.83
N PRO A 114 -11.13 5.89 22.83
CA PRO A 114 -11.38 4.46 22.72
C PRO A 114 -12.89 4.23 22.78
N SER A 115 -13.55 4.17 21.63
CA SER A 115 -15.00 4.06 21.57
C SER A 115 -15.41 3.28 20.33
N SER A 116 -15.72 1.99 20.51
CA SER A 116 -16.65 1.25 19.68
C SER A 116 -17.20 0.07 20.47
N GLY A 117 -18.23 -0.56 19.91
CA GLY A 117 -19.01 -1.62 20.48
C GLY A 117 -20.43 -1.32 20.04
N GLY A 1 9.27 15.45 -8.22
CA GLY A 1 8.47 14.22 -8.35
C GLY A 1 9.38 13.02 -8.45
N SER A 2 9.25 12.08 -7.52
CA SER A 2 10.06 10.88 -7.48
C SER A 2 9.50 9.86 -8.48
N SER A 3 10.20 9.61 -9.59
CA SER A 3 10.04 8.43 -10.42
C SER A 3 11.32 8.18 -11.21
N GLY A 4 11.47 7.00 -11.83
CA GLY A 4 12.66 6.62 -12.59
C GLY A 4 12.95 7.59 -13.72
N SER A 5 14.23 7.78 -14.03
CA SER A 5 14.66 8.64 -15.13
C SER A 5 16.10 8.28 -15.53
N SER A 6 17.03 8.26 -14.57
CA SER A 6 18.45 8.06 -14.87
C SER A 6 18.70 6.71 -15.54
N GLY A 7 19.75 6.63 -16.35
CA GLY A 7 20.21 5.41 -16.99
C GLY A 7 19.23 4.99 -18.08
N LYS A 8 19.34 5.60 -19.27
CA LYS A 8 18.53 5.20 -20.43
C LYS A 8 18.89 3.76 -20.78
N ASN A 9 17.98 2.86 -20.47
CA ASN A 9 18.04 1.41 -20.56
C ASN A 9 16.58 0.97 -20.62
N TYR A 10 16.26 -0.07 -21.38
CA TYR A 10 14.90 -0.52 -21.53
C TYR A 10 14.50 -1.41 -20.35
N ASP A 11 13.21 -1.77 -20.26
CA ASP A 11 12.68 -2.71 -19.27
C ASP A 11 11.53 -3.45 -19.93
N LEU A 12 11.13 -4.58 -19.34
CA LEU A 12 10.12 -5.48 -19.86
C LEU A 12 8.98 -5.53 -18.83
N SER A 13 8.52 -6.73 -18.49
CA SER A 13 7.58 -7.00 -17.42
C SER A 13 7.91 -8.40 -16.88
N ASP A 14 9.14 -8.54 -16.36
CA ASP A 14 9.57 -9.67 -15.56
C ASP A 14 8.93 -9.60 -14.17
N LEU A 15 8.83 -8.36 -13.67
CA LEU A 15 8.20 -7.97 -12.40
C LEU A 15 6.71 -8.24 -12.45
N PRO A 16 6.08 -8.49 -11.28
CA PRO A 16 4.64 -8.49 -11.16
C PRO A 16 4.07 -7.08 -11.36
N GLY A 17 2.75 -7.01 -11.49
CA GLY A 17 2.00 -5.81 -11.78
C GLY A 17 1.77 -4.95 -10.54
N PRO A 18 1.31 -3.71 -10.73
CA PRO A 18 0.91 -2.83 -9.65
C PRO A 18 -0.35 -3.44 -8.97
N PRO A 19 -0.39 -3.52 -7.63
CA PRO A 19 -1.61 -3.90 -6.93
C PRO A 19 -2.76 -2.93 -7.22
N SER A 20 -3.97 -3.36 -6.88
CA SER A 20 -5.17 -2.53 -7.00
C SER A 20 -5.19 -1.43 -5.95
N LYS A 21 -6.03 -0.41 -6.17
CA LYS A 21 -6.32 0.63 -5.19
C LYS A 21 -6.67 0.00 -3.84
N PRO A 22 -5.91 0.26 -2.75
CA PRO A 22 -6.31 -0.20 -1.44
C PRO A 22 -7.58 0.53 -0.98
N GLN A 23 -8.26 -0.09 -0.02
CA GLN A 23 -9.49 0.36 0.60
C GLN A 23 -9.36 0.17 2.08
N VAL A 24 -9.60 1.24 2.81
CA VAL A 24 -9.64 1.21 4.22
C VAL A 24 -10.87 0.43 4.67
N THR A 25 -10.79 -0.24 5.81
CA THR A 25 -11.87 -1.04 6.36
C THR A 25 -12.07 -0.76 7.83
N ASP A 26 -10.97 -0.61 8.57
CA ASP A 26 -10.97 -0.16 9.97
C ASP A 26 -10.08 1.06 10.10
N VAL A 27 -10.41 2.02 10.95
CA VAL A 27 -9.46 3.06 11.36
C VAL A 27 -9.62 3.30 12.85
N THR A 28 -8.51 3.60 13.52
CA THR A 28 -8.48 3.95 14.94
C THR A 28 -7.59 5.19 15.12
N LYS A 29 -7.24 5.54 16.37
CA LYS A 29 -6.35 6.67 16.63
C LYS A 29 -4.93 6.43 16.13
N ASN A 30 -4.52 5.19 15.82
CA ASN A 30 -3.16 4.93 15.35
C ASN A 30 -3.02 3.65 14.53
N SER A 31 -4.09 2.94 14.19
CA SER A 31 -4.06 1.89 13.17
C SER A 31 -5.08 2.17 12.07
N VAL A 32 -4.91 1.56 10.90
CA VAL A 32 -5.92 1.48 9.85
C VAL A 32 -5.75 0.13 9.16
N THR A 33 -6.85 -0.57 8.88
CA THR A 33 -6.83 -1.84 8.15
C THR A 33 -7.13 -1.53 6.67
N LEU A 34 -6.47 -2.24 5.76
CA LEU A 34 -6.43 -1.96 4.33
C LEU A 34 -6.64 -3.28 3.58
N SER A 35 -7.51 -3.24 2.57
CA SER A 35 -7.91 -4.29 1.65
C SER A 35 -7.56 -3.87 0.26
N TRP A 36 -6.89 -4.75 -0.45
CA TRP A 36 -6.63 -4.59 -1.87
C TRP A 36 -6.82 -5.93 -2.55
N GLN A 37 -6.79 -5.88 -3.88
CA GLN A 37 -6.59 -7.04 -4.74
C GLN A 37 -5.16 -6.96 -5.28
N PRO A 38 -4.52 -8.11 -5.53
CA PRO A 38 -3.22 -8.18 -6.16
C PRO A 38 -3.31 -7.69 -7.60
N GLY A 39 -2.17 -7.31 -8.18
CA GLY A 39 -2.02 -7.16 -9.61
C GLY A 39 -1.62 -8.49 -10.22
N THR A 40 -1.56 -8.51 -11.53
CA THR A 40 -1.12 -9.60 -12.37
C THR A 40 0.32 -9.99 -12.01
N PRO A 41 0.71 -11.24 -12.28
CA PRO A 41 2.07 -11.71 -12.10
C PRO A 41 3.03 -11.07 -13.13
N GLY A 42 4.27 -11.52 -13.07
CA GLY A 42 5.27 -11.24 -14.07
C GLY A 42 5.69 -12.59 -14.62
N THR A 43 6.95 -12.69 -14.99
CA THR A 43 7.60 -13.97 -15.23
C THR A 43 7.85 -14.65 -13.88
N LEU A 44 8.15 -13.85 -12.86
CA LEU A 44 8.56 -14.34 -11.55
C LEU A 44 7.41 -14.29 -10.54
N PRO A 45 7.50 -15.12 -9.48
CA PRO A 45 6.56 -15.14 -8.36
C PRO A 45 6.91 -14.02 -7.38
N ALA A 46 5.88 -13.53 -6.70
CA ALA A 46 6.02 -12.52 -5.67
C ALA A 46 6.62 -13.16 -4.41
N SER A 47 7.72 -12.58 -3.93
CA SER A 47 8.33 -12.93 -2.67
C SER A 47 7.47 -12.40 -1.52
N ALA A 48 7.07 -11.12 -1.54
CA ALA A 48 6.29 -10.50 -0.46
C ALA A 48 5.60 -9.23 -0.97
N TYR A 49 5.11 -8.38 -0.06
CA TYR A 49 4.67 -7.02 -0.36
C TYR A 49 5.27 -6.04 0.64
N ILE A 50 5.27 -4.76 0.28
CA ILE A 50 5.54 -3.59 1.10
C ILE A 50 4.28 -2.73 1.08
N ILE A 51 4.12 -1.86 2.08
CA ILE A 51 3.20 -0.74 2.10
C ILE A 51 4.06 0.50 2.44
N GLU A 52 3.96 1.56 1.65
CA GLU A 52 4.55 2.87 1.93
C GLU A 52 3.43 3.83 2.36
N ALA A 53 3.74 4.87 3.14
CA ALA A 53 2.82 5.95 3.52
C ALA A 53 3.55 7.29 3.53
N PHE A 54 3.01 8.28 2.83
CA PHE A 54 3.43 9.68 2.87
C PHE A 54 2.59 10.38 3.95
N SER A 55 3.14 11.40 4.62
CA SER A 55 2.36 12.23 5.53
C SER A 55 3.00 13.60 5.76
N GLN A 56 2.31 14.65 5.31
CA GLN A 56 2.80 16.00 5.34
C GLN A 56 2.91 16.57 6.75
N SER A 57 1.96 16.25 7.63
CA SER A 57 1.96 16.65 9.04
C SER A 57 2.96 15.84 9.89
N VAL A 58 3.83 15.03 9.29
CA VAL A 58 4.65 14.04 9.98
C VAL A 58 6.10 14.24 9.58
N SER A 59 6.44 13.88 8.35
CA SER A 59 7.82 13.84 7.86
C SER A 59 7.85 14.11 6.36
N ASN A 60 6.75 14.59 5.77
CA ASN A 60 6.50 14.77 4.34
C ASN A 60 6.58 13.47 3.59
N SER A 61 7.80 13.03 3.30
CA SER A 61 8.22 11.93 2.43
C SER A 61 7.44 10.63 2.64
N TRP A 62 7.52 9.74 1.64
CA TRP A 62 7.05 8.38 1.80
C TRP A 62 7.97 7.67 2.80
N GLN A 63 7.36 6.88 3.68
CA GLN A 63 8.07 5.99 4.60
C GLN A 63 7.52 4.60 4.38
N THR A 64 8.40 3.61 4.46
CA THR A 64 8.03 2.21 4.38
C THR A 64 7.35 1.89 5.72
N VAL A 65 6.02 1.72 5.75
CA VAL A 65 5.25 1.55 6.98
C VAL A 65 5.02 0.07 7.29
N ALA A 66 4.98 -0.81 6.30
CA ALA A 66 4.88 -2.24 6.51
C ALA A 66 5.74 -2.93 5.46
N ASN A 67 6.47 -3.96 5.89
CA ASN A 67 7.48 -4.56 5.07
C ASN A 67 7.32 -6.07 5.17
N HIS A 68 7.40 -6.75 4.03
CA HIS A 68 7.19 -8.18 3.86
C HIS A 68 5.89 -8.64 4.51
N VAL A 69 4.78 -8.18 3.91
CA VAL A 69 3.42 -8.30 4.47
C VAL A 69 2.76 -9.64 4.17
N LYS A 70 2.75 -9.93 2.88
CA LYS A 70 2.39 -11.13 2.16
C LYS A 70 0.91 -11.52 2.23
N THR A 71 0.15 -11.11 3.24
CA THR A 71 -1.32 -11.24 3.23
C THR A 71 -1.91 -10.23 2.21
N THR A 72 -3.22 -10.29 1.96
CA THR A 72 -3.95 -9.27 1.19
C THR A 72 -4.84 -8.38 2.09
N LEU A 73 -4.97 -8.62 3.42
CA LEU A 73 -5.43 -7.61 4.35
C LEU A 73 -4.38 -7.37 5.42
N TYR A 74 -4.06 -6.11 5.70
CA TYR A 74 -3.05 -5.72 6.68
C TYR A 74 -3.59 -4.59 7.53
N THR A 75 -3.07 -4.53 8.75
CA THR A 75 -3.34 -3.50 9.73
C THR A 75 -2.04 -2.71 9.92
N VAL A 76 -1.93 -1.53 9.30
CA VAL A 76 -0.97 -0.50 9.64
C VAL A 76 -1.25 -0.11 11.08
N ARG A 77 -0.19 0.19 11.83
CA ARG A 77 -0.21 0.54 13.25
C ARG A 77 0.79 1.67 13.47
N GLY A 78 0.88 2.14 14.71
CA GLY A 78 1.91 3.09 15.13
C GLY A 78 1.82 4.44 14.42
N LEU A 79 0.63 4.81 13.92
CA LEU A 79 0.36 6.10 13.28
C LEU A 79 0.09 7.16 14.35
N ARG A 80 -0.29 8.35 13.91
CA ARG A 80 -0.61 9.48 14.78
C ARG A 80 -2.10 9.77 14.70
N PRO A 81 -2.75 10.14 15.81
CA PRO A 81 -4.15 10.51 15.79
C PRO A 81 -4.39 11.82 15.04
N ASN A 82 -5.63 12.02 14.57
CA ASN A 82 -6.10 13.18 13.79
C ASN A 82 -5.07 13.62 12.74
N THR A 83 -4.45 12.68 12.03
CA THR A 83 -3.39 12.91 11.07
C THR A 83 -3.75 12.16 9.79
N ILE A 84 -3.48 12.80 8.65
CA ILE A 84 -3.67 12.21 7.34
C ILE A 84 -2.47 11.34 7.04
N TYR A 85 -2.73 10.27 6.30
CA TYR A 85 -1.74 9.44 5.66
C TYR A 85 -2.24 9.05 4.29
N LEU A 86 -1.29 8.74 3.42
CA LEU A 86 -1.52 8.04 2.18
C LEU A 86 -0.96 6.64 2.36
N PHE A 87 -1.35 5.72 1.49
CA PHE A 87 -0.88 4.35 1.50
C PHE A 87 -0.70 3.94 0.05
N MET A 88 0.44 3.35 -0.28
CA MET A 88 0.59 2.58 -1.50
C MET A 88 1.23 1.24 -1.18
N VAL A 89 1.17 0.30 -2.12
CA VAL A 89 1.47 -1.12 -1.93
C VAL A 89 2.39 -1.54 -3.07
N ARG A 90 3.39 -2.36 -2.80
CA ARG A 90 4.34 -2.83 -3.79
C ARG A 90 4.48 -4.32 -3.67
N ALA A 91 4.41 -5.05 -4.78
CA ALA A 91 4.64 -6.48 -4.81
C ALA A 91 6.14 -6.66 -4.98
N ILE A 92 6.77 -7.29 -4.00
CA ILE A 92 8.17 -7.64 -4.04
C ILE A 92 8.28 -8.97 -4.73
N ASN A 93 9.37 -9.14 -5.48
CA ASN A 93 9.73 -10.39 -6.15
C ASN A 93 11.26 -10.56 -6.05
N PRO A 94 11.84 -11.69 -6.49
CA PRO A 94 13.28 -11.92 -6.44
C PRO A 94 14.08 -11.12 -7.49
N GLN A 95 13.61 -9.92 -7.86
CA GLN A 95 14.30 -8.93 -8.66
C GLN A 95 14.11 -7.58 -7.95
N GLY A 96 12.89 -7.05 -7.92
CA GLY A 96 12.58 -5.69 -7.52
C GLY A 96 11.24 -5.60 -6.81
N LEU A 97 10.59 -4.44 -7.00
CA LEU A 97 9.30 -4.00 -6.50
C LEU A 97 8.46 -3.66 -7.73
N SER A 98 7.18 -3.97 -7.70
CA SER A 98 6.25 -3.62 -8.76
C SER A 98 5.94 -2.12 -8.78
N ASP A 99 5.32 -1.68 -9.89
CA ASP A 99 4.95 -0.29 -10.12
C ASP A 99 3.96 0.21 -9.05
N PRO A 100 3.86 1.53 -8.84
CA PRO A 100 3.05 2.08 -7.78
C PRO A 100 1.56 1.85 -8.02
N SER A 101 0.89 1.18 -7.08
CA SER A 101 -0.56 1.02 -7.01
C SER A 101 -1.28 2.38 -6.91
N PRO A 102 -2.57 2.49 -7.28
CA PRO A 102 -3.39 3.69 -7.05
C PRO A 102 -3.54 3.97 -5.56
N MET A 103 -3.27 5.17 -5.05
CA MET A 103 -3.40 5.48 -3.62
C MET A 103 -4.82 5.17 -3.11
N SER A 104 -4.93 4.81 -1.82
CA SER A 104 -6.22 4.54 -1.17
C SER A 104 -7.09 5.80 -0.97
N ASP A 105 -6.58 6.97 -1.37
CA ASP A 105 -7.01 8.36 -1.12
C ASP A 105 -6.49 8.81 0.28
N PRO A 106 -6.30 10.11 0.58
CA PRO A 106 -5.73 10.57 1.85
C PRO A 106 -6.75 10.37 2.96
N VAL A 107 -6.43 9.52 3.92
CA VAL A 107 -7.35 9.09 4.96
C VAL A 107 -6.86 9.56 6.31
N ARG A 108 -7.79 9.91 7.19
CA ARG A 108 -7.48 10.48 8.50
C ARG A 108 -7.68 9.44 9.58
N THR A 109 -6.75 9.43 10.52
CA THR A 109 -6.88 8.68 11.75
C THR A 109 -8.00 9.26 12.61
N GLN A 110 -8.38 8.54 13.65
CA GLN A 110 -9.41 8.97 14.58
C GLN A 110 -8.82 9.92 15.61
N ASP A 111 -9.72 10.43 16.45
CA ASP A 111 -9.37 11.10 17.70
C ASP A 111 -8.68 10.09 18.64
N SER A 112 -7.92 10.60 19.62
CA SER A 112 -7.18 9.75 20.56
C SER A 112 -7.81 9.66 21.94
N GLY A 113 -8.87 10.44 22.20
CA GLY A 113 -9.52 10.55 23.50
C GLY A 113 -8.55 10.72 24.67
N PRO A 114 -9.04 10.47 25.90
CA PRO A 114 -8.22 10.14 27.05
C PRO A 114 -7.84 8.64 27.07
N SER A 115 -8.04 7.90 25.96
CA SER A 115 -8.10 6.45 25.90
C SER A 115 -6.83 5.80 26.47
N SER A 116 -6.98 4.88 27.42
CA SER A 116 -5.90 4.11 28.01
C SER A 116 -5.28 3.13 27.01
N GLY A 117 -4.22 2.47 27.44
CA GLY A 117 -3.61 1.33 26.80
C GLY A 117 -3.07 0.47 27.93
N GLY A 1 -13.53 -20.48 -28.82
CA GLY A 1 -12.31 -19.81 -29.28
C GLY A 1 -11.33 -19.69 -28.13
N SER A 2 -11.36 -18.57 -27.42
CA SER A 2 -10.64 -18.39 -26.16
C SER A 2 -11.15 -19.43 -25.14
N SER A 3 -10.24 -20.20 -24.54
CA SER A 3 -10.46 -21.11 -23.42
C SER A 3 -9.08 -21.51 -22.87
N GLY A 4 -9.02 -22.24 -21.75
CA GLY A 4 -7.79 -22.90 -21.34
C GLY A 4 -7.48 -24.00 -22.36
N SER A 5 -6.59 -23.74 -23.32
CA SER A 5 -6.36 -24.66 -24.44
C SER A 5 -4.90 -24.57 -24.91
N SER A 6 -4.44 -23.40 -25.35
CA SER A 6 -3.06 -23.17 -25.77
C SER A 6 -2.20 -22.83 -24.54
N GLY A 7 -1.05 -23.50 -24.37
CA GLY A 7 -0.05 -23.06 -23.40
C GLY A 7 0.45 -21.66 -23.77
N LYS A 8 0.85 -20.87 -22.77
CA LYS A 8 1.42 -19.54 -23.02
C LYS A 8 2.85 -19.70 -23.55
N ASN A 9 3.41 -18.65 -24.13
CA ASN A 9 4.82 -18.56 -24.46
C ASN A 9 5.25 -17.09 -24.43
N TYR A 10 6.38 -16.81 -23.79
CA TYR A 10 6.87 -15.50 -23.36
C TYR A 10 5.85 -14.69 -22.56
N ASP A 11 6.29 -13.56 -22.02
CA ASP A 11 5.51 -12.61 -21.24
C ASP A 11 5.97 -11.21 -21.65
N LEU A 12 5.10 -10.21 -21.52
CA LEU A 12 5.40 -8.82 -21.89
C LEU A 12 5.96 -8.03 -20.71
N SER A 13 6.08 -8.65 -19.53
CA SER A 13 6.71 -8.06 -18.36
C SER A 13 7.30 -9.19 -17.50
N ASP A 14 8.04 -8.83 -16.44
CA ASP A 14 8.71 -9.76 -15.53
C ASP A 14 8.13 -9.67 -14.12
N LEU A 15 7.90 -8.44 -13.64
CA LEU A 15 7.49 -8.11 -12.29
C LEU A 15 5.95 -8.15 -12.20
N PRO A 16 5.36 -8.22 -11.01
CA PRO A 16 3.93 -8.25 -10.82
C PRO A 16 3.29 -6.99 -11.39
N GLY A 17 2.10 -7.15 -11.99
CA GLY A 17 1.20 -6.05 -12.21
C GLY A 17 0.92 -5.37 -10.86
N PRO A 18 0.81 -4.03 -10.82
CA PRO A 18 0.66 -3.30 -9.57
C PRO A 18 -0.64 -3.72 -8.87
N PRO A 19 -0.65 -3.75 -7.52
CA PRO A 19 -1.86 -4.06 -6.77
C PRO A 19 -2.92 -2.97 -7.01
N SER A 20 -4.19 -3.30 -6.79
CA SER A 20 -5.30 -2.35 -6.89
C SER A 20 -5.22 -1.32 -5.76
N LYS A 21 -5.98 -0.23 -5.88
CA LYS A 21 -6.16 0.78 -4.83
C LYS A 21 -6.42 0.07 -3.50
N PRO A 22 -5.58 0.31 -2.47
CA PRO A 22 -5.88 -0.21 -1.15
C PRO A 22 -7.21 0.38 -0.68
N GLN A 23 -7.97 -0.41 0.09
CA GLN A 23 -9.20 -0.02 0.72
C GLN A 23 -9.00 0.00 2.22
N VAL A 24 -9.32 1.13 2.80
CA VAL A 24 -9.31 1.39 4.22
C VAL A 24 -10.62 0.82 4.76
N THR A 25 -10.53 -0.24 5.55
CA THR A 25 -11.70 -0.91 6.11
C THR A 25 -11.85 -0.47 7.57
N ASP A 26 -11.12 -1.09 8.50
CA ASP A 26 -11.04 -0.66 9.88
C ASP A 26 -10.12 0.56 9.94
N VAL A 27 -10.45 1.58 10.72
CA VAL A 27 -9.52 2.64 11.08
C VAL A 27 -9.69 2.94 12.57
N THR A 28 -8.61 3.30 13.25
CA THR A 28 -8.62 3.67 14.65
C THR A 28 -7.97 5.05 14.80
N LYS A 29 -7.76 5.49 16.04
CA LYS A 29 -6.98 6.69 16.32
C LYS A 29 -5.52 6.60 15.90
N ASN A 30 -4.99 5.40 15.60
CA ASN A 30 -3.58 5.23 15.24
C ASN A 30 -3.29 3.90 14.57
N SER A 31 -4.28 3.30 13.92
CA SER A 31 -4.14 2.10 13.11
C SER A 31 -5.14 2.19 11.95
N VAL A 32 -4.94 1.41 10.91
CA VAL A 32 -5.86 1.27 9.80
C VAL A 32 -5.59 -0.05 9.09
N THR A 33 -6.65 -0.79 8.76
CA THR A 33 -6.60 -2.02 8.01
C THR A 33 -6.73 -1.69 6.54
N LEU A 34 -5.64 -1.89 5.80
CA LEU A 34 -5.56 -1.71 4.36
C LEU A 34 -5.83 -3.03 3.68
N SER A 35 -6.56 -2.96 2.56
CA SER A 35 -7.23 -4.09 1.95
C SER A 35 -7.19 -3.93 0.43
N TRP A 36 -6.26 -4.60 -0.26
CA TRP A 36 -6.03 -4.45 -1.70
C TRP A 36 -6.26 -5.79 -2.39
N GLN A 37 -6.22 -5.79 -3.72
CA GLN A 37 -6.30 -6.99 -4.55
C GLN A 37 -5.01 -7.09 -5.37
N PRO A 38 -4.50 -8.30 -5.63
CA PRO A 38 -3.28 -8.53 -6.38
C PRO A 38 -3.51 -8.30 -7.88
N GLY A 39 -2.50 -7.74 -8.54
CA GLY A 39 -2.46 -7.63 -9.98
C GLY A 39 -2.12 -8.96 -10.63
N THR A 40 -2.16 -8.95 -11.96
CA THR A 40 -1.80 -10.08 -12.81
C THR A 40 -0.32 -10.44 -12.58
N PRO A 41 0.02 -11.73 -12.66
CA PRO A 41 1.38 -12.25 -12.62
C PRO A 41 2.19 -11.87 -13.87
N GLY A 42 3.37 -12.48 -14.02
CA GLY A 42 4.24 -12.37 -15.16
C GLY A 42 5.16 -13.57 -15.14
N THR A 43 6.36 -13.36 -15.67
CA THR A 43 7.39 -14.37 -15.79
C THR A 43 7.70 -15.01 -14.44
N LEU A 44 7.68 -14.21 -13.37
CA LEU A 44 8.02 -14.65 -12.03
C LEU A 44 6.81 -14.65 -11.10
N PRO A 45 6.94 -15.28 -9.92
CA PRO A 45 6.05 -15.12 -8.79
C PRO A 45 6.31 -13.75 -8.15
N ALA A 46 6.49 -13.70 -6.85
CA ALA A 46 6.78 -12.53 -6.03
C ALA A 46 7.30 -13.04 -4.70
N SER A 47 7.96 -12.16 -3.95
CA SER A 47 8.65 -12.44 -2.70
C SER A 47 7.85 -11.89 -1.52
N ALA A 48 7.17 -10.74 -1.67
CA ALA A 48 6.27 -10.17 -0.65
C ALA A 48 5.57 -8.93 -1.22
N TYR A 49 5.07 -8.07 -0.34
CA TYR A 49 4.68 -6.70 -0.58
C TYR A 49 5.36 -5.81 0.48
N ILE A 50 5.30 -4.49 0.29
CA ILE A 50 5.63 -3.42 1.22
C ILE A 50 4.39 -2.52 1.26
N ILE A 51 4.23 -1.79 2.37
CA ILE A 51 3.28 -0.69 2.49
C ILE A 51 4.11 0.53 2.87
N GLU A 52 3.88 1.64 2.20
CA GLU A 52 4.48 2.94 2.50
C GLU A 52 3.35 3.90 2.86
N ALA A 53 3.66 4.97 3.58
CA ALA A 53 2.71 6.02 3.94
C ALA A 53 3.38 7.38 3.85
N PHE A 54 2.55 8.39 3.64
CA PHE A 54 2.86 9.82 3.70
C PHE A 54 1.75 10.44 4.57
N SER A 55 1.87 11.70 5.02
CA SER A 55 0.91 12.34 5.90
C SER A 55 0.72 13.84 5.60
N GLN A 56 1.82 14.56 5.34
CA GLN A 56 2.04 15.96 5.03
C GLN A 56 2.87 16.59 6.15
N SER A 57 2.49 16.37 7.41
CA SER A 57 3.17 16.96 8.58
C SER A 57 4.33 16.08 9.05
N VAL A 58 4.17 14.75 8.97
CA VAL A 58 4.95 13.80 9.75
C VAL A 58 6.34 13.68 9.15
N SER A 59 6.41 13.22 7.90
CA SER A 59 7.64 13.03 7.15
C SER A 59 7.23 12.99 5.69
N ASN A 60 7.38 14.11 4.97
CA ASN A 60 7.11 14.17 3.53
C ASN A 60 7.97 13.20 2.70
N SER A 61 8.97 12.56 3.31
CA SER A 61 9.78 11.46 2.81
C SER A 61 9.05 10.38 2.01
N TRP A 62 7.84 9.99 2.41
CA TRP A 62 7.36 8.61 2.44
C TRP A 62 8.21 7.74 3.36
N GLN A 63 7.57 6.84 4.10
CA GLN A 63 8.25 5.84 4.93
C GLN A 63 7.60 4.48 4.69
N THR A 64 8.37 3.41 4.88
CA THR A 64 7.82 2.07 5.01
C THR A 64 7.05 2.04 6.33
N VAL A 65 5.84 1.48 6.32
CA VAL A 65 5.03 1.30 7.54
C VAL A 65 4.64 -0.17 7.75
N ALA A 66 4.92 -1.03 6.76
CA ALA A 66 5.05 -2.48 6.88
C ALA A 66 5.99 -2.95 5.78
N ASN A 67 6.91 -3.87 6.07
CA ASN A 67 7.74 -4.54 5.06
C ASN A 67 7.40 -6.03 5.06
N HIS A 68 7.70 -6.71 3.95
CA HIS A 68 7.54 -8.17 3.80
C HIS A 68 6.14 -8.64 4.20
N VAL A 69 5.15 -7.97 3.61
CA VAL A 69 3.74 -8.22 3.74
C VAL A 69 3.41 -9.42 2.86
N LYS A 70 3.08 -10.55 3.46
CA LYS A 70 2.75 -11.80 2.79
C LYS A 70 1.25 -12.02 2.90
N THR A 71 0.50 -11.00 2.50
CA THR A 71 -0.94 -10.97 2.62
C THR A 71 -1.51 -9.96 1.62
N THR A 72 -2.80 -9.70 1.72
CA THR A 72 -3.49 -8.62 1.03
C THR A 72 -4.31 -7.74 1.99
N LEU A 73 -4.38 -8.09 3.28
CA LEU A 73 -5.04 -7.36 4.34
C LEU A 73 -4.03 -7.11 5.44
N TYR A 74 -3.77 -5.85 5.79
CA TYR A 74 -2.75 -5.50 6.77
C TYR A 74 -3.16 -4.28 7.59
N THR A 75 -3.31 -4.49 8.88
CA THR A 75 -3.47 -3.50 9.92
C THR A 75 -2.14 -2.78 10.14
N VAL A 76 -1.99 -1.61 9.54
CA VAL A 76 -0.95 -0.64 9.86
C VAL A 76 -1.25 -0.11 11.28
N ARG A 77 -0.22 0.14 12.09
CA ARG A 77 -0.32 0.75 13.42
C ARG A 77 0.76 1.80 13.57
N GLY A 78 0.69 2.54 14.68
CA GLY A 78 1.73 3.46 15.14
C GLY A 78 1.45 4.90 14.76
N LEU A 79 0.31 5.18 14.13
CA LEU A 79 0.06 6.43 13.43
C LEU A 79 -0.29 7.52 14.43
N ARG A 80 -0.50 8.73 13.95
CA ARG A 80 -0.98 9.84 14.76
C ARG A 80 -2.48 9.96 14.61
N PRO A 81 -3.20 10.38 15.65
CA PRO A 81 -4.62 10.70 15.56
C PRO A 81 -4.84 12.03 14.83
N ASN A 82 -6.06 12.22 14.30
CA ASN A 82 -6.55 13.38 13.54
C ASN A 82 -5.64 13.74 12.36
N THR A 83 -4.84 12.79 11.90
CA THR A 83 -3.73 13.02 10.99
C THR A 83 -4.06 12.21 9.76
N ILE A 84 -4.13 12.92 8.62
CA ILE A 84 -4.24 12.30 7.32
C ILE A 84 -3.02 11.41 7.10
N TYR A 85 -3.25 10.34 6.37
CA TYR A 85 -2.21 9.55 5.74
C TYR A 85 -2.63 9.15 4.34
N LEU A 86 -1.59 8.96 3.53
CA LEU A 86 -1.63 8.26 2.27
C LEU A 86 -0.94 6.94 2.48
N PHE A 87 -1.28 5.98 1.64
CA PHE A 87 -0.77 4.63 1.70
C PHE A 87 -0.56 4.14 0.28
N MET A 88 0.61 3.53 0.05
CA MET A 88 1.01 2.82 -1.15
C MET A 88 1.13 1.34 -0.76
N VAL A 89 1.00 0.44 -1.72
CA VAL A 89 1.34 -0.97 -1.61
C VAL A 89 2.29 -1.26 -2.78
N ARG A 90 3.57 -1.57 -2.53
CA ARG A 90 4.43 -2.10 -3.58
C ARG A 90 4.45 -3.61 -3.42
N ALA A 91 4.58 -4.37 -4.51
CA ALA A 91 4.95 -5.77 -4.41
C ALA A 91 6.48 -5.84 -4.39
N ILE A 92 7.02 -6.94 -3.87
CA ILE A 92 8.43 -7.32 -3.94
C ILE A 92 8.49 -8.68 -4.60
N ASN A 93 9.61 -8.95 -5.25
CA ASN A 93 9.91 -10.15 -6.03
C ASN A 93 11.37 -10.55 -5.76
N PRO A 94 11.79 -11.72 -6.28
CA PRO A 94 13.19 -12.08 -6.35
C PRO A 94 14.05 -11.05 -7.10
N GLN A 95 13.45 -10.20 -7.93
CA GLN A 95 14.13 -9.34 -8.90
C GLN A 95 14.00 -7.85 -8.64
N GLY A 96 13.13 -7.46 -7.72
CA GLY A 96 12.88 -6.05 -7.43
C GLY A 96 11.49 -5.83 -6.88
N LEU A 97 11.02 -4.60 -6.96
CA LEU A 97 9.67 -4.19 -6.55
C LEU A 97 8.84 -3.75 -7.77
N SER A 98 7.52 -3.70 -7.61
CA SER A 98 6.51 -3.48 -8.65
C SER A 98 6.39 -2.01 -9.07
N ASP A 99 5.68 -1.71 -10.16
CA ASP A 99 5.07 -0.39 -10.34
C ASP A 99 4.37 0.05 -9.03
N PRO A 100 4.30 1.36 -8.75
CA PRO A 100 3.61 1.88 -7.60
C PRO A 100 2.08 1.80 -7.82
N SER A 101 1.37 1.23 -6.86
CA SER A 101 -0.08 1.23 -6.79
C SER A 101 -0.70 2.64 -6.89
N PRO A 102 -2.00 2.71 -7.20
CA PRO A 102 -2.84 3.88 -6.89
C PRO A 102 -2.93 4.07 -5.37
N MET A 103 -2.59 5.27 -4.87
CA MET A 103 -2.73 5.59 -3.45
C MET A 103 -4.16 5.38 -2.94
N SER A 104 -4.31 4.99 -1.67
CA SER A 104 -5.60 4.70 -1.05
C SER A 104 -6.50 5.95 -0.82
N ASP A 105 -5.97 7.16 -1.05
CA ASP A 105 -6.56 8.51 -0.91
C ASP A 105 -6.43 9.00 0.55
N PRO A 106 -6.38 10.31 0.86
CA PRO A 106 -5.96 10.79 2.18
C PRO A 106 -7.00 10.45 3.25
N VAL A 107 -6.72 9.46 4.10
CA VAL A 107 -7.64 8.96 5.13
C VAL A 107 -7.21 9.49 6.48
N ARG A 108 -8.17 9.82 7.35
CA ARG A 108 -7.89 10.39 8.67
C ARG A 108 -8.00 9.30 9.72
N THR A 109 -7.13 9.32 10.72
CA THR A 109 -7.28 8.52 11.92
C THR A 109 -8.39 9.10 12.81
N GLN A 110 -9.05 8.23 13.59
CA GLN A 110 -10.14 8.58 14.51
C GLN A 110 -9.65 9.38 15.72
N ASP A 111 -10.57 9.73 16.63
CA ASP A 111 -10.22 10.53 17.80
C ASP A 111 -9.51 9.71 18.88
N SER A 112 -8.60 10.37 19.60
CA SER A 112 -7.57 9.77 20.43
C SER A 112 -8.01 9.41 21.84
N GLY A 113 -9.23 9.76 22.24
CA GLY A 113 -9.66 9.56 23.62
C GLY A 113 -9.89 8.09 23.98
N PRO A 114 -10.23 7.82 25.25
CA PRO A 114 -10.63 6.50 25.69
C PRO A 114 -12.03 6.19 25.16
N SER A 115 -12.19 5.02 24.54
CA SER A 115 -13.46 4.34 24.37
C SER A 115 -13.12 2.85 24.18
N SER A 116 -14.05 1.95 24.53
CA SER A 116 -13.87 0.50 24.63
C SER A 116 -12.47 0.11 25.16
N GLY A 117 -12.35 0.07 26.50
CA GLY A 117 -11.44 -0.87 27.12
C GLY A 117 -11.91 -2.28 26.81
N GLY A 1 -8.50 10.90 -14.32
CA GLY A 1 -8.73 10.50 -15.70
C GLY A 1 -8.16 9.10 -15.96
N SER A 2 -8.54 8.54 -17.11
CA SER A 2 -8.17 7.23 -17.61
C SER A 2 -8.64 6.06 -16.74
N SER A 3 -9.45 5.16 -17.32
CA SER A 3 -9.65 3.81 -16.81
C SER A 3 -10.23 2.96 -17.94
N GLY A 4 -9.46 1.99 -18.46
CA GLY A 4 -9.89 1.04 -19.47
C GLY A 4 -9.21 1.33 -20.80
N SER A 5 -8.21 0.51 -21.18
CA SER A 5 -7.65 0.43 -22.53
C SER A 5 -6.87 -0.89 -22.65
N SER A 6 -5.94 -1.14 -21.72
CA SER A 6 -5.48 -2.48 -21.43
C SER A 6 -6.59 -3.17 -20.64
N GLY A 7 -6.97 -4.38 -21.05
CA GLY A 7 -8.21 -5.04 -20.65
C GLY A 7 -8.34 -5.16 -19.13
N LYS A 8 -7.54 -6.01 -18.51
CA LYS A 8 -7.71 -6.37 -17.10
C LYS A 8 -6.35 -6.31 -16.40
N ASN A 9 -5.92 -5.09 -16.07
CA ASN A 9 -4.70 -4.71 -15.34
C ASN A 9 -3.49 -5.53 -15.79
N TYR A 10 -2.86 -5.14 -16.90
CA TYR A 10 -1.67 -5.80 -17.44
C TYR A 10 -0.68 -4.75 -17.94
N ASP A 11 0.56 -5.15 -18.18
CA ASP A 11 1.68 -4.35 -18.66
C ASP A 11 2.73 -5.28 -19.29
N LEU A 12 3.96 -4.79 -19.51
CA LEU A 12 4.97 -5.41 -20.37
C LEU A 12 6.32 -5.60 -19.69
N SER A 13 6.45 -5.22 -18.42
CA SER A 13 7.70 -5.33 -17.69
C SER A 13 7.84 -6.71 -17.04
N ASP A 14 9.05 -7.06 -16.58
CA ASP A 14 9.25 -8.34 -15.88
C ASP A 14 8.49 -8.28 -14.55
N LEU A 15 8.68 -7.20 -13.80
CA LEU A 15 8.23 -7.00 -12.43
C LEU A 15 6.71 -7.14 -12.30
N PRO A 16 6.21 -7.66 -11.17
CA PRO A 16 4.81 -8.06 -11.02
C PRO A 16 3.86 -6.88 -11.16
N GLY A 17 2.63 -7.18 -11.53
CA GLY A 17 1.61 -6.16 -11.72
C GLY A 17 1.30 -5.42 -10.43
N PRO A 18 0.86 -4.16 -10.52
CA PRO A 18 0.50 -3.38 -9.34
C PRO A 18 -0.75 -3.99 -8.71
N PRO A 19 -0.82 -4.02 -7.37
CA PRO A 19 -2.10 -4.21 -6.69
C PRO A 19 -2.99 -2.99 -6.94
N SER A 20 -4.31 -3.18 -6.89
CA SER A 20 -5.29 -2.13 -7.16
C SER A 20 -5.37 -1.15 -5.98
N LYS A 21 -6.21 -0.10 -6.10
CA LYS A 21 -6.35 0.93 -5.05
C LYS A 21 -6.50 0.24 -3.70
N PRO A 22 -5.61 0.50 -2.73
CA PRO A 22 -5.85 0.06 -1.38
C PRO A 22 -7.08 0.80 -0.86
N GLN A 23 -7.95 0.07 -0.18
CA GLN A 23 -9.17 0.57 0.43
C GLN A 23 -9.10 0.33 1.91
N VAL A 24 -9.19 1.43 2.63
CA VAL A 24 -9.30 1.43 4.05
C VAL A 24 -10.63 0.79 4.43
N THR A 25 -10.65 0.14 5.58
CA THR A 25 -11.83 -0.46 6.15
C THR A 25 -11.92 0.03 7.59
N ASP A 26 -11.38 -0.73 8.54
CA ASP A 26 -11.23 -0.32 9.93
C ASP A 26 -10.24 0.82 10.02
N VAL A 27 -10.48 1.76 10.92
CA VAL A 27 -9.52 2.76 11.33
C VAL A 27 -9.67 3.00 12.82
N THR A 28 -8.54 3.20 13.51
CA THR A 28 -8.48 3.49 14.93
C THR A 28 -7.62 4.75 15.14
N LYS A 29 -7.27 5.04 16.39
CA LYS A 29 -6.42 6.19 16.72
C LYS A 29 -5.03 6.09 16.09
N ASN A 30 -4.54 4.90 15.76
CA ASN A 30 -3.21 4.77 15.17
C ASN A 30 -3.05 3.51 14.32
N SER A 31 -4.13 2.80 14.01
CA SER A 31 -4.13 1.78 12.98
C SER A 31 -5.14 2.11 11.89
N VAL A 32 -5.02 1.43 10.74
CA VAL A 32 -6.04 1.38 9.71
C VAL A 32 -5.84 0.07 8.95
N THR A 33 -6.92 -0.66 8.70
CA THR A 33 -6.93 -1.89 7.93
C THR A 33 -7.11 -1.54 6.46
N LEU A 34 -6.08 -1.82 5.67
CA LEU A 34 -6.06 -1.70 4.22
C LEU A 34 -6.42 -3.04 3.63
N SER A 35 -7.23 -3.00 2.60
CA SER A 35 -7.59 -4.09 1.71
C SER A 35 -7.12 -3.70 0.33
N TRP A 36 -6.56 -4.65 -0.41
CA TRP A 36 -6.32 -4.50 -1.84
C TRP A 36 -6.62 -5.81 -2.56
N GLN A 37 -6.63 -5.76 -3.89
CA GLN A 37 -6.63 -6.96 -4.72
C GLN A 37 -5.18 -7.25 -5.14
N PRO A 38 -4.79 -8.54 -5.21
CA PRO A 38 -3.45 -8.98 -5.57
C PRO A 38 -3.25 -8.83 -7.07
N GLY A 39 -2.17 -8.18 -7.51
CA GLY A 39 -1.79 -8.19 -8.91
C GLY A 39 -1.19 -9.54 -9.25
N THR A 40 -1.03 -9.77 -10.53
CA THR A 40 -0.70 -11.05 -11.10
C THR A 40 0.83 -11.26 -11.09
N PRO A 41 1.26 -12.53 -11.09
CA PRO A 41 2.65 -12.95 -11.29
C PRO A 41 3.10 -12.66 -12.73
N GLY A 42 4.14 -13.33 -13.22
CA GLY A 42 4.56 -13.22 -14.61
C GLY A 42 5.89 -13.93 -14.80
N THR A 43 6.95 -13.17 -15.07
CA THR A 43 8.29 -13.64 -15.25
C THR A 43 8.77 -14.38 -14.00
N LEU A 44 8.59 -13.77 -12.82
CA LEU A 44 9.03 -14.28 -11.54
C LEU A 44 7.98 -14.02 -10.45
N PRO A 45 7.87 -14.90 -9.47
CA PRO A 45 6.76 -14.96 -8.53
C PRO A 45 6.93 -13.87 -7.48
N ALA A 46 5.80 -13.27 -7.12
CA ALA A 46 5.68 -12.23 -6.12
C ALA A 46 6.06 -12.79 -4.76
N SER A 47 7.21 -12.35 -4.28
CA SER A 47 7.79 -12.65 -3.00
C SER A 47 6.88 -12.18 -1.87
N ALA A 48 6.61 -10.88 -1.75
CA ALA A 48 5.79 -10.33 -0.68
C ALA A 48 5.18 -9.02 -1.19
N TYR A 49 4.62 -8.24 -0.28
CA TYR A 49 4.26 -6.85 -0.50
C TYR A 49 4.99 -5.99 0.54
N ILE A 50 5.04 -4.68 0.27
CA ILE A 50 5.35 -3.60 1.19
C ILE A 50 4.08 -2.73 1.31
N ILE A 51 4.01 -1.90 2.36
CA ILE A 51 3.13 -0.75 2.44
C ILE A 51 4.02 0.44 2.76
N GLU A 52 3.87 1.51 1.99
CA GLU A 52 4.49 2.79 2.25
C GLU A 52 3.37 3.75 2.60
N ALA A 53 3.63 4.77 3.41
CA ALA A 53 2.70 5.82 3.78
C ALA A 53 3.40 7.14 3.53
N PHE A 54 2.63 8.21 3.41
CA PHE A 54 3.14 9.56 3.38
C PHE A 54 2.29 10.39 4.32
N SER A 55 2.89 11.40 4.95
CA SER A 55 2.20 12.36 5.77
C SER A 55 3.01 13.65 5.81
N GLN A 56 2.43 14.75 5.29
CA GLN A 56 3.11 16.04 5.28
C GLN A 56 3.14 16.68 6.66
N SER A 57 2.18 16.38 7.53
CA SER A 57 2.18 16.79 8.93
C SER A 57 3.06 15.88 9.79
N VAL A 58 3.94 15.11 9.17
CA VAL A 58 4.90 14.25 9.84
C VAL A 58 6.26 14.61 9.23
N SER A 59 6.54 14.23 7.98
CA SER A 59 7.87 14.44 7.41
C SER A 59 7.93 14.62 5.88
N ASN A 60 6.81 14.61 5.15
CA ASN A 60 6.78 14.69 3.69
C ASN A 60 7.77 13.69 3.06
N SER A 61 7.69 12.43 3.49
CA SER A 61 8.47 11.32 2.95
C SER A 61 7.54 10.13 2.76
N TRP A 62 7.78 9.32 1.74
CA TRP A 62 7.26 7.96 1.66
C TRP A 62 8.02 7.11 2.66
N GLN A 63 7.36 6.72 3.74
CA GLN A 63 7.87 5.91 4.84
C GLN A 63 7.41 4.48 4.62
N THR A 64 8.30 3.51 4.78
CA THR A 64 7.92 2.10 4.69
C THR A 64 7.26 1.69 6.01
N VAL A 65 5.93 1.74 6.07
CA VAL A 65 5.18 1.48 7.29
C VAL A 65 4.90 -0.01 7.50
N ALA A 66 5.04 -0.87 6.48
CA ALA A 66 5.12 -2.31 6.66
C ALA A 66 5.97 -2.89 5.53
N ASN A 67 6.67 -4.00 5.77
CA ASN A 67 7.38 -4.72 4.74
C ASN A 67 7.30 -6.22 4.96
N HIS A 68 7.58 -6.97 3.89
CA HIS A 68 7.39 -8.42 3.80
C HIS A 68 6.00 -8.84 4.32
N VAL A 69 4.95 -8.25 3.77
CA VAL A 69 3.56 -8.61 4.06
C VAL A 69 3.15 -9.66 3.03
N LYS A 70 2.59 -10.79 3.48
CA LYS A 70 2.19 -11.89 2.61
C LYS A 70 0.67 -12.06 2.55
N THR A 71 -0.06 -10.97 2.71
CA THR A 71 -1.51 -10.92 2.72
C THR A 71 -1.94 -9.71 1.89
N THR A 72 -3.24 -9.59 1.70
CA THR A 72 -3.90 -8.53 0.95
C THR A 72 -4.89 -7.74 1.82
N LEU A 73 -5.02 -8.10 3.10
CA LEU A 73 -5.80 -7.34 4.07
C LEU A 73 -4.96 -7.25 5.34
N TYR A 74 -4.36 -6.09 5.58
CA TYR A 74 -3.36 -5.87 6.61
C TYR A 74 -3.66 -4.58 7.36
N THR A 75 -3.26 -4.53 8.63
CA THR A 75 -3.49 -3.41 9.51
C THR A 75 -2.18 -2.63 9.63
N VAL A 76 -2.12 -1.48 8.99
CA VAL A 76 -1.09 -0.49 9.20
C VAL A 76 -1.19 -0.03 10.65
N ARG A 77 -0.05 0.23 11.30
CA ARG A 77 0.02 0.68 12.69
C ARG A 77 1.09 1.74 12.90
N GLY A 78 1.16 2.25 14.13
CA GLY A 78 2.16 3.22 14.57
C GLY A 78 1.84 4.64 14.11
N LEU A 79 0.63 4.89 13.61
CA LEU A 79 0.28 6.17 13.04
C LEU A 79 0.08 7.19 14.16
N ARG A 80 -0.24 8.42 13.77
CA ARG A 80 -0.57 9.51 14.68
C ARG A 80 -2.08 9.72 14.67
N PRO A 81 -2.73 9.93 15.80
CA PRO A 81 -4.17 10.14 15.85
C PRO A 81 -4.58 11.49 15.25
N ASN A 82 -5.76 11.52 14.63
CA ASN A 82 -6.37 12.65 13.93
C ASN A 82 -5.38 13.38 13.01
N THR A 83 -4.56 12.62 12.30
CA THR A 83 -3.54 13.07 11.36
C THR A 83 -3.77 12.30 10.07
N ILE A 84 -3.68 13.01 8.95
CA ILE A 84 -3.84 12.43 7.64
C ILE A 84 -2.62 11.60 7.29
N TYR A 85 -2.88 10.51 6.56
CA TYR A 85 -1.88 9.69 5.91
C TYR A 85 -2.40 9.26 4.54
N LEU A 86 -1.44 8.97 3.67
CA LEU A 86 -1.61 8.22 2.45
C LEU A 86 -0.97 6.88 2.61
N PHE A 87 -1.28 5.95 1.69
CA PHE A 87 -0.61 4.67 1.62
C PHE A 87 -0.49 4.19 0.18
N MET A 88 0.68 3.64 -0.19
CA MET A 88 0.89 2.80 -1.35
C MET A 88 1.05 1.37 -0.82
N VAL A 89 0.69 0.38 -1.61
CA VAL A 89 1.23 -0.97 -1.51
C VAL A 89 2.25 -1.08 -2.66
N ARG A 90 3.30 -1.89 -2.48
CA ARG A 90 4.15 -2.34 -3.59
C ARG A 90 4.16 -3.85 -3.50
N ALA A 91 4.10 -4.54 -4.64
CA ALA A 91 4.41 -5.96 -4.67
C ALA A 91 5.92 -6.08 -4.85
N ILE A 92 6.48 -7.15 -4.33
CA ILE A 92 7.91 -7.45 -4.31
C ILE A 92 8.13 -8.80 -4.96
N ASN A 93 9.31 -9.00 -5.54
CA ASN A 93 9.74 -10.25 -6.19
C ASN A 93 11.28 -10.36 -6.11
N PRO A 94 11.93 -11.38 -6.69
CA PRO A 94 13.38 -11.54 -6.62
C PRO A 94 14.20 -10.38 -7.23
N GLN A 95 13.59 -9.49 -8.00
CA GLN A 95 14.27 -8.56 -8.90
C GLN A 95 14.03 -7.09 -8.49
N GLY A 96 13.05 -6.81 -7.62
CA GLY A 96 12.68 -5.44 -7.27
C GLY A 96 11.25 -5.41 -6.77
N LEU A 97 10.53 -4.34 -7.10
CA LEU A 97 9.18 -4.04 -6.66
C LEU A 97 8.37 -3.45 -7.83
N SER A 98 7.04 -3.49 -7.72
CA SER A 98 6.07 -3.25 -8.78
C SER A 98 5.94 -1.79 -9.22
N ASP A 99 5.25 -1.57 -10.34
CA ASP A 99 4.42 -0.39 -10.56
C ASP A 99 3.81 0.08 -9.23
N PRO A 100 3.63 1.39 -9.03
CA PRO A 100 2.93 1.91 -7.86
C PRO A 100 1.47 1.48 -7.92
N SER A 101 0.94 0.96 -6.81
CA SER A 101 -0.51 0.86 -6.67
C SER A 101 -1.13 2.27 -6.73
N PRO A 102 -2.39 2.40 -7.13
CA PRO A 102 -3.10 3.67 -7.13
C PRO A 102 -3.21 4.22 -5.71
N MET A 103 -3.09 5.54 -5.53
CA MET A 103 -3.30 6.15 -4.24
C MET A 103 -4.64 5.78 -3.63
N SER A 104 -4.61 5.39 -2.36
CA SER A 104 -5.77 5.17 -1.50
C SER A 104 -6.64 6.44 -1.36
N ASP A 105 -6.09 7.61 -1.70
CA ASP A 105 -6.52 8.95 -1.25
C ASP A 105 -6.17 9.13 0.24
N PRO A 106 -6.12 10.36 0.80
CA PRO A 106 -5.69 10.60 2.17
C PRO A 106 -6.78 10.18 3.16
N VAL A 107 -6.47 9.26 4.07
CA VAL A 107 -7.31 8.91 5.21
C VAL A 107 -6.90 9.76 6.42
N ARG A 108 -7.80 9.91 7.38
CA ARG A 108 -7.51 10.36 8.73
C ARG A 108 -7.58 9.17 9.68
N THR A 109 -6.64 9.06 10.59
CA THR A 109 -6.82 8.26 11.81
C THR A 109 -7.90 8.88 12.67
N GLN A 110 -8.40 8.10 13.63
CA GLN A 110 -9.39 8.59 14.58
C GLN A 110 -8.69 9.38 15.68
N ASP A 111 -9.51 9.97 16.52
CA ASP A 111 -9.09 10.60 17.76
C ASP A 111 -8.61 9.54 18.76
N SER A 112 -7.85 9.98 19.78
CA SER A 112 -7.15 9.14 20.75
C SER A 112 -7.71 9.28 22.17
N GLY A 113 -8.92 9.79 22.33
CA GLY A 113 -9.61 9.85 23.61
C GLY A 113 -9.85 8.45 24.20
N PRO A 114 -10.37 8.35 25.43
CA PRO A 114 -10.61 7.09 26.11
C PRO A 114 -11.85 6.38 25.57
N SER A 115 -11.81 5.94 24.30
CA SER A 115 -12.85 5.14 23.66
C SER A 115 -13.09 3.85 24.46
N SER A 116 -14.30 3.32 24.36
CA SER A 116 -14.70 2.12 25.07
C SER A 116 -14.52 0.92 24.14
N GLY A 117 -13.33 0.35 24.10
CA GLY A 117 -12.95 -0.76 23.23
C GLY A 117 -11.59 -1.23 23.67
N GLY A 1 -9.22 6.68 -13.18
CA GLY A 1 -8.21 7.44 -13.93
C GLY A 1 -7.73 6.64 -15.14
N SER A 2 -7.03 7.29 -16.07
CA SER A 2 -6.70 6.73 -17.37
C SER A 2 -5.32 7.21 -17.80
N SER A 3 -4.34 6.31 -17.91
CA SER A 3 -3.05 6.57 -18.52
C SER A 3 -2.47 5.27 -19.08
N GLY A 4 -1.60 5.42 -20.07
CA GLY A 4 -0.60 4.45 -20.48
C GLY A 4 0.75 4.95 -19.98
N SER A 5 1.83 4.79 -20.77
CA SER A 5 3.07 5.53 -20.53
C SER A 5 2.93 6.94 -21.13
N SER A 6 3.86 7.84 -20.81
CA SER A 6 3.75 9.24 -21.18
C SER A 6 5.08 9.95 -20.92
N GLY A 7 6.01 9.91 -21.87
CA GLY A 7 7.34 10.49 -21.76
C GLY A 7 8.28 9.67 -20.87
N LYS A 8 7.77 9.05 -19.81
CA LYS A 8 8.40 7.87 -19.21
C LYS A 8 8.32 6.72 -20.20
N ASN A 9 9.20 5.74 -20.02
CA ASN A 9 9.26 4.49 -20.74
C ASN A 9 9.87 3.46 -19.78
N TYR A 10 9.74 2.19 -20.12
CA TYR A 10 10.46 1.09 -19.52
C TYR A 10 10.80 0.12 -20.64
N ASP A 11 9.91 -0.85 -20.91
CA ASP A 11 10.12 -2.06 -21.73
C ASP A 11 10.97 -3.08 -20.97
N LEU A 12 10.88 -4.35 -21.36
CA LEU A 12 11.56 -5.52 -20.82
C LEU A 12 11.44 -5.61 -19.28
N SER A 13 10.29 -5.20 -18.75
CA SER A 13 10.03 -4.98 -17.34
C SER A 13 9.65 -6.32 -16.68
N ASP A 14 10.64 -7.08 -16.20
CA ASP A 14 10.50 -8.39 -15.55
C ASP A 14 9.79 -8.33 -14.17
N LEU A 15 9.18 -7.21 -13.80
CA LEU A 15 8.54 -6.99 -12.51
C LEU A 15 7.05 -7.39 -12.60
N PRO A 16 6.40 -7.81 -11.50
CA PRO A 16 5.01 -8.27 -11.48
C PRO A 16 4.02 -7.17 -11.88
N GLY A 17 2.76 -7.53 -12.17
CA GLY A 17 1.67 -6.56 -12.26
C GLY A 17 1.45 -5.87 -10.90
N PRO A 18 1.05 -4.59 -10.87
CA PRO A 18 0.83 -3.86 -9.61
C PRO A 18 -0.50 -4.27 -8.94
N PRO A 19 -0.64 -4.06 -7.62
CA PRO A 19 -1.92 -4.15 -6.95
C PRO A 19 -2.84 -2.99 -7.36
N SER A 20 -4.15 -3.17 -7.14
CA SER A 20 -5.15 -2.13 -7.36
C SER A 20 -5.09 -1.06 -6.27
N LYS A 21 -5.76 0.09 -6.49
CA LYS A 21 -5.99 1.11 -5.47
C LYS A 21 -6.54 0.44 -4.19
N PRO A 22 -5.98 0.62 -2.98
CA PRO A 22 -6.51 0.02 -1.76
C PRO A 22 -7.69 0.77 -1.16
N GLN A 23 -8.42 0.02 -0.34
CA GLN A 23 -9.51 0.41 0.52
C GLN A 23 -9.01 0.37 1.93
N VAL A 24 -9.24 1.45 2.65
CA VAL A 24 -9.23 1.43 4.06
C VAL A 24 -10.49 0.69 4.51
N THR A 25 -10.43 0.10 5.69
CA THR A 25 -11.57 -0.52 6.33
C THR A 25 -11.59 -0.01 7.77
N ASP A 26 -10.94 -0.70 8.70
CA ASP A 26 -11.01 -0.40 10.12
C ASP A 26 -10.04 0.71 10.47
N VAL A 27 -10.50 1.84 11.01
CA VAL A 27 -9.64 2.95 11.42
C VAL A 27 -9.81 3.23 12.91
N THR A 28 -8.72 3.67 13.53
CA THR A 28 -8.61 3.98 14.95
C THR A 28 -7.74 5.23 15.09
N LYS A 29 -7.30 5.54 16.31
CA LYS A 29 -6.47 6.71 16.58
C LYS A 29 -5.09 6.66 15.91
N ASN A 30 -4.47 5.49 15.77
CA ASN A 30 -3.12 5.37 15.21
C ASN A 30 -2.90 4.07 14.47
N SER A 31 -3.97 3.38 14.10
CA SER A 31 -3.90 2.20 13.25
C SER A 31 -5.02 2.27 12.20
N VAL A 32 -4.81 1.69 11.02
CA VAL A 32 -5.81 1.55 9.97
C VAL A 32 -5.56 0.23 9.21
N THR A 33 -6.61 -0.55 8.99
CA THR A 33 -6.59 -1.70 8.10
C THR A 33 -6.71 -1.23 6.64
N LEU A 34 -5.94 -1.86 5.76
CA LEU A 34 -5.98 -1.74 4.30
C LEU A 34 -6.35 -3.10 3.74
N SER A 35 -7.12 -3.04 2.67
CA SER A 35 -7.62 -4.15 1.87
C SER A 35 -7.38 -3.77 0.40
N TRP A 36 -6.81 -4.66 -0.41
CA TRP A 36 -6.64 -4.47 -1.85
C TRP A 36 -6.96 -5.78 -2.57
N GLN A 37 -7.01 -5.75 -3.91
CA GLN A 37 -6.97 -6.96 -4.75
C GLN A 37 -5.61 -6.98 -5.46
N PRO A 38 -4.98 -8.16 -5.63
CA PRO A 38 -3.60 -8.28 -6.08
C PRO A 38 -3.50 -8.18 -7.60
N GLY A 39 -2.31 -7.91 -8.13
CA GLY A 39 -2.05 -7.82 -9.54
C GLY A 39 -1.67 -9.19 -10.11
N THR A 40 -1.63 -9.22 -11.43
CA THR A 40 -1.34 -10.36 -12.26
C THR A 40 0.11 -10.82 -12.06
N PRO A 41 0.36 -12.14 -12.18
CA PRO A 41 1.68 -12.74 -12.30
C PRO A 41 2.23 -12.73 -13.74
N GLY A 42 3.47 -13.17 -13.87
CA GLY A 42 4.24 -13.14 -15.11
C GLY A 42 5.57 -13.83 -14.92
N THR A 43 6.67 -13.10 -15.10
CA THR A 43 8.01 -13.60 -15.33
C THR A 43 8.60 -14.26 -14.10
N LEU A 44 8.34 -13.73 -12.91
CA LEU A 44 8.84 -14.29 -11.65
C LEU A 44 7.77 -14.28 -10.57
N PRO A 45 7.90 -15.13 -9.55
CA PRO A 45 6.99 -15.16 -8.42
C PRO A 45 7.19 -13.93 -7.54
N ALA A 46 6.25 -13.66 -6.65
CA ALA A 46 6.26 -12.47 -5.81
C ALA A 46 6.55 -12.89 -4.37
N SER A 47 7.63 -12.34 -3.82
CA SER A 47 8.27 -12.88 -2.63
C SER A 47 7.58 -12.38 -1.35
N ALA A 48 7.06 -11.15 -1.34
CA ALA A 48 6.17 -10.60 -0.33
C ALA A 48 5.57 -9.31 -0.92
N TYR A 49 4.91 -8.49 -0.11
CA TYR A 49 4.46 -7.14 -0.44
C TYR A 49 5.16 -6.14 0.50
N ILE A 50 5.08 -4.86 0.15
CA ILE A 50 5.43 -3.69 0.94
C ILE A 50 4.19 -2.80 0.95
N ILE A 51 4.07 -1.97 1.99
CA ILE A 51 3.12 -0.87 2.10
C ILE A 51 3.95 0.36 2.47
N GLU A 52 3.67 1.47 1.82
CA GLU A 52 4.27 2.77 2.09
C GLU A 52 3.16 3.72 2.52
N ALA A 53 3.49 4.76 3.28
CA ALA A 53 2.55 5.79 3.72
C ALA A 53 3.27 7.13 3.70
N PHE A 54 2.49 8.20 3.73
CA PHE A 54 2.92 9.58 3.81
C PHE A 54 1.96 10.30 4.75
N SER A 55 2.43 11.27 5.53
CA SER A 55 1.62 12.34 6.07
C SER A 55 2.38 13.65 5.86
N GLN A 56 1.69 14.78 6.02
CA GLN A 56 2.27 16.12 5.93
C GLN A 56 2.56 16.71 7.32
N SER A 57 2.54 15.87 8.34
CA SER A 57 2.68 16.22 9.76
C SER A 57 3.57 15.19 10.49
N VAL A 58 4.40 14.45 9.75
CA VAL A 58 5.22 13.36 10.27
C VAL A 58 6.69 13.68 9.97
N SER A 59 7.16 13.34 8.78
CA SER A 59 8.51 13.58 8.27
C SER A 59 8.45 14.00 6.79
N ASN A 60 7.25 14.26 6.28
CA ASN A 60 6.94 14.67 4.91
C ASN A 60 7.51 13.73 3.84
N SER A 61 7.79 12.48 4.17
CA SER A 61 8.35 11.49 3.25
C SER A 61 7.38 10.34 3.03
N TRP A 62 7.55 9.60 1.93
CA TRP A 62 7.04 8.25 1.82
C TRP A 62 7.92 7.37 2.68
N GLN A 63 7.34 6.44 3.42
CA GLN A 63 8.09 5.56 4.31
C GLN A 63 7.50 4.16 4.21
N THR A 64 8.35 3.14 4.20
CA THR A 64 7.96 1.73 4.29
C THR A 64 7.28 1.50 5.65
N VAL A 65 5.95 1.57 5.74
CA VAL A 65 5.21 1.37 6.98
C VAL A 65 4.91 -0.11 7.23
N ALA A 66 4.98 -0.96 6.21
CA ALA A 66 5.01 -2.40 6.38
C ALA A 66 5.95 -2.98 5.35
N ASN A 67 6.86 -3.85 5.78
CA ASN A 67 7.77 -4.59 4.91
C ASN A 67 7.47 -6.06 5.05
N HIS A 68 7.76 -6.84 4.01
CA HIS A 68 7.52 -8.28 3.91
C HIS A 68 6.13 -8.68 4.44
N VAL A 69 5.09 -8.26 3.73
CA VAL A 69 3.70 -8.62 4.02
C VAL A 69 3.30 -9.77 3.08
N LYS A 70 2.94 -10.92 3.64
CA LYS A 70 2.59 -12.11 2.85
C LYS A 70 1.11 -12.42 3.07
N THR A 71 0.30 -11.39 2.89
CA THR A 71 -1.15 -11.40 3.00
C THR A 71 -1.69 -10.26 2.12
N THR A 72 -3.02 -10.14 1.99
CA THR A 72 -3.72 -9.10 1.26
C THR A 72 -4.75 -8.34 2.11
N LEU A 73 -4.77 -8.51 3.45
CA LEU A 73 -5.16 -7.42 4.36
C LEU A 73 -4.10 -7.25 5.44
N TYR A 74 -3.80 -6.01 5.81
CA TYR A 74 -2.81 -5.65 6.83
C TYR A 74 -3.30 -4.42 7.58
N THR A 75 -2.91 -4.29 8.83
CA THR A 75 -3.19 -3.16 9.69
C THR A 75 -1.91 -2.38 9.92
N VAL A 76 -1.85 -1.19 9.31
CA VAL A 76 -0.87 -0.16 9.63
C VAL A 76 -1.06 0.19 11.10
N ARG A 77 0.04 0.41 11.82
CA ARG A 77 0.04 1.03 13.16
C ARG A 77 1.06 2.15 13.18
N GLY A 78 1.23 2.79 14.33
CA GLY A 78 2.34 3.70 14.55
C GLY A 78 2.11 5.02 13.82
N LEU A 79 0.87 5.48 13.82
CA LEU A 79 0.42 6.68 13.11
C LEU A 79 0.11 7.80 14.12
N ARG A 80 -0.33 8.94 13.60
CA ARG A 80 -0.74 10.12 14.37
C ARG A 80 -2.26 10.20 14.40
N PRO A 81 -2.90 10.55 15.52
CA PRO A 81 -4.35 10.74 15.60
C PRO A 81 -4.80 12.05 14.94
N ASN A 82 -6.08 12.13 14.57
CA ASN A 82 -6.74 13.28 13.94
C ASN A 82 -6.04 13.74 12.64
N THR A 83 -5.16 12.91 12.06
CA THR A 83 -4.18 13.28 11.04
C THR A 83 -4.42 12.49 9.77
N ILE A 84 -4.29 13.18 8.63
CA ILE A 84 -4.47 12.60 7.32
C ILE A 84 -3.24 11.81 6.93
N TYR A 85 -3.43 10.76 6.14
CA TYR A 85 -2.36 9.94 5.61
C TYR A 85 -2.71 9.51 4.19
N LEU A 86 -1.68 9.08 3.46
CA LEU A 86 -1.77 8.35 2.20
C LEU A 86 -1.00 7.07 2.33
N PHE A 87 -1.27 6.13 1.41
CA PHE A 87 -0.64 4.84 1.33
C PHE A 87 -0.33 4.45 -0.12
N MET A 88 0.65 3.58 -0.32
CA MET A 88 0.87 2.78 -1.52
C MET A 88 1.03 1.32 -1.09
N VAL A 89 0.97 0.40 -2.03
CA VAL A 89 1.33 -1.00 -1.87
C VAL A 89 2.24 -1.33 -3.06
N ARG A 90 3.22 -2.22 -2.88
CA ARG A 90 4.11 -2.72 -3.92
C ARG A 90 4.25 -4.22 -3.72
N ALA A 91 4.14 -5.02 -4.78
CA ALA A 91 4.43 -6.45 -4.73
C ALA A 91 5.92 -6.63 -4.97
N ILE A 92 6.62 -7.30 -4.08
CA ILE A 92 8.06 -7.54 -4.20
C ILE A 92 8.28 -8.80 -5.04
N ASN A 93 9.43 -8.88 -5.71
CA ASN A 93 9.83 -10.06 -6.48
C ASN A 93 11.35 -10.22 -6.43
N PRO A 94 11.92 -11.35 -6.88
CA PRO A 94 13.35 -11.62 -6.81
C PRO A 94 14.19 -10.78 -7.80
N GLN A 95 13.66 -9.68 -8.33
CA GLN A 95 14.39 -8.69 -9.10
C GLN A 95 14.25 -7.35 -8.38
N GLY A 96 13.05 -6.78 -8.28
CA GLY A 96 12.77 -5.52 -7.60
C GLY A 96 11.39 -5.56 -6.94
N LEU A 97 10.57 -4.55 -7.24
CA LEU A 97 9.23 -4.33 -6.72
C LEU A 97 8.37 -3.85 -7.88
N SER A 98 7.10 -4.22 -7.90
CA SER A 98 6.15 -3.85 -8.93
C SER A 98 5.77 -2.37 -8.79
N ASP A 99 5.14 -1.80 -9.82
CA ASP A 99 4.74 -0.40 -9.82
C ASP A 99 3.89 -0.11 -8.57
N PRO A 100 4.01 1.07 -7.95
CA PRO A 100 3.20 1.40 -6.78
C PRO A 100 1.73 1.41 -7.18
N SER A 101 0.87 0.76 -6.40
CA SER A 101 -0.57 0.90 -6.56
C SER A 101 -0.99 2.38 -6.52
N PRO A 102 -2.13 2.75 -7.11
CA PRO A 102 -2.77 4.03 -6.89
C PRO A 102 -2.85 4.36 -5.40
N MET A 103 -2.68 5.64 -5.04
CA MET A 103 -2.84 6.08 -3.66
C MET A 103 -4.23 5.74 -3.16
N SER A 104 -4.30 5.44 -1.87
CA SER A 104 -5.49 4.99 -1.16
C SER A 104 -6.62 6.02 -1.06
N ASP A 105 -6.51 7.23 -1.61
CA ASP A 105 -7.24 8.43 -1.16
C ASP A 105 -6.73 8.83 0.24
N PRO A 106 -6.81 10.11 0.64
CA PRO A 106 -6.43 10.55 1.96
C PRO A 106 -7.39 9.97 3.00
N VAL A 107 -6.93 9.08 3.88
CA VAL A 107 -7.68 8.67 5.07
C VAL A 107 -7.34 9.64 6.20
N ARG A 108 -8.13 9.64 7.26
CA ARG A 108 -7.81 10.27 8.54
C ARG A 108 -7.90 9.24 9.65
N THR A 109 -7.01 9.33 10.63
CA THR A 109 -7.16 8.63 11.89
C THR A 109 -8.25 9.27 12.75
N GLN A 110 -8.76 8.54 13.74
CA GLN A 110 -9.62 9.06 14.79
C GLN A 110 -8.76 9.77 15.85
N ASP A 111 -9.43 10.28 16.88
CA ASP A 111 -8.82 10.91 18.05
C ASP A 111 -8.32 9.86 19.06
N SER A 112 -7.52 10.27 20.06
CA SER A 112 -6.86 9.42 21.06
C SER A 112 -7.57 9.48 22.43
N GLY A 113 -8.90 9.55 22.47
CA GLY A 113 -9.67 9.58 23.71
C GLY A 113 -9.72 8.20 24.38
N PRO A 114 -10.10 8.12 25.66
CA PRO A 114 -10.27 6.85 26.37
C PRO A 114 -11.58 6.16 25.94
N SER A 115 -11.60 4.83 25.91
CA SER A 115 -12.78 4.00 25.72
C SER A 115 -12.50 2.63 26.33
N SER A 116 -13.21 2.31 27.41
CA SER A 116 -13.26 1.03 28.10
C SER A 116 -14.39 1.14 29.13
N GLY A 117 -14.61 0.06 29.84
CA GLY A 117 -15.43 -0.08 31.04
C GLY A 117 -14.98 -1.40 31.61
N GLY A 1 5.34 -3.84 -43.38
CA GLY A 1 6.26 -4.67 -42.57
C GLY A 1 7.34 -5.23 -43.48
N SER A 2 8.04 -6.26 -43.02
CA SER A 2 9.02 -7.00 -43.81
C SER A 2 8.88 -8.45 -43.33
N SER A 3 9.34 -8.72 -42.09
CA SER A 3 8.73 -9.76 -41.29
C SER A 3 7.29 -9.35 -40.95
N GLY A 4 6.51 -10.33 -40.47
CA GLY A 4 5.18 -10.14 -39.89
C GLY A 4 5.23 -10.34 -38.38
N SER A 5 4.05 -10.59 -37.80
CA SER A 5 3.77 -10.63 -36.36
C SER A 5 3.72 -9.20 -35.78
N SER A 6 3.43 -9.10 -34.48
CA SER A 6 3.33 -7.85 -33.75
C SER A 6 4.66 -7.08 -33.81
N GLY A 7 4.59 -5.76 -33.63
CA GLY A 7 5.70 -5.01 -33.07
C GLY A 7 5.92 -5.56 -31.67
N LYS A 8 7.07 -6.18 -31.41
CA LYS A 8 7.37 -6.85 -30.14
C LYS A 8 7.86 -5.80 -29.13
N ASN A 9 7.09 -4.74 -28.98
CA ASN A 9 7.42 -3.54 -28.22
C ASN A 9 7.24 -3.87 -26.74
N TYR A 10 8.23 -4.57 -26.18
CA TYR A 10 8.13 -5.38 -24.97
C TYR A 10 7.01 -6.42 -25.08
N ASP A 11 6.81 -7.21 -24.03
CA ASP A 11 5.73 -8.19 -23.88
C ASP A 11 5.75 -8.68 -22.43
N LEU A 12 4.88 -9.64 -22.06
CA LEU A 12 4.93 -10.55 -20.92
C LEU A 12 5.92 -10.10 -19.84
N SER A 13 5.51 -9.14 -19.03
CA SER A 13 6.28 -8.60 -17.92
C SER A 13 6.84 -9.72 -17.03
N ASP A 14 8.15 -9.64 -16.77
CA ASP A 14 8.87 -10.53 -15.87
C ASP A 14 8.45 -10.28 -14.40
N LEU A 15 7.88 -9.10 -14.10
CA LEU A 15 7.45 -8.65 -12.79
C LEU A 15 5.98 -9.01 -12.51
N PRO A 16 5.56 -9.03 -11.22
CA PRO A 16 4.16 -9.05 -10.85
C PRO A 16 3.53 -7.68 -11.17
N GLY A 17 2.25 -7.68 -11.53
CA GLY A 17 1.52 -6.46 -11.76
C GLY A 17 1.36 -5.66 -10.46
N PRO A 18 1.16 -4.34 -10.59
CA PRO A 18 0.83 -3.49 -9.47
C PRO A 18 -0.54 -3.94 -8.93
N PRO A 19 -0.73 -3.95 -7.60
CA PRO A 19 -2.04 -4.16 -7.01
C PRO A 19 -2.99 -3.01 -7.37
N SER A 20 -4.26 -3.19 -7.00
CA SER A 20 -5.28 -2.17 -7.08
C SER A 20 -4.97 -1.03 -6.09
N LYS A 21 -5.71 0.08 -6.17
CA LYS A 21 -5.81 1.03 -5.06
C LYS A 21 -6.14 0.24 -3.79
N PRO A 22 -5.37 0.35 -2.70
CA PRO A 22 -5.79 -0.21 -1.43
C PRO A 22 -7.03 0.55 -0.94
N GLN A 23 -7.99 -0.21 -0.47
CA GLN A 23 -9.07 0.29 0.35
C GLN A 23 -8.53 0.46 1.74
N VAL A 24 -9.32 1.21 2.48
CA VAL A 24 -9.10 1.54 3.89
C VAL A 24 -10.36 1.09 4.60
N THR A 25 -10.25 0.07 5.44
CA THR A 25 -11.41 -0.62 5.98
C THR A 25 -11.56 -0.30 7.46
N ASP A 26 -10.83 -0.98 8.33
CA ASP A 26 -10.72 -0.69 9.75
C ASP A 26 -9.91 0.59 9.92
N VAL A 27 -10.33 1.53 10.75
CA VAL A 27 -9.47 2.61 11.24
C VAL A 27 -9.76 2.85 12.73
N THR A 28 -8.73 3.00 13.56
CA THR A 28 -8.91 2.99 15.03
C THR A 28 -8.70 4.34 15.69
N LYS A 29 -7.43 4.78 15.79
CA LYS A 29 -6.93 6.13 16.07
C LYS A 29 -5.45 6.21 15.71
N ASN A 30 -4.72 5.09 15.75
CA ASN A 30 -3.33 4.97 15.33
C ASN A 30 -3.06 3.67 14.59
N SER A 31 -4.08 2.89 14.24
CA SER A 31 -3.99 1.86 13.24
C SER A 31 -5.08 2.02 12.18
N VAL A 32 -4.87 1.40 11.02
CA VAL A 32 -5.82 1.33 9.93
C VAL A 32 -5.52 0.03 9.17
N THR A 33 -6.53 -0.77 8.84
CA THR A 33 -6.37 -1.87 7.91
C THR A 33 -6.40 -1.31 6.48
N LEU A 34 -5.44 -1.75 5.69
CA LEU A 34 -5.39 -1.60 4.26
C LEU A 34 -5.73 -2.93 3.63
N SER A 35 -6.48 -2.87 2.52
CA SER A 35 -7.03 -4.04 1.85
C SER A 35 -6.91 -3.82 0.35
N TRP A 36 -6.07 -4.58 -0.34
CA TRP A 36 -5.82 -4.42 -1.78
C TRP A 36 -5.96 -5.77 -2.47
N GLN A 37 -5.95 -5.76 -3.80
CA GLN A 37 -6.03 -6.95 -4.62
C GLN A 37 -4.83 -6.99 -5.56
N PRO A 38 -4.30 -8.18 -5.86
CA PRO A 38 -3.11 -8.35 -6.69
C PRO A 38 -3.48 -8.10 -8.15
N GLY A 39 -2.56 -7.50 -8.92
CA GLY A 39 -2.68 -7.38 -10.37
C GLY A 39 -2.11 -8.62 -11.02
N THR A 40 -2.06 -8.62 -12.35
CA THR A 40 -1.77 -9.78 -13.14
C THR A 40 -0.39 -10.37 -12.77
N PRO A 41 -0.30 -11.69 -12.58
CA PRO A 41 0.96 -12.40 -12.44
C PRO A 41 1.84 -12.36 -13.71
N GLY A 42 2.91 -13.14 -13.69
CA GLY A 42 3.59 -13.62 -14.87
C GLY A 42 4.63 -14.62 -14.42
N THR A 43 5.82 -14.32 -14.86
CA THR A 43 6.98 -15.17 -15.00
C THR A 43 7.54 -15.66 -13.65
N LEU A 44 7.25 -14.93 -12.58
CA LEU A 44 7.54 -15.27 -11.19
C LEU A 44 6.27 -15.04 -10.35
N PRO A 45 6.28 -15.46 -9.07
CA PRO A 45 5.33 -15.03 -8.06
C PRO A 45 5.71 -13.61 -7.63
N ALA A 46 5.67 -13.36 -6.33
CA ALA A 46 6.08 -12.12 -5.70
C ALA A 46 6.47 -12.47 -4.27
N SER A 47 7.72 -12.21 -3.90
CA SER A 47 8.33 -12.66 -2.65
C SER A 47 7.61 -12.10 -1.41
N ALA A 48 7.12 -10.85 -1.48
CA ALA A 48 6.33 -10.23 -0.42
C ALA A 48 5.65 -8.98 -0.99
N TYR A 49 5.10 -8.14 -0.13
CA TYR A 49 4.67 -6.76 -0.36
C TYR A 49 5.40 -5.85 0.64
N ILE A 50 5.30 -4.56 0.41
CA ILE A 50 5.65 -3.41 1.24
C ILE A 50 4.40 -2.53 1.30
N ILE A 51 4.27 -1.72 2.34
CA ILE A 51 3.33 -0.60 2.41
C ILE A 51 4.15 0.63 2.82
N GLU A 52 3.88 1.75 2.17
CA GLU A 52 4.49 3.04 2.49
C GLU A 52 3.37 4.02 2.77
N ALA A 53 3.62 5.05 3.57
CA ALA A 53 2.67 6.10 3.91
C ALA A 53 3.39 7.44 3.94
N PHE A 54 2.83 8.42 3.23
CA PHE A 54 3.23 9.81 3.24
C PHE A 54 2.30 10.53 4.21
N SER A 55 2.78 11.61 4.84
CA SER A 55 1.98 12.34 5.83
C SER A 55 2.58 13.73 6.07
N GLN A 56 1.94 14.78 5.55
CA GLN A 56 2.51 16.12 5.58
C GLN A 56 2.72 16.66 6.99
N SER A 57 1.88 16.29 7.96
CA SER A 57 2.05 16.59 9.38
C SER A 57 2.51 15.34 10.15
N VAL A 58 3.54 14.68 9.62
CA VAL A 58 4.39 13.73 10.32
C VAL A 58 5.82 14.10 9.92
N SER A 59 6.29 13.52 8.83
CA SER A 59 7.64 13.66 8.29
C SER A 59 7.59 14.11 6.83
N ASN A 60 6.38 14.38 6.31
CA ASN A 60 6.09 14.64 4.91
C ASN A 60 6.34 13.39 4.09
N SER A 61 7.60 13.04 3.91
CA SER A 61 8.18 11.88 3.25
C SER A 61 7.41 10.58 3.42
N TRP A 62 7.51 9.74 2.37
CA TRP A 62 7.03 8.37 2.35
C TRP A 62 7.85 7.57 3.34
N GLN A 63 7.18 6.74 4.15
CA GLN A 63 7.81 5.93 5.18
C GLN A 63 7.31 4.51 5.00
N THR A 64 8.21 3.53 4.98
CA THR A 64 7.89 2.10 4.97
C THR A 64 7.22 1.79 6.30
N VAL A 65 5.88 1.82 6.31
CA VAL A 65 5.08 1.51 7.48
C VAL A 65 4.87 0.00 7.61
N ALA A 66 5.18 -0.80 6.58
CA ALA A 66 5.39 -2.23 6.69
C ALA A 66 6.33 -2.70 5.60
N ASN A 67 7.13 -3.74 5.87
CA ASN A 67 7.97 -4.39 4.88
C ASN A 67 7.73 -5.89 4.99
N HIS A 68 8.13 -6.63 3.95
CA HIS A 68 8.06 -8.09 3.83
C HIS A 68 6.73 -8.64 4.36
N VAL A 69 5.65 -8.23 3.70
CA VAL A 69 4.26 -8.52 3.99
C VAL A 69 3.80 -9.65 3.08
N LYS A 70 3.04 -10.60 3.60
CA LYS A 70 2.62 -11.81 2.87
C LYS A 70 1.11 -11.98 2.90
N THR A 71 0.38 -10.88 2.97
CA THR A 71 -1.06 -10.83 2.98
C THR A 71 -1.47 -9.62 2.17
N THR A 72 -2.66 -9.71 1.59
CA THR A 72 -3.28 -8.62 0.84
C THR A 72 -4.11 -7.71 1.76
N LEU A 73 -4.08 -7.99 3.07
CA LEU A 73 -4.80 -7.32 4.13
C LEU A 73 -3.83 -7.12 5.30
N TYR A 74 -3.60 -5.89 5.74
CA TYR A 74 -2.71 -5.63 6.88
C TYR A 74 -3.17 -4.44 7.71
N THR A 75 -3.07 -4.59 9.02
CA THR A 75 -3.25 -3.56 10.03
C THR A 75 -1.95 -2.75 10.13
N VAL A 76 -1.91 -1.58 9.50
CA VAL A 76 -0.88 -0.59 9.78
C VAL A 76 -1.07 -0.12 11.23
N ARG A 77 0.00 0.14 11.96
CA ARG A 77 -0.01 0.63 13.35
C ARG A 77 0.93 1.82 13.50
N GLY A 78 0.97 2.39 14.71
CA GLY A 78 2.03 3.31 15.10
C GLY A 78 1.80 4.69 14.50
N LEU A 79 0.56 5.00 14.15
CA LEU A 79 0.22 6.23 13.45
C LEU A 79 -0.25 7.25 14.47
N ARG A 80 -0.99 8.26 14.01
CA ARG A 80 -1.38 9.40 14.82
C ARG A 80 -2.84 9.71 14.60
N PRO A 81 -3.58 10.08 15.66
CA PRO A 81 -4.98 10.44 15.55
C PRO A 81 -5.13 11.81 14.87
N ASN A 82 -6.32 12.08 14.32
CA ASN A 82 -6.70 13.29 13.58
C ASN A 82 -5.60 13.77 12.62
N THR A 83 -5.01 12.84 11.85
CA THR A 83 -3.87 13.08 10.97
C THR A 83 -4.15 12.36 9.65
N ILE A 84 -4.03 13.08 8.54
CA ILE A 84 -4.03 12.50 7.21
C ILE A 84 -2.79 11.63 7.04
N TYR A 85 -2.99 10.56 6.30
CA TYR A 85 -1.95 9.79 5.64
C TYR A 85 -2.39 9.51 4.23
N LEU A 86 -1.40 9.24 3.38
CA LEU A 86 -1.58 8.46 2.18
C LEU A 86 -0.94 7.13 2.45
N PHE A 87 -1.28 6.15 1.63
CA PHE A 87 -0.66 4.85 1.62
C PHE A 87 -0.44 4.48 0.16
N MET A 88 0.62 3.73 -0.11
CA MET A 88 0.72 2.92 -1.31
C MET A 88 1.14 1.53 -0.88
N VAL A 89 1.05 0.60 -1.81
CA VAL A 89 1.57 -0.74 -1.70
C VAL A 89 2.66 -0.85 -2.77
N ARG A 90 3.61 -1.75 -2.53
CA ARG A 90 4.49 -2.30 -3.56
C ARG A 90 4.53 -3.79 -3.39
N ALA A 91 4.55 -4.54 -4.48
CA ALA A 91 4.90 -5.96 -4.43
C ALA A 91 6.43 -6.01 -4.50
N ILE A 92 7.02 -7.08 -3.96
CA ILE A 92 8.44 -7.38 -4.03
C ILE A 92 8.59 -8.65 -4.84
N ASN A 93 9.72 -8.79 -5.51
CA ASN A 93 10.11 -9.97 -6.27
C ASN A 93 11.62 -9.86 -6.51
N PRO A 94 12.34 -10.94 -6.83
CA PRO A 94 13.80 -10.93 -6.95
C PRO A 94 14.26 -10.30 -8.28
N GLN A 95 13.35 -9.68 -9.03
CA GLN A 95 13.57 -8.93 -10.27
C GLN A 95 13.12 -7.49 -10.11
N GLY A 96 12.92 -7.05 -8.86
CA GLY A 96 12.56 -5.70 -8.49
C GLY A 96 11.20 -5.67 -7.80
N LEU A 97 10.82 -4.47 -7.36
CA LEU A 97 9.50 -4.25 -6.82
C LEU A 97 8.56 -4.06 -8.00
N SER A 98 7.25 -4.12 -7.78
CA SER A 98 6.30 -3.77 -8.81
C SER A 98 6.28 -2.25 -9.02
N ASP A 99 5.65 -1.83 -10.11
CA ASP A 99 5.02 -0.49 -10.19
C ASP A 99 4.27 -0.21 -8.89
N PRO A 100 4.15 1.06 -8.45
CA PRO A 100 3.38 1.40 -7.26
C PRO A 100 1.90 1.14 -7.53
N SER A 101 1.14 0.77 -6.49
CA SER A 101 -0.30 0.85 -6.55
C SER A 101 -0.72 2.31 -6.75
N PRO A 102 -1.96 2.58 -7.16
CA PRO A 102 -2.60 3.86 -6.84
C PRO A 102 -2.50 4.13 -5.34
N MET A 103 -2.47 5.40 -4.94
CA MET A 103 -2.57 5.78 -3.53
C MET A 103 -3.97 5.47 -3.00
N SER A 104 -4.07 5.19 -1.69
CA SER A 104 -5.29 4.91 -0.92
C SER A 104 -6.30 6.06 -0.90
N ASP A 105 -5.91 7.21 -1.43
CA ASP A 105 -6.46 8.53 -1.16
C ASP A 105 -6.12 9.00 0.26
N PRO A 106 -6.12 10.32 0.56
CA PRO A 106 -5.68 10.84 1.84
C PRO A 106 -6.72 10.56 2.93
N VAL A 107 -6.48 9.53 3.73
CA VAL A 107 -7.36 9.10 4.81
C VAL A 107 -6.94 9.78 6.10
N ARG A 108 -7.91 10.38 6.79
CA ARG A 108 -7.72 10.86 8.15
C ARG A 108 -7.83 9.68 9.09
N THR A 109 -7.26 9.82 10.26
CA THR A 109 -7.47 8.91 11.37
C THR A 109 -8.64 9.40 12.22
N GLN A 110 -9.06 8.51 13.11
CA GLN A 110 -10.02 8.81 14.14
C GLN A 110 -9.42 9.70 15.21
N ASP A 111 -10.33 10.01 16.11
CA ASP A 111 -10.08 10.61 17.41
C ASP A 111 -9.56 9.53 18.37
N SER A 112 -8.77 9.93 19.36
CA SER A 112 -8.01 9.00 20.17
C SER A 112 -8.69 8.55 21.49
N GLY A 113 -9.97 8.85 21.69
CA GLY A 113 -10.72 8.49 22.89
C GLY A 113 -11.08 6.99 22.93
N PRO A 114 -10.58 6.21 23.91
CA PRO A 114 -11.20 4.93 24.26
C PRO A 114 -12.52 5.17 25.03
N SER A 115 -13.33 4.13 25.18
CA SER A 115 -14.56 4.11 25.95
C SER A 115 -14.76 2.67 26.47
N SER A 116 -15.98 2.31 26.86
CA SER A 116 -16.35 0.97 27.32
C SER A 116 -17.78 0.65 26.89
N GLY A 117 -17.93 -0.35 26.04
CA GLY A 117 -19.15 -0.73 25.36
C GLY A 117 -18.77 -1.65 24.22
N GLY A 1 -7.94 2.98 -14.89
CA GLY A 1 -8.79 2.03 -15.61
C GLY A 1 -9.08 0.79 -14.78
N SER A 2 -10.23 0.17 -15.03
CA SER A 2 -10.46 -1.21 -14.64
C SER A 2 -9.64 -2.07 -15.61
N SER A 3 -8.71 -2.87 -15.05
CA SER A 3 -7.96 -3.95 -15.69
C SER A 3 -7.63 -3.69 -17.18
N GLY A 4 -6.77 -2.69 -17.41
CA GLY A 4 -6.40 -2.23 -18.73
C GLY A 4 -5.16 -2.94 -19.24
N SER A 5 -4.05 -2.21 -19.38
CA SER A 5 -2.82 -2.68 -20.00
C SER A 5 -2.26 -3.91 -19.30
N SER A 6 -2.53 -5.09 -19.85
CA SER A 6 -1.66 -6.26 -19.70
C SER A 6 -0.39 -6.02 -20.53
N GLY A 7 0.57 -6.94 -20.46
CA GLY A 7 1.73 -6.89 -21.33
C GLY A 7 2.73 -5.89 -20.78
N LYS A 8 3.30 -5.06 -21.67
CA LYS A 8 4.25 -4.00 -21.32
C LYS A 8 3.52 -2.84 -20.67
N ASN A 9 3.01 -3.04 -19.46
CA ASN A 9 2.61 -1.97 -18.57
C ASN A 9 3.87 -1.23 -18.16
N TYR A 10 3.90 0.04 -18.51
CA TYR A 10 4.99 0.99 -18.34
C TYR A 10 6.16 0.60 -19.23
N ASP A 11 6.98 -0.36 -18.80
CA ASP A 11 8.13 -0.88 -19.54
C ASP A 11 8.31 -2.36 -19.23
N LEU A 12 9.21 -3.01 -19.97
CA LEU A 12 9.41 -4.46 -20.09
C LEU A 12 9.84 -5.16 -18.80
N SER A 13 9.99 -4.43 -17.71
CA SER A 13 10.29 -4.89 -16.36
C SER A 13 9.67 -6.25 -16.02
N ASP A 14 10.51 -7.24 -15.72
CA ASP A 14 10.14 -8.55 -15.14
C ASP A 14 9.80 -8.34 -13.66
N LEU A 15 8.76 -7.54 -13.41
CA LEU A 15 8.22 -7.20 -12.10
C LEU A 15 6.71 -7.51 -12.13
N PRO A 16 6.07 -7.68 -10.97
CA PRO A 16 4.65 -8.01 -10.89
C PRO A 16 3.77 -6.93 -11.53
N GLY A 17 2.55 -7.30 -11.91
CA GLY A 17 1.53 -6.35 -12.27
C GLY A 17 1.14 -5.50 -11.05
N PRO A 18 0.70 -4.24 -11.23
CA PRO A 18 0.33 -3.38 -10.11
C PRO A 18 -0.79 -4.01 -9.25
N PRO A 19 -0.75 -3.87 -7.91
CA PRO A 19 -1.93 -4.13 -7.10
C PRO A 19 -3.05 -3.14 -7.44
N SER A 20 -4.26 -3.41 -6.95
CA SER A 20 -5.38 -2.49 -7.08
C SER A 20 -5.36 -1.52 -5.89
N LYS A 21 -6.11 -0.41 -6.02
CA LYS A 21 -6.15 0.64 -5.01
C LYS A 21 -6.60 0.05 -3.67
N PRO A 22 -5.85 0.20 -2.56
CA PRO A 22 -6.30 -0.28 -1.28
C PRO A 22 -7.53 0.47 -0.80
N GLN A 23 -8.23 -0.21 0.10
CA GLN A 23 -9.49 0.17 0.71
C GLN A 23 -9.35 -0.10 2.17
N VAL A 24 -9.46 0.96 2.94
CA VAL A 24 -9.46 0.92 4.35
C VAL A 24 -10.68 0.15 4.84
N THR A 25 -10.64 -0.29 6.09
CA THR A 25 -11.71 -1.04 6.74
C THR A 25 -11.84 -0.57 8.19
N ASP A 26 -10.98 -1.03 9.08
CA ASP A 26 -10.83 -0.56 10.45
C ASP A 26 -10.00 0.71 10.42
N VAL A 27 -10.31 1.70 11.27
CA VAL A 27 -9.40 2.77 11.63
C VAL A 27 -9.62 3.08 13.10
N THR A 28 -8.56 3.47 13.81
CA THR A 28 -8.64 3.56 15.27
C THR A 28 -8.41 4.97 15.78
N LYS A 29 -7.21 5.49 15.52
CA LYS A 29 -6.62 6.77 15.91
C LYS A 29 -5.16 6.78 15.50
N ASN A 30 -4.48 5.64 15.55
CA ASN A 30 -3.09 5.48 15.14
C ASN A 30 -2.90 4.17 14.38
N SER A 31 -3.97 3.45 14.09
CA SER A 31 -3.93 2.26 13.26
C SER A 31 -5.05 2.33 12.23
N VAL A 32 -4.90 1.64 11.10
CA VAL A 32 -5.90 1.51 10.04
C VAL A 32 -5.62 0.22 9.29
N THR A 33 -6.65 -0.57 9.01
CA THR A 33 -6.55 -1.81 8.27
C THR A 33 -6.88 -1.54 6.80
N LEU A 34 -5.99 -1.99 5.93
CA LEU A 34 -6.02 -1.84 4.50
C LEU A 34 -6.22 -3.21 3.89
N SER A 35 -7.28 -3.33 3.11
CA SER A 35 -7.43 -4.37 2.11
C SER A 35 -6.90 -3.80 0.81
N TRP A 36 -6.33 -4.65 -0.02
CA TRP A 36 -6.21 -4.44 -1.46
C TRP A 36 -6.49 -5.76 -2.16
N GLN A 37 -6.58 -5.74 -3.48
CA GLN A 37 -6.58 -6.93 -4.32
C GLN A 37 -5.25 -6.98 -5.08
N PRO A 38 -4.71 -8.19 -5.30
CA PRO A 38 -3.34 -8.38 -5.78
C PRO A 38 -3.24 -8.21 -7.31
N GLY A 39 -2.05 -7.93 -7.83
CA GLY A 39 -1.77 -7.92 -9.27
C GLY A 39 -1.20 -9.25 -9.75
N THR A 40 -0.84 -9.32 -11.03
CA THR A 40 -0.32 -10.52 -11.69
C THR A 40 1.14 -10.80 -11.27
N PRO A 41 1.58 -12.06 -11.35
CA PRO A 41 2.98 -12.48 -11.37
C PRO A 41 3.56 -12.26 -12.78
N GLY A 42 3.69 -13.35 -13.56
CA GLY A 42 3.85 -13.39 -14.99
C GLY A 42 5.25 -13.86 -15.32
N THR A 43 6.13 -12.89 -15.49
CA THR A 43 7.56 -13.01 -15.70
C THR A 43 8.18 -13.83 -14.57
N LEU A 44 7.97 -13.38 -13.34
CA LEU A 44 8.35 -14.07 -12.12
C LEU A 44 7.18 -14.03 -11.14
N PRO A 45 7.16 -14.93 -10.15
CA PRO A 45 6.22 -14.92 -9.05
C PRO A 45 6.60 -13.82 -8.08
N ALA A 46 5.61 -13.33 -7.35
CA ALA A 46 5.85 -12.44 -6.24
C ALA A 46 6.59 -13.16 -5.12
N SER A 47 7.18 -12.38 -4.24
CA SER A 47 8.04 -12.75 -3.13
C SER A 47 7.41 -12.28 -1.82
N ALA A 48 6.89 -11.05 -1.77
CA ALA A 48 6.07 -10.53 -0.69
C ALA A 48 5.44 -9.21 -1.17
N TYR A 49 4.91 -8.40 -0.25
CA TYR A 49 4.40 -7.05 -0.47
C TYR A 49 5.04 -6.12 0.57
N ILE A 50 4.99 -4.83 0.29
CA ILE A 50 5.34 -3.71 1.16
C ILE A 50 4.13 -2.78 1.16
N ILE A 51 4.00 -1.97 2.21
CA ILE A 51 3.20 -0.75 2.21
C ILE A 51 4.16 0.36 2.59
N GLU A 52 4.07 1.47 1.88
CA GLU A 52 4.66 2.75 2.22
C GLU A 52 3.51 3.67 2.60
N ALA A 53 3.76 4.66 3.45
CA ALA A 53 2.82 5.69 3.83
C ALA A 53 3.55 7.01 3.85
N PHE A 54 2.80 8.08 3.69
CA PHE A 54 3.26 9.46 3.73
C PHE A 54 2.29 10.23 4.62
N SER A 55 2.75 11.30 5.25
CA SER A 55 1.90 12.34 5.78
C SER A 55 2.72 13.61 5.78
N GLN A 56 2.13 14.69 5.30
CA GLN A 56 2.80 15.97 5.26
C GLN A 56 3.01 16.58 6.65
N SER A 57 2.25 16.11 7.66
CA SER A 57 2.31 16.56 9.04
C SER A 57 3.06 15.58 9.97
N VAL A 58 3.59 14.46 9.45
CA VAL A 58 4.52 13.59 10.16
C VAL A 58 5.92 14.06 9.78
N SER A 59 6.42 13.68 8.60
CA SER A 59 7.74 14.10 8.13
C SER A 59 7.71 14.68 6.73
N ASN A 60 6.58 14.65 6.02
CA ASN A 60 6.53 14.99 4.59
C ASN A 60 7.53 14.08 3.84
N SER A 61 7.46 12.78 4.15
CA SER A 61 8.37 11.72 3.71
C SER A 61 7.54 10.47 3.45
N TRP A 62 7.84 9.73 2.40
CA TRP A 62 7.38 8.35 2.26
C TRP A 62 8.27 7.49 3.15
N GLN A 63 7.65 6.66 3.99
CA GLN A 63 8.31 5.65 4.80
C GLN A 63 7.66 4.32 4.53
N THR A 64 8.42 3.24 4.70
CA THR A 64 7.87 1.89 4.74
C THR A 64 7.09 1.75 6.06
N VAL A 65 5.89 1.17 6.01
CA VAL A 65 5.02 0.92 7.18
C VAL A 65 4.47 -0.51 7.19
N ALA A 66 4.81 -1.34 6.20
CA ALA A 66 4.65 -2.78 6.22
C ALA A 66 5.73 -3.36 5.32
N ASN A 67 6.36 -4.46 5.71
CA ASN A 67 7.46 -5.05 4.96
C ASN A 67 7.39 -6.57 5.00
N HIS A 68 7.74 -7.23 3.90
CA HIS A 68 7.48 -8.64 3.62
C HIS A 68 6.09 -9.06 4.14
N VAL A 69 5.02 -8.47 3.61
CA VAL A 69 3.66 -8.90 3.88
C VAL A 69 3.32 -10.01 2.88
N LYS A 70 2.72 -11.11 3.34
CA LYS A 70 2.37 -12.27 2.51
C LYS A 70 0.85 -12.48 2.55
N THR A 71 0.11 -11.38 2.38
CA THR A 71 -1.35 -11.35 2.37
C THR A 71 -1.77 -10.08 1.63
N THR A 72 -3.07 -9.80 1.61
CA THR A 72 -3.72 -8.68 0.97
C THR A 72 -4.58 -7.88 1.97
N LEU A 73 -4.59 -8.25 3.27
CA LEU A 73 -5.11 -7.40 4.35
C LEU A 73 -4.00 -7.18 5.38
N TYR A 74 -3.75 -5.95 5.80
CA TYR A 74 -2.75 -5.59 6.81
C TYR A 74 -3.24 -4.41 7.63
N THR A 75 -2.81 -4.33 8.88
CA THR A 75 -3.16 -3.32 9.84
C THR A 75 -1.94 -2.44 10.07
N VAL A 76 -1.94 -1.26 9.46
CA VAL A 76 -0.98 -0.21 9.75
C VAL A 76 -1.20 0.19 11.21
N ARG A 77 -0.12 0.47 11.94
CA ARG A 77 -0.12 1.01 13.30
C ARG A 77 0.89 2.14 13.36
N GLY A 78 1.06 2.72 14.55
CA GLY A 78 2.14 3.66 14.82
C GLY A 78 1.93 5.01 14.15
N LEU A 79 0.69 5.35 13.80
CA LEU A 79 0.34 6.59 13.14
C LEU A 79 0.01 7.64 14.19
N ARG A 80 -0.49 8.78 13.74
CA ARG A 80 -0.93 9.91 14.57
C ARG A 80 -2.43 10.10 14.37
N PRO A 81 -3.18 10.46 15.41
CA PRO A 81 -4.59 10.77 15.32
C PRO A 81 -4.83 12.14 14.68
N ASN A 82 -6.04 12.34 14.12
CA ASN A 82 -6.46 13.52 13.36
C ASN A 82 -5.42 13.93 12.31
N THR A 83 -4.72 12.95 11.72
CA THR A 83 -3.63 13.14 10.78
C THR A 83 -4.01 12.34 9.53
N ILE A 84 -3.91 13.00 8.38
CA ILE A 84 -4.10 12.38 7.09
C ILE A 84 -2.86 11.56 6.81
N TYR A 85 -3.05 10.50 6.03
CA TYR A 85 -1.98 9.72 5.46
C TYR A 85 -2.25 9.51 3.99
N LEU A 86 -1.24 9.00 3.30
CA LEU A 86 -1.38 8.20 2.10
C LEU A 86 -0.76 6.86 2.39
N PHE A 87 -1.17 5.84 1.64
CA PHE A 87 -0.63 4.49 1.65
C PHE A 87 -0.39 4.10 0.20
N MET A 88 0.66 3.31 -0.04
CA MET A 88 1.09 2.87 -1.35
C MET A 88 1.59 1.44 -1.20
N VAL A 89 0.96 0.49 -1.88
CA VAL A 89 1.31 -0.91 -1.85
C VAL A 89 2.23 -1.19 -3.02
N ARG A 90 3.48 -1.51 -2.73
CA ARG A 90 4.35 -2.12 -3.72
C ARG A 90 4.31 -3.62 -3.45
N ALA A 91 4.19 -4.44 -4.48
CA ALA A 91 4.46 -5.86 -4.34
C ALA A 91 5.97 -6.03 -4.55
N ILE A 92 6.50 -7.19 -4.20
CA ILE A 92 7.90 -7.55 -4.34
C ILE A 92 7.98 -8.88 -5.09
N ASN A 93 9.07 -9.07 -5.81
CA ASN A 93 9.40 -10.29 -6.56
C ASN A 93 10.93 -10.51 -6.48
N PRO A 94 11.48 -11.58 -7.07
CA PRO A 94 12.92 -11.84 -7.04
C PRO A 94 13.80 -10.75 -7.68
N GLN A 95 13.25 -9.75 -8.38
CA GLN A 95 14.02 -8.77 -9.15
C GLN A 95 13.93 -7.35 -8.57
N GLY A 96 12.80 -6.98 -7.98
CA GLY A 96 12.55 -5.61 -7.54
C GLY A 96 11.18 -5.50 -6.89
N LEU A 97 10.62 -4.29 -6.89
CA LEU A 97 9.26 -4.01 -6.46
C LEU A 97 8.37 -3.77 -7.69
N SER A 98 7.08 -4.11 -7.59
CA SER A 98 6.11 -3.81 -8.63
C SER A 98 5.81 -2.32 -8.63
N ASP A 99 5.17 -1.85 -9.72
CA ASP A 99 4.75 -0.47 -9.95
C ASP A 99 4.24 0.20 -8.67
N PRO A 100 4.46 1.51 -8.52
CA PRO A 100 3.79 2.32 -7.53
C PRO A 100 2.28 2.35 -7.83
N SER A 101 1.53 1.58 -7.04
CA SER A 101 0.08 1.47 -7.02
C SER A 101 -0.66 2.82 -7.01
N PRO A 102 -1.98 2.81 -7.27
CA PRO A 102 -2.87 3.87 -6.79
C PRO A 102 -2.71 4.05 -5.28
N MET A 103 -2.63 5.29 -4.79
CA MET A 103 -2.67 5.55 -3.35
C MET A 103 -4.03 5.12 -2.78
N SER A 104 -4.11 4.98 -1.46
CA SER A 104 -5.37 4.76 -0.74
C SER A 104 -6.35 5.92 -0.80
N ASP A 105 -5.96 7.03 -1.44
CA ASP A 105 -6.54 8.37 -1.26
C ASP A 105 -6.34 8.85 0.19
N PRO A 106 -6.31 10.18 0.42
CA PRO A 106 -5.91 10.75 1.70
C PRO A 106 -6.93 10.45 2.79
N VAL A 107 -6.67 9.42 3.61
CA VAL A 107 -7.57 8.96 4.66
C VAL A 107 -7.14 9.51 6.02
N ARG A 108 -8.11 9.85 6.85
CA ARG A 108 -7.87 10.39 8.18
C ARG A 108 -7.85 9.29 9.21
N THR A 109 -7.06 9.46 10.25
CA THR A 109 -7.26 8.75 11.50
C THR A 109 -8.37 9.44 12.30
N GLN A 110 -9.08 8.67 13.14
CA GLN A 110 -10.24 9.09 13.94
C GLN A 110 -9.86 10.22 14.93
N ASP A 111 -9.59 9.85 16.18
CA ASP A 111 -9.26 10.73 17.31
C ASP A 111 -8.93 9.83 18.48
N SER A 112 -8.13 10.29 19.43
CA SER A 112 -7.60 9.51 20.54
C SER A 112 -8.19 9.94 21.88
N GLY A 113 -9.32 10.67 21.89
CA GLY A 113 -10.10 10.92 23.09
C GLY A 113 -10.68 9.61 23.64
N PRO A 114 -11.72 9.03 23.01
CA PRO A 114 -12.34 7.81 23.52
C PRO A 114 -11.34 6.66 23.46
N SER A 115 -11.46 5.72 24.41
CA SER A 115 -10.53 4.60 24.61
C SER A 115 -11.39 3.41 25.01
N SER A 116 -11.11 2.19 24.53
CA SER A 116 -12.01 1.06 24.67
C SER A 116 -11.26 -0.27 24.71
N GLY A 117 -10.91 -0.67 25.92
CA GLY A 117 -10.42 -1.96 26.33
C GLY A 117 -10.13 -1.83 27.82
N GLY A 1 -15.17 -8.00 3.75
CA GLY A 1 -15.21 -8.05 2.29
C GLY A 1 -13.85 -7.70 1.71
N SER A 2 -13.59 -8.14 0.48
CA SER A 2 -12.40 -7.83 -0.30
C SER A 2 -12.75 -8.04 -1.77
N SER A 3 -12.82 -6.95 -2.53
CA SER A 3 -12.66 -6.96 -3.98
C SER A 3 -12.24 -5.55 -4.44
N GLY A 4 -11.85 -5.41 -5.70
CA GLY A 4 -11.51 -4.16 -6.35
C GLY A 4 -12.27 -4.04 -7.67
N SER A 5 -11.82 -3.14 -8.54
CA SER A 5 -12.21 -3.19 -9.94
C SER A 5 -11.70 -4.49 -10.57
N SER A 6 -12.19 -4.75 -11.78
CA SER A 6 -11.48 -5.55 -12.78
C SER A 6 -10.11 -4.91 -13.06
N GLY A 7 -9.22 -5.62 -13.74
CA GLY A 7 -7.90 -5.10 -14.04
C GLY A 7 -6.88 -6.18 -14.33
N LYS A 8 -7.28 -7.26 -15.02
CA LYS A 8 -6.38 -8.33 -15.43
C LYS A 8 -6.17 -8.23 -16.94
N ASN A 9 -4.92 -8.35 -17.37
CA ASN A 9 -4.53 -8.89 -18.68
C ASN A 9 -3.27 -9.71 -18.41
N TYR A 10 -2.52 -10.13 -19.42
CA TYR A 10 -1.10 -10.41 -19.27
C TYR A 10 -0.34 -9.09 -19.43
N ASP A 11 0.96 -9.10 -19.16
CA ASP A 11 1.87 -7.96 -19.28
C ASP A 11 3.19 -8.47 -19.84
N LEU A 12 4.24 -7.64 -19.94
CA LEU A 12 5.53 -8.03 -20.53
C LEU A 12 6.68 -8.01 -19.52
N SER A 13 6.53 -7.25 -18.44
CA SER A 13 7.53 -7.11 -17.40
C SER A 13 7.87 -8.48 -16.81
N ASP A 14 9.13 -8.68 -16.42
CA ASP A 14 9.49 -9.89 -15.68
C ASP A 14 8.91 -9.89 -14.27
N LEU A 15 8.68 -8.69 -13.74
CA LEU A 15 8.08 -8.35 -12.47
C LEU A 15 6.56 -8.57 -12.51
N PRO A 16 5.92 -8.77 -11.34
CA PRO A 16 4.46 -8.81 -11.20
C PRO A 16 3.84 -7.45 -11.57
N GLY A 17 2.53 -7.42 -11.77
CA GLY A 17 1.77 -6.20 -11.94
C GLY A 17 1.46 -5.58 -10.56
N PRO A 18 1.15 -4.28 -10.53
CA PRO A 18 0.90 -3.55 -9.29
C PRO A 18 -0.39 -4.04 -8.61
N PRO A 19 -0.48 -3.91 -7.27
CA PRO A 19 -1.75 -4.12 -6.57
C PRO A 19 -2.78 -3.07 -7.00
N SER A 20 -4.07 -3.37 -6.83
CA SER A 20 -5.15 -2.44 -7.15
C SER A 20 -5.31 -1.42 -6.01
N LYS A 21 -6.22 -0.44 -6.16
CA LYS A 21 -6.45 0.56 -5.11
C LYS A 21 -6.78 -0.15 -3.80
N PRO A 22 -6.01 0.03 -2.73
CA PRO A 22 -6.45 -0.43 -1.42
C PRO A 22 -7.76 0.28 -1.06
N GLN A 23 -8.68 -0.46 -0.44
CA GLN A 23 -9.77 0.10 0.32
C GLN A 23 -9.22 0.49 1.67
N VAL A 24 -10.07 1.18 2.41
CA VAL A 24 -9.96 1.37 3.86
C VAL A 24 -11.19 0.71 4.47
N THR A 25 -11.04 -0.03 5.57
CA THR A 25 -12.18 -0.58 6.28
C THR A 25 -12.16 0.05 7.68
N ASP A 26 -11.64 -0.65 8.68
CA ASP A 26 -11.55 -0.20 10.06
C ASP A 26 -10.47 0.88 10.16
N VAL A 27 -10.70 1.88 10.99
CA VAL A 27 -9.71 2.90 11.29
C VAL A 27 -9.71 3.15 12.78
N THR A 28 -8.54 3.41 13.34
CA THR A 28 -8.38 3.73 14.74
C THR A 28 -7.66 5.07 14.81
N LYS A 29 -7.37 5.51 16.03
CA LYS A 29 -6.57 6.70 16.25
C LYS A 29 -5.08 6.47 15.97
N ASN A 30 -4.61 5.22 15.90
CA ASN A 30 -3.18 4.89 15.75
C ASN A 30 -2.96 3.76 14.71
N SER A 31 -4.00 3.27 14.04
CA SER A 31 -3.88 2.21 13.04
C SER A 31 -5.02 2.32 12.02
N VAL A 32 -4.92 1.60 10.90
CA VAL A 32 -5.97 1.52 9.88
C VAL A 32 -5.86 0.17 9.17
N THR A 33 -6.99 -0.40 8.77
CA THR A 33 -7.09 -1.69 8.13
C THR A 33 -7.38 -1.45 6.65
N LEU A 34 -6.52 -2.02 5.80
CA LEU A 34 -6.44 -1.80 4.36
C LEU A 34 -6.58 -3.13 3.61
N SER A 35 -7.44 -3.18 2.59
CA SER A 35 -7.77 -4.36 1.80
C SER A 35 -7.55 -3.99 0.35
N TRP A 36 -6.51 -4.55 -0.26
CA TRP A 36 -6.20 -4.36 -1.68
C TRP A 36 -6.46 -5.66 -2.42
N GLN A 37 -6.37 -5.63 -3.76
CA GLN A 37 -6.38 -6.86 -4.54
C GLN A 37 -5.02 -7.00 -5.27
N PRO A 38 -4.56 -8.23 -5.49
CA PRO A 38 -3.26 -8.53 -6.10
C PRO A 38 -3.32 -8.35 -7.61
N GLY A 39 -2.32 -7.69 -8.21
CA GLY A 39 -2.20 -7.55 -9.64
C GLY A 39 -1.81 -8.88 -10.29
N THR A 40 -1.68 -8.83 -11.60
CA THR A 40 -1.30 -9.93 -12.47
C THR A 40 0.11 -10.46 -12.11
N PRO A 41 0.43 -11.74 -12.42
CA PRO A 41 1.78 -12.31 -12.34
C PRO A 41 2.84 -11.57 -13.17
N GLY A 42 4.05 -12.12 -13.22
CA GLY A 42 5.13 -11.70 -14.09
C GLY A 42 5.69 -12.96 -14.75
N THR A 43 6.95 -12.86 -15.14
CA THR A 43 7.77 -14.05 -15.40
C THR A 43 8.17 -14.63 -14.04
N LEU A 44 8.65 -13.82 -13.11
CA LEU A 44 9.10 -14.29 -11.81
C LEU A 44 8.07 -13.97 -10.75
N PRO A 45 7.90 -14.88 -9.77
CA PRO A 45 6.77 -14.89 -8.88
C PRO A 45 6.98 -13.89 -7.75
N ALA A 46 5.86 -13.40 -7.25
CA ALA A 46 5.79 -12.63 -6.03
C ALA A 46 6.54 -13.31 -4.89
N SER A 47 7.50 -12.57 -4.34
CA SER A 47 8.13 -12.77 -3.06
C SER A 47 7.17 -12.29 -1.97
N ALA A 48 6.81 -11.00 -1.94
CA ALA A 48 6.06 -10.38 -0.85
C ALA A 48 5.38 -9.08 -1.34
N TYR A 49 5.03 -8.20 -0.42
CA TYR A 49 4.66 -6.82 -0.64
C TYR A 49 5.41 -5.92 0.34
N ILE A 50 5.35 -4.61 0.11
CA ILE A 50 5.75 -3.51 0.96
C ILE A 50 4.52 -2.61 1.13
N ILE A 51 4.51 -1.78 2.19
CA ILE A 51 3.59 -0.67 2.37
C ILE A 51 4.45 0.54 2.74
N GLU A 52 4.21 1.65 2.05
CA GLU A 52 4.67 2.96 2.45
C GLU A 52 3.48 3.79 2.90
N ALA A 53 3.73 4.91 3.57
CA ALA A 53 2.77 5.94 3.92
C ALA A 53 3.46 7.30 3.81
N PHE A 54 2.70 8.31 3.42
CA PHE A 54 3.06 9.72 3.46
C PHE A 54 1.91 10.38 4.21
N SER A 55 2.13 11.04 5.35
CA SER A 55 1.08 11.89 5.88
C SER A 55 0.97 13.16 5.06
N GLN A 56 1.98 14.01 5.23
CA GLN A 56 2.09 15.42 5.01
C GLN A 56 2.98 15.97 6.14
N SER A 57 2.62 15.79 7.43
CA SER A 57 3.10 16.68 8.50
C SER A 57 3.86 15.87 9.53
N VAL A 58 4.64 14.91 9.06
CA VAL A 58 5.25 13.86 9.86
C VAL A 58 6.77 14.02 9.67
N SER A 59 7.34 13.45 8.61
CA SER A 59 8.70 13.71 8.18
C SER A 59 8.79 14.04 6.68
N ASN A 60 7.66 14.40 6.05
CA ASN A 60 7.56 14.89 4.68
C ASN A 60 8.37 14.01 3.71
N SER A 61 8.12 12.71 3.78
CA SER A 61 8.62 11.68 2.87
C SER A 61 7.63 10.52 2.88
N TRP A 62 7.54 9.75 1.79
CA TRP A 62 7.06 8.38 1.88
C TRP A 62 8.01 7.61 2.80
N GLN A 63 7.49 6.79 3.70
CA GLN A 63 8.29 5.92 4.57
C GLN A 63 7.66 4.56 4.54
N THR A 64 8.47 3.53 4.64
CA THR A 64 7.99 2.15 4.66
C THR A 64 7.45 1.86 6.06
N VAL A 65 6.19 1.45 6.16
CA VAL A 65 5.51 1.21 7.43
C VAL A 65 5.03 -0.25 7.55
N ALA A 66 5.22 -1.08 6.52
CA ALA A 66 5.24 -2.53 6.63
C ALA A 66 6.12 -3.06 5.50
N ASN A 67 6.95 -4.08 5.77
CA ASN A 67 7.94 -4.54 4.80
C ASN A 67 7.91 -6.06 4.77
N HIS A 68 7.80 -6.64 3.57
CA HIS A 68 7.67 -8.07 3.33
C HIS A 68 6.39 -8.66 3.93
N VAL A 69 5.26 -8.08 3.52
CA VAL A 69 3.91 -8.47 3.90
C VAL A 69 3.48 -9.63 3.00
N LYS A 70 2.91 -10.68 3.59
CA LYS A 70 2.42 -11.89 2.95
C LYS A 70 0.94 -12.06 3.27
N THR A 71 0.16 -11.01 3.03
CA THR A 71 -1.29 -11.00 3.12
C THR A 71 -1.79 -9.94 2.11
N THR A 72 -3.10 -9.75 2.06
CA THR A 72 -3.79 -8.70 1.31
C THR A 72 -4.59 -7.79 2.25
N LEU A 73 -4.51 -8.05 3.56
CA LEU A 73 -5.23 -7.38 4.61
C LEU A 73 -4.22 -7.18 5.72
N TYR A 74 -3.70 -5.97 5.89
CA TYR A 74 -2.79 -5.61 6.96
C TYR A 74 -3.32 -4.38 7.67
N THR A 75 -3.24 -4.41 8.99
CA THR A 75 -3.50 -3.29 9.85
C THR A 75 -2.18 -2.51 9.96
N VAL A 76 -2.09 -1.37 9.28
CA VAL A 76 -1.00 -0.41 9.47
C VAL A 76 -1.13 0.12 10.90
N ARG A 77 -0.02 0.32 11.61
CA ARG A 77 0.01 0.69 13.03
C ARG A 77 0.91 1.91 13.26
N GLY A 78 1.00 2.37 14.51
CA GLY A 78 1.91 3.42 14.95
C GLY A 78 1.57 4.80 14.42
N LEU A 79 0.37 4.98 13.87
CA LEU A 79 -0.02 6.24 13.26
C LEU A 79 -0.34 7.26 14.32
N ARG A 80 -0.40 8.49 13.86
CA ARG A 80 -0.74 9.65 14.70
C ARG A 80 -2.25 9.90 14.57
N PRO A 81 -2.92 10.35 15.63
CA PRO A 81 -4.35 10.57 15.62
C PRO A 81 -4.70 11.88 14.93
N ASN A 82 -5.93 11.99 14.44
CA ASN A 82 -6.46 13.13 13.68
C ASN A 82 -5.59 13.50 12.47
N THR A 83 -4.67 12.66 12.02
CA THR A 83 -3.66 12.98 11.00
C THR A 83 -4.00 12.23 9.73
N ILE A 84 -3.98 12.97 8.61
CA ILE A 84 -4.11 12.38 7.29
C ILE A 84 -2.94 11.43 7.07
N TYR A 85 -3.20 10.35 6.35
CA TYR A 85 -2.18 9.53 5.75
C TYR A 85 -2.67 9.10 4.38
N LEU A 86 -1.67 8.91 3.55
CA LEU A 86 -1.69 8.14 2.34
C LEU A 86 -0.85 6.91 2.57
N PHE A 87 -1.07 5.93 1.70
CA PHE A 87 -0.47 4.60 1.74
C PHE A 87 -0.17 4.16 0.31
N MET A 88 1.06 3.76 -0.01
CA MET A 88 1.29 2.99 -1.23
C MET A 88 1.52 1.55 -0.79
N VAL A 89 1.24 0.62 -1.68
CA VAL A 89 1.57 -0.78 -1.59
C VAL A 89 2.45 -1.03 -2.82
N ARG A 90 3.57 -1.72 -2.66
CA ARG A 90 4.35 -2.26 -3.79
C ARG A 90 4.35 -3.76 -3.60
N ALA A 91 4.36 -4.53 -4.69
CA ALA A 91 4.67 -5.93 -4.63
C ALA A 91 6.18 -6.03 -4.68
N ILE A 92 6.70 -7.15 -4.20
CA ILE A 92 8.09 -7.53 -4.29
C ILE A 92 8.16 -8.89 -4.95
N ASN A 93 9.19 -9.07 -5.75
CA ASN A 93 9.56 -10.31 -6.41
C ASN A 93 11.07 -10.45 -6.31
N PRO A 94 11.66 -11.59 -6.70
CA PRO A 94 13.07 -11.87 -6.50
C PRO A 94 13.96 -11.21 -7.57
N GLN A 95 13.54 -10.08 -8.16
CA GLN A 95 14.31 -9.21 -9.05
C GLN A 95 14.15 -7.75 -8.64
N GLY A 96 12.94 -7.31 -8.29
CA GLY A 96 12.66 -5.95 -7.87
C GLY A 96 11.21 -5.75 -7.43
N LEU A 97 10.90 -4.50 -7.09
CA LEU A 97 9.60 -4.06 -6.58
C LEU A 97 8.69 -3.58 -7.72
N SER A 98 7.39 -3.43 -7.46
CA SER A 98 6.39 -3.10 -8.47
C SER A 98 6.22 -1.61 -8.71
N ASP A 99 5.52 -1.25 -9.78
CA ASP A 99 4.80 0.02 -9.84
C ASP A 99 4.01 0.21 -8.54
N PRO A 100 3.77 1.45 -8.10
CA PRO A 100 2.97 1.66 -6.91
C PRO A 100 1.51 1.26 -7.16
N SER A 101 0.80 0.92 -6.09
CA SER A 101 -0.65 0.91 -6.06
C SER A 101 -1.22 2.25 -6.51
N PRO A 102 -2.42 2.27 -7.09
CA PRO A 102 -3.27 3.45 -7.07
C PRO A 102 -3.46 3.93 -5.63
N MET A 103 -3.46 5.24 -5.39
CA MET A 103 -3.65 5.82 -4.08
C MET A 103 -5.00 5.38 -3.46
N SER A 104 -4.95 4.90 -2.21
CA SER A 104 -6.11 4.61 -1.37
C SER A 104 -6.93 5.88 -1.06
N ASP A 105 -6.35 7.08 -1.29
CA ASP A 105 -6.89 8.43 -1.13
C ASP A 105 -6.72 8.93 0.33
N PRO A 106 -6.63 10.25 0.62
CA PRO A 106 -6.15 10.74 1.92
C PRO A 106 -7.17 10.53 3.04
N VAL A 107 -6.98 9.44 3.79
CA VAL A 107 -7.79 9.08 4.94
C VAL A 107 -7.25 9.77 6.18
N ARG A 108 -8.09 9.98 7.19
CA ARG A 108 -7.70 10.49 8.51
C ARG A 108 -7.73 9.33 9.52
N THR A 109 -7.14 9.54 10.69
CA THR A 109 -7.24 8.66 11.85
C THR A 109 -8.20 9.27 12.85
N GLN A 110 -8.67 8.46 13.81
CA GLN A 110 -9.62 8.91 14.82
C GLN A 110 -8.96 9.81 15.87
N ASP A 111 -9.79 10.34 16.76
CA ASP A 111 -9.43 11.07 17.98
C ASP A 111 -8.67 10.15 18.92
N SER A 112 -7.79 10.71 19.76
CA SER A 112 -7.10 10.00 20.82
C SER A 112 -7.24 10.80 22.11
N GLY A 113 -8.45 10.75 22.68
CA GLY A 113 -8.81 11.34 23.95
C GLY A 113 -9.69 10.35 24.71
N PRO A 114 -10.97 10.66 24.99
CA PRO A 114 -11.86 9.78 25.74
C PRO A 114 -12.31 8.59 24.87
N SER A 115 -12.75 7.50 25.52
CA SER A 115 -13.44 6.40 24.84
C SER A 115 -14.18 5.53 25.85
N SER A 116 -15.14 4.71 25.37
CA SER A 116 -16.06 3.92 26.19
C SER A 116 -16.70 4.74 27.33
N GLY A 117 -17.01 6.01 27.07
CA GLY A 117 -17.68 6.93 27.97
C GLY A 117 -18.03 8.13 27.13
N GLY A 1 4.79 3.68 -20.86
CA GLY A 1 5.06 3.56 -22.31
C GLY A 1 5.41 4.89 -22.95
N SER A 2 6.01 4.85 -24.15
CA SER A 2 6.12 5.96 -25.10
C SER A 2 5.95 5.48 -26.56
N SER A 3 5.67 4.20 -26.80
CA SER A 3 5.39 3.64 -28.10
C SER A 3 4.36 2.52 -27.88
N GLY A 4 3.08 2.86 -27.92
CA GLY A 4 1.99 1.94 -27.59
C GLY A 4 1.65 2.10 -26.11
N SER A 5 0.43 2.51 -25.78
CA SER A 5 -0.05 2.68 -24.42
C SER A 5 -1.57 2.60 -24.38
N SER A 6 -2.15 1.64 -25.09
CA SER A 6 -3.60 1.47 -25.21
C SER A 6 -3.93 -0.03 -25.30
N GLY A 7 -5.22 -0.34 -25.14
CA GLY A 7 -5.70 -1.70 -24.96
C GLY A 7 -5.14 -2.24 -23.66
N LYS A 8 -4.65 -3.48 -23.68
CA LYS A 8 -3.88 -4.05 -22.59
C LYS A 8 -2.75 -4.88 -23.20
N ASN A 9 -1.75 -5.30 -22.43
CA ASN A 9 -0.82 -6.36 -22.86
C ASN A 9 -0.22 -7.05 -21.64
N TYR A 10 -0.08 -8.36 -21.71
CA TYR A 10 0.61 -9.16 -20.70
C TYR A 10 2.12 -8.87 -20.70
N ASP A 11 2.66 -8.52 -21.88
CA ASP A 11 4.06 -8.53 -22.23
C ASP A 11 4.71 -9.87 -21.83
N LEU A 12 6.04 -9.91 -21.77
CA LEU A 12 6.80 -10.98 -21.15
C LEU A 12 7.39 -10.46 -19.83
N SER A 13 6.69 -9.53 -19.16
CA SER A 13 7.20 -8.80 -18.01
C SER A 13 7.59 -9.77 -16.89
N ASP A 14 8.78 -9.60 -16.31
CA ASP A 14 9.25 -10.44 -15.23
C ASP A 14 8.61 -10.00 -13.91
N LEU A 15 8.53 -8.68 -13.70
CA LEU A 15 8.07 -8.05 -12.46
C LEU A 15 6.54 -8.14 -12.37
N PRO A 16 6.00 -8.37 -11.18
CA PRO A 16 4.57 -8.59 -11.00
C PRO A 16 3.78 -7.31 -11.29
N GLY A 17 2.57 -7.51 -11.82
CA GLY A 17 1.55 -6.49 -11.99
C GLY A 17 1.30 -5.78 -10.67
N PRO A 18 1.05 -4.45 -10.69
CA PRO A 18 0.85 -3.67 -9.49
C PRO A 18 -0.45 -4.09 -8.80
N PRO A 19 -0.53 -4.01 -7.45
CA PRO A 19 -1.78 -4.27 -6.74
C PRO A 19 -2.85 -3.24 -7.11
N SER A 20 -4.12 -3.57 -6.87
CA SER A 20 -5.24 -2.64 -7.00
C SER A 20 -5.14 -1.54 -5.95
N LYS A 21 -5.94 -0.47 -6.07
CA LYS A 21 -5.97 0.64 -5.11
C LYS A 21 -6.28 0.07 -3.71
N PRO A 22 -5.48 0.31 -2.66
CA PRO A 22 -5.85 -0.11 -1.33
C PRO A 22 -7.00 0.73 -0.81
N GLN A 23 -7.96 0.03 -0.20
CA GLN A 23 -9.01 0.61 0.62
C GLN A 23 -8.49 0.91 1.99
N VAL A 24 -9.32 1.65 2.70
CA VAL A 24 -9.20 1.98 4.11
C VAL A 24 -10.55 1.66 4.75
N THR A 25 -10.63 0.46 5.29
CA THR A 25 -11.81 -0.05 5.98
C THR A 25 -11.62 0.27 7.47
N ASP A 26 -11.00 -0.63 8.24
CA ASP A 26 -10.81 -0.49 9.67
C ASP A 26 -9.84 0.65 9.97
N VAL A 27 -10.21 1.61 10.81
CA VAL A 27 -9.35 2.68 11.31
C VAL A 27 -9.64 2.88 12.79
N THR A 28 -8.72 3.47 13.56
CA THR A 28 -8.88 3.51 15.02
C THR A 28 -8.53 4.84 15.69
N LYS A 29 -7.31 5.34 15.49
CA LYS A 29 -6.70 6.60 15.87
C LYS A 29 -5.19 6.54 15.58
N ASN A 30 -4.57 5.36 15.68
CA ASN A 30 -3.14 5.13 15.45
C ASN A 30 -2.88 3.82 14.69
N SER A 31 -3.92 3.09 14.28
CA SER A 31 -3.81 2.03 13.30
C SER A 31 -4.91 2.17 12.25
N VAL A 32 -4.66 1.64 11.07
CA VAL A 32 -5.62 1.55 9.99
C VAL A 32 -5.28 0.26 9.23
N THR A 33 -6.29 -0.45 8.77
CA THR A 33 -6.14 -1.65 7.99
C THR A 33 -6.26 -1.25 6.52
N LEU A 34 -5.47 -1.91 5.67
CA LEU A 34 -5.49 -1.76 4.22
C LEU A 34 -6.00 -3.07 3.63
N SER A 35 -6.86 -2.97 2.63
CA SER A 35 -7.45 -4.08 1.87
C SER A 35 -7.13 -3.76 0.41
N TRP A 36 -6.42 -4.62 -0.32
CA TRP A 36 -6.25 -4.45 -1.76
C TRP A 36 -6.41 -5.82 -2.41
N GLN A 37 -6.49 -5.87 -3.73
CA GLN A 37 -6.48 -7.13 -4.46
C GLN A 37 -5.21 -7.19 -5.32
N PRO A 38 -4.67 -8.39 -5.57
CA PRO A 38 -3.33 -8.55 -6.11
C PRO A 38 -3.34 -8.37 -7.62
N GLY A 39 -2.21 -7.95 -8.19
CA GLY A 39 -2.09 -7.67 -9.59
C GLY A 39 -1.84 -8.94 -10.39
N THR A 40 -1.80 -8.75 -11.70
CA THR A 40 -1.54 -9.75 -12.70
C THR A 40 -0.13 -10.31 -12.47
N PRO A 41 0.09 -11.58 -12.81
CA PRO A 41 1.42 -12.12 -12.82
C PRO A 41 2.30 -11.55 -13.94
N GLY A 42 3.52 -12.04 -13.93
CA GLY A 42 4.59 -11.92 -14.87
C GLY A 42 5.34 -13.24 -14.72
N THR A 43 6.57 -13.25 -15.17
CA THR A 43 7.40 -14.45 -15.26
C THR A 43 7.80 -14.95 -13.85
N LEU A 44 8.21 -14.06 -12.94
CA LEU A 44 8.75 -14.45 -11.64
C LEU A 44 7.69 -14.38 -10.54
N PRO A 45 7.82 -15.15 -9.45
CA PRO A 45 6.85 -15.22 -8.38
C PRO A 45 6.96 -13.99 -7.48
N ALA A 46 5.84 -13.63 -6.87
CA ALA A 46 5.76 -12.50 -5.95
C ALA A 46 6.31 -12.95 -4.59
N SER A 47 7.52 -12.53 -4.27
CA SER A 47 8.23 -12.73 -3.02
C SER A 47 7.41 -12.33 -1.79
N ALA A 48 6.89 -11.10 -1.76
CA ALA A 48 6.10 -10.51 -0.66
C ALA A 48 5.50 -9.19 -1.18
N TYR A 49 5.02 -8.31 -0.30
CA TYR A 49 4.59 -6.95 -0.62
C TYR A 49 5.30 -5.93 0.29
N ILE A 50 5.40 -4.67 -0.12
CA ILE A 50 5.73 -3.50 0.71
C ILE A 50 4.44 -2.70 0.91
N ILE A 51 4.35 -1.94 2.00
CA ILE A 51 3.36 -0.90 2.21
C ILE A 51 4.12 0.34 2.66
N GLU A 52 4.02 1.41 1.89
CA GLU A 52 4.50 2.73 2.24
C GLU A 52 3.30 3.54 2.71
N ALA A 53 3.55 4.56 3.52
CA ALA A 53 2.61 5.59 3.93
C ALA A 53 3.35 6.91 3.83
N PHE A 54 2.61 7.99 3.67
CA PHE A 54 3.12 9.35 3.71
C PHE A 54 2.19 10.12 4.61
N SER A 55 2.66 11.22 5.19
CA SER A 55 1.81 12.14 5.90
C SER A 55 2.49 13.50 5.95
N GLN A 56 1.76 14.50 5.47
CA GLN A 56 2.26 15.86 5.35
C GLN A 56 2.49 16.54 6.71
N SER A 57 1.84 16.04 7.77
CA SER A 57 1.92 16.61 9.11
C SER A 57 2.99 15.90 9.95
N VAL A 58 3.64 14.86 9.44
CA VAL A 58 4.38 13.87 10.22
C VAL A 58 5.87 14.04 9.92
N SER A 59 6.27 13.72 8.69
CA SER A 59 7.65 13.79 8.22
C SER A 59 7.73 14.26 6.76
N ASN A 60 6.59 14.45 6.07
CA ASN A 60 6.54 14.86 4.66
C ASN A 60 7.35 13.94 3.73
N SER A 61 7.44 12.65 4.07
CA SER A 61 8.18 11.62 3.33
C SER A 61 7.29 10.40 3.20
N TRP A 62 7.50 9.59 2.16
CA TRP A 62 7.04 8.22 2.20
C TRP A 62 7.95 7.47 3.17
N GLN A 63 7.36 6.55 3.96
CA GLN A 63 8.04 5.67 4.88
C GLN A 63 7.43 4.29 4.67
N THR A 64 8.28 3.28 4.55
CA THR A 64 7.86 1.89 4.44
C THR A 64 7.33 1.48 5.82
N VAL A 65 6.03 1.59 6.04
CA VAL A 65 5.38 1.31 7.32
C VAL A 65 5.24 -0.19 7.53
N ALA A 66 5.17 -0.99 6.45
CA ALA A 66 5.36 -2.43 6.52
C ALA A 66 6.25 -2.83 5.34
N ASN A 67 7.05 -3.86 5.55
CA ASN A 67 7.94 -4.45 4.57
C ASN A 67 7.78 -5.97 4.65
N HIS A 68 7.85 -6.65 3.50
CA HIS A 68 7.59 -8.08 3.35
C HIS A 68 6.29 -8.50 4.07
N VAL A 69 5.17 -7.98 3.59
CA VAL A 69 3.82 -8.42 3.96
C VAL A 69 3.50 -9.64 3.13
N LYS A 70 2.97 -10.68 3.77
CA LYS A 70 2.52 -11.91 3.15
C LYS A 70 1.03 -12.06 3.38
N THR A 71 0.26 -11.07 2.97
CA THR A 71 -1.19 -11.06 3.01
C THR A 71 -1.66 -9.98 2.04
N THR A 72 -2.97 -9.87 1.88
CA THR A 72 -3.64 -8.84 1.10
C THR A 72 -4.41 -7.86 2.02
N LEU A 73 -4.37 -8.08 3.34
CA LEU A 73 -5.20 -7.40 4.32
C LEU A 73 -4.39 -7.15 5.59
N TYR A 74 -3.89 -5.93 5.79
CA TYR A 74 -2.84 -5.62 6.78
C TYR A 74 -3.16 -4.40 7.61
N THR A 75 -3.14 -4.58 8.94
CA THR A 75 -3.18 -3.58 9.98
C THR A 75 -1.86 -2.80 10.04
N VAL A 76 -1.79 -1.61 9.44
CA VAL A 76 -0.74 -0.62 9.71
C VAL A 76 -0.96 -0.09 11.14
N ARG A 77 0.11 0.26 11.86
CA ARG A 77 0.04 0.80 13.23
C ARG A 77 1.07 1.90 13.40
N GLY A 78 1.14 2.45 14.62
CA GLY A 78 2.17 3.41 15.00
C GLY A 78 2.04 4.70 14.21
N LEU A 79 0.82 5.24 14.18
CA LEU A 79 0.45 6.42 13.39
C LEU A 79 0.05 7.54 14.36
N ARG A 80 -0.68 8.55 13.88
CA ARG A 80 -1.12 9.70 14.68
C ARG A 80 -2.61 9.95 14.49
N PRO A 81 -3.33 10.28 15.56
CA PRO A 81 -4.75 10.66 15.48
C PRO A 81 -4.93 12.02 14.82
N ASN A 82 -6.15 12.27 14.33
CA ASN A 82 -6.56 13.49 13.60
C ASN A 82 -5.59 13.88 12.48
N THR A 83 -4.79 12.95 11.97
CA THR A 83 -3.69 13.19 11.04
C THR A 83 -3.99 12.38 9.80
N ILE A 84 -4.08 13.07 8.66
CA ILE A 84 -4.16 12.46 7.35
C ILE A 84 -2.91 11.61 7.15
N TYR A 85 -3.09 10.50 6.44
CA TYR A 85 -2.02 9.74 5.82
C TYR A 85 -2.45 9.37 4.42
N LEU A 86 -1.46 9.05 3.59
CA LEU A 86 -1.60 8.27 2.37
C LEU A 86 -0.91 6.96 2.59
N PHE A 87 -1.22 6.00 1.74
CA PHE A 87 -0.67 4.66 1.72
C PHE A 87 -0.53 4.24 0.26
N MET A 88 0.54 3.50 -0.05
CA MET A 88 0.68 2.79 -1.31
C MET A 88 1.26 1.42 -1.04
N VAL A 89 0.90 0.43 -1.85
CA VAL A 89 1.38 -0.94 -1.75
C VAL A 89 2.27 -1.18 -2.97
N ARG A 90 3.27 -2.06 -2.82
CA ARG A 90 4.03 -2.62 -3.93
C ARG A 90 4.03 -4.11 -3.75
N ALA A 91 4.06 -4.85 -4.86
CA ALA A 91 4.42 -6.26 -4.85
C ALA A 91 5.93 -6.31 -4.96
N ILE A 92 6.54 -7.36 -4.42
CA ILE A 92 7.97 -7.57 -4.40
C ILE A 92 8.20 -8.92 -5.05
N ASN A 93 9.36 -9.10 -5.68
CA ASN A 93 9.74 -10.34 -6.38
C ASN A 93 11.27 -10.55 -6.24
N PRO A 94 11.84 -11.67 -6.71
CA PRO A 94 13.27 -11.97 -6.60
C PRO A 94 14.16 -11.19 -7.59
N GLN A 95 13.75 -9.98 -7.99
CA GLN A 95 14.39 -9.14 -9.00
C GLN A 95 14.34 -7.68 -8.55
N GLY A 96 13.15 -7.22 -8.20
CA GLY A 96 12.79 -5.84 -7.93
C GLY A 96 11.41 -5.81 -7.29
N LEU A 97 10.63 -4.77 -7.62
CA LEU A 97 9.28 -4.56 -7.14
C LEU A 97 8.38 -3.98 -8.23
N SER A 98 7.07 -3.99 -7.98
CA SER A 98 6.08 -3.48 -8.89
C SER A 98 6.08 -1.95 -8.89
N ASP A 99 5.42 -1.38 -9.91
CA ASP A 99 4.91 -0.02 -9.83
C ASP A 99 4.06 0.11 -8.55
N PRO A 100 3.95 1.31 -7.96
CA PRO A 100 3.08 1.52 -6.81
C PRO A 100 1.62 1.40 -7.25
N SER A 101 0.76 0.81 -6.42
CA SER A 101 -0.67 0.83 -6.64
C SER A 101 -1.22 2.28 -6.68
N PRO A 102 -2.43 2.51 -7.23
CA PRO A 102 -3.15 3.77 -7.11
C PRO A 102 -3.29 4.15 -5.63
N MET A 103 -2.94 5.37 -5.21
CA MET A 103 -2.98 5.79 -3.81
C MET A 103 -4.29 5.45 -3.12
N SER A 104 -4.22 5.25 -1.80
CA SER A 104 -5.37 5.00 -0.93
C SER A 104 -6.40 6.11 -0.91
N ASP A 105 -6.05 7.28 -1.45
CA ASP A 105 -6.63 8.58 -1.15
C ASP A 105 -6.30 8.94 0.31
N PRO A 106 -6.26 10.24 0.68
CA PRO A 106 -5.86 10.66 2.01
C PRO A 106 -6.93 10.27 3.02
N VAL A 107 -6.53 9.77 4.18
CA VAL A 107 -7.44 9.22 5.18
C VAL A 107 -7.16 9.79 6.56
N ARG A 108 -8.19 10.36 7.18
CA ARG A 108 -8.07 10.96 8.50
C ARG A 108 -8.32 9.90 9.54
N THR A 109 -7.38 9.79 10.47
CA THR A 109 -7.52 8.93 11.63
C THR A 109 -8.65 9.45 12.52
N GLN A 110 -9.22 8.56 13.36
CA GLN A 110 -10.30 8.94 14.27
C GLN A 110 -9.77 9.92 15.34
N ASP A 111 -10.70 10.44 16.13
CA ASP A 111 -10.47 11.55 17.06
C ASP A 111 -9.80 11.12 18.38
N SER A 112 -9.38 9.87 18.48
CA SER A 112 -8.78 9.21 19.62
C SER A 112 -9.68 9.19 20.87
N GLY A 113 -10.99 9.14 20.69
CA GLY A 113 -11.95 8.94 21.78
C GLY A 113 -13.01 7.93 21.34
N PRO A 114 -12.68 6.63 21.27
CA PRO A 114 -13.62 5.60 20.83
C PRO A 114 -14.73 5.34 21.84
N SER A 115 -15.66 4.46 21.47
CA SER A 115 -16.75 3.95 22.28
C SER A 115 -16.82 2.44 22.04
N SER A 116 -17.79 1.77 22.64
CA SER A 116 -18.09 0.35 22.47
C SER A 116 -19.58 0.24 22.21
N GLY A 117 -19.94 -0.20 21.01
CA GLY A 117 -21.32 -0.40 20.61
C GLY A 117 -21.86 -1.63 21.27
N GLY A 1 -3.73 6.99 -11.45
CA GLY A 1 -4.66 7.29 -12.55
C GLY A 1 -5.62 6.13 -12.76
N SER A 2 -6.78 6.20 -12.12
CA SER A 2 -7.55 5.02 -11.73
C SER A 2 -8.85 4.88 -12.55
N SER A 3 -8.99 5.66 -13.62
CA SER A 3 -10.10 5.58 -14.55
C SER A 3 -10.08 4.25 -15.32
N GLY A 4 -11.07 4.08 -16.20
CA GLY A 4 -10.88 3.29 -17.40
C GLY A 4 -10.17 4.17 -18.43
N SER A 5 -10.78 4.25 -19.62
CA SER A 5 -10.33 4.98 -20.81
C SER A 5 -9.18 4.23 -21.47
N SER A 6 -9.30 3.94 -22.77
CA SER A 6 -8.27 3.30 -23.59
C SER A 6 -6.90 3.90 -23.28
N GLY A 7 -5.94 3.02 -22.97
CA GLY A 7 -4.60 3.38 -22.55
C GLY A 7 -4.00 2.27 -21.68
N LYS A 8 -2.76 2.47 -21.21
CA LYS A 8 -1.84 1.49 -20.63
C LYS A 8 -1.48 0.36 -21.60
N ASN A 9 -0.47 -0.42 -21.23
CA ASN A 9 -0.04 -1.66 -21.88
C ASN A 9 0.65 -2.51 -20.82
N TYR A 10 -0.08 -3.50 -20.27
CA TYR A 10 0.39 -4.33 -19.17
C TYR A 10 1.57 -5.23 -19.56
N ASP A 11 1.64 -5.62 -20.84
CA ASP A 11 2.70 -6.42 -21.43
C ASP A 11 2.95 -7.72 -20.64
N LEU A 12 4.14 -8.32 -20.81
CA LEU A 12 4.68 -9.37 -19.99
C LEU A 12 5.97 -8.82 -19.41
N SER A 13 5.85 -8.00 -18.38
CA SER A 13 6.99 -7.51 -17.66
C SER A 13 7.62 -8.65 -16.85
N ASP A 14 8.87 -8.47 -16.45
CA ASP A 14 9.53 -9.41 -15.55
C ASP A 14 8.99 -9.28 -14.14
N LEU A 15 8.68 -8.05 -13.72
CA LEU A 15 8.13 -7.73 -12.42
C LEU A 15 6.61 -7.92 -12.43
N PRO A 16 5.98 -8.17 -11.27
CA PRO A 16 4.52 -8.30 -11.17
C PRO A 16 3.79 -7.03 -11.60
N GLY A 17 2.58 -7.17 -12.14
CA GLY A 17 1.67 -6.06 -12.39
C GLY A 17 1.13 -5.53 -11.05
N PRO A 18 0.83 -4.22 -10.94
CA PRO A 18 0.54 -3.59 -9.65
C PRO A 18 -0.85 -3.98 -9.08
N PRO A 19 -1.05 -3.89 -7.75
CA PRO A 19 -2.33 -4.16 -7.11
C PRO A 19 -3.42 -3.14 -7.49
N SER A 20 -4.64 -3.40 -7.01
CA SER A 20 -5.70 -2.41 -6.98
C SER A 20 -5.33 -1.21 -6.11
N LYS A 21 -6.16 -0.15 -6.15
CA LYS A 21 -6.23 0.82 -5.08
C LYS A 21 -6.44 0.10 -3.74
N PRO A 22 -5.70 0.42 -2.67
CA PRO A 22 -6.05 -0.04 -1.34
C PRO A 22 -7.39 0.53 -0.89
N GLN A 23 -8.12 -0.23 -0.08
CA GLN A 23 -9.37 0.15 0.55
C GLN A 23 -9.19 0.08 2.03
N VAL A 24 -9.34 1.25 2.63
CA VAL A 24 -9.43 1.43 4.04
C VAL A 24 -10.75 0.80 4.49
N THR A 25 -10.76 0.20 5.68
CA THR A 25 -11.96 -0.41 6.27
C THR A 25 -12.11 0.16 7.68
N ASP A 26 -11.44 -0.43 8.68
CA ASP A 26 -11.34 0.07 10.03
C ASP A 26 -10.39 1.25 10.07
N VAL A 27 -10.62 2.19 10.99
CA VAL A 27 -9.62 3.16 11.40
C VAL A 27 -9.78 3.39 12.90
N THR A 28 -8.65 3.54 13.58
CA THR A 28 -8.54 3.84 15.00
C THR A 28 -7.61 5.05 15.16
N LYS A 29 -7.25 5.39 16.39
CA LYS A 29 -6.41 6.55 16.64
C LYS A 29 -5.04 6.44 16.00
N ASN A 30 -4.42 5.25 15.96
CA ASN A 30 -3.08 5.13 15.40
C ASN A 30 -2.94 3.87 14.56
N SER A 31 -4.04 3.32 14.05
CA SER A 31 -4.01 2.21 13.11
C SER A 31 -5.16 2.35 12.11
N VAL A 32 -5.09 1.61 11.01
CA VAL A 32 -6.09 1.58 9.95
C VAL A 32 -5.92 0.23 9.26
N THR A 33 -7.03 -0.41 8.92
CA THR A 33 -7.02 -1.67 8.19
C THR A 33 -7.16 -1.34 6.72
N LEU A 34 -6.34 -2.00 5.89
CA LEU A 34 -6.28 -1.85 4.45
C LEU A 34 -6.47 -3.21 3.82
N SER A 35 -7.38 -3.30 2.85
CA SER A 35 -7.44 -4.39 1.86
C SER A 35 -6.87 -3.87 0.56
N TRP A 36 -6.31 -4.75 -0.27
CA TRP A 36 -6.19 -4.52 -1.70
C TRP A 36 -6.48 -5.86 -2.39
N GLN A 37 -6.61 -5.88 -3.71
CA GLN A 37 -6.71 -7.11 -4.46
C GLN A 37 -5.46 -7.25 -5.35
N PRO A 38 -4.97 -8.49 -5.55
CA PRO A 38 -3.66 -8.74 -6.13
C PRO A 38 -3.70 -8.56 -7.63
N GLY A 39 -2.64 -7.96 -8.18
CA GLY A 39 -2.37 -7.96 -9.60
C GLY A 39 -1.83 -9.32 -10.05
N THR A 40 -1.31 -9.36 -11.26
CA THR A 40 -0.71 -10.48 -11.94
C THR A 40 0.78 -10.56 -11.59
N PRO A 41 1.41 -11.72 -11.78
CA PRO A 41 2.86 -11.90 -11.77
C PRO A 41 3.49 -11.29 -13.04
N GLY A 42 4.78 -11.59 -13.24
CA GLY A 42 5.47 -11.40 -14.50
C GLY A 42 6.19 -12.71 -14.77
N THR A 43 7.33 -12.62 -15.43
CA THR A 43 8.25 -13.74 -15.62
C THR A 43 8.59 -14.37 -14.27
N LEU A 44 8.67 -13.58 -13.19
CA LEU A 44 8.97 -14.08 -11.86
C LEU A 44 7.71 -14.13 -11.00
N PRO A 45 7.73 -14.98 -9.96
CA PRO A 45 6.77 -14.92 -8.86
C PRO A 45 7.06 -13.69 -8.02
N ALA A 46 6.14 -13.40 -7.10
CA ALA A 46 6.31 -12.40 -6.06
C ALA A 46 6.80 -13.08 -4.79
N SER A 47 7.32 -12.24 -3.91
CA SER A 47 8.02 -12.59 -2.70
C SER A 47 7.23 -12.08 -1.49
N ALA A 48 6.78 -10.81 -1.52
CA ALA A 48 6.06 -10.20 -0.41
C ALA A 48 5.36 -8.92 -0.90
N TYR A 49 4.99 -8.05 0.03
CA TYR A 49 4.40 -6.75 -0.18
C TYR A 49 5.11 -5.75 0.76
N ILE A 50 5.20 -4.49 0.31
CA ILE A 50 5.67 -3.31 1.01
C ILE A 50 4.55 -2.29 0.92
N ILE A 51 3.94 -1.94 2.04
CA ILE A 51 2.98 -0.86 2.12
C ILE A 51 3.80 0.34 2.56
N GLU A 52 3.81 1.38 1.73
CA GLU A 52 4.39 2.66 2.10
C GLU A 52 3.24 3.62 2.39
N ALA A 53 3.49 4.64 3.22
CA ALA A 53 2.57 5.72 3.53
C ALA A 53 3.32 7.03 3.33
N PHE A 54 2.60 8.06 2.93
CA PHE A 54 3.06 9.45 2.97
C PHE A 54 2.25 10.16 4.04
N SER A 55 2.78 11.27 4.58
CA SER A 55 2.01 12.20 5.39
C SER A 55 2.70 13.58 5.32
N GLN A 56 1.89 14.64 5.31
CA GLN A 56 2.31 16.03 5.12
C GLN A 56 2.54 16.77 6.44
N SER A 57 2.25 16.13 7.57
CA SER A 57 2.45 16.67 8.93
C SER A 57 3.40 15.81 9.78
N VAL A 58 4.07 14.86 9.15
CA VAL A 58 4.85 13.81 9.79
C VAL A 58 6.32 13.98 9.43
N SER A 59 6.75 13.60 8.22
CA SER A 59 8.15 13.65 7.81
C SER A 59 8.33 14.08 6.34
N ASN A 60 7.25 14.47 5.66
CA ASN A 60 7.15 14.84 4.23
C ASN A 60 7.56 13.74 3.25
N SER A 61 7.90 12.55 3.73
CA SER A 61 8.47 11.43 2.99
C SER A 61 7.43 10.33 2.79
N TRP A 62 7.64 9.44 1.82
CA TRP A 62 7.07 8.09 1.92
C TRP A 62 7.93 7.30 2.90
N GLN A 63 7.31 6.42 3.67
CA GLN A 63 7.98 5.48 4.56
C GLN A 63 7.28 4.14 4.46
N THR A 64 8.04 3.07 4.62
CA THR A 64 7.48 1.73 4.63
C THR A 64 6.82 1.49 5.99
N VAL A 65 5.48 1.46 6.00
CA VAL A 65 4.69 1.27 7.20
C VAL A 65 4.30 -0.20 7.42
N ALA A 66 4.44 -1.06 6.40
CA ALA A 66 4.35 -2.51 6.59
C ALA A 66 5.20 -3.19 5.52
N ASN A 67 6.39 -3.65 5.90
CA ASN A 67 7.29 -4.34 4.98
C ASN A 67 7.09 -5.86 5.09
N HIS A 68 7.49 -6.52 4.02
CA HIS A 68 7.54 -7.96 3.81
C HIS A 68 6.26 -8.67 4.29
N VAL A 69 5.11 -8.11 3.92
CA VAL A 69 3.77 -8.60 4.19
C VAL A 69 3.45 -9.71 3.19
N LYS A 70 2.85 -10.81 3.62
CA LYS A 70 2.40 -11.88 2.75
C LYS A 70 0.90 -12.11 2.98
N THR A 71 0.12 -11.08 2.72
CA THR A 71 -1.33 -11.13 2.76
C THR A 71 -1.87 -9.98 1.90
N THR A 72 -3.19 -9.88 1.82
CA THR A 72 -3.90 -8.85 1.07
C THR A 72 -4.86 -8.06 1.96
N LEU A 73 -4.85 -8.30 3.28
CA LEU A 73 -5.44 -7.42 4.28
C LEU A 73 -4.43 -7.32 5.42
N TYR A 74 -4.09 -6.10 5.83
CA TYR A 74 -3.18 -5.85 6.96
C TYR A 74 -3.64 -4.57 7.66
N THR A 75 -3.37 -4.49 8.95
CA THR A 75 -3.67 -3.35 9.80
C THR A 75 -2.38 -2.57 10.01
N VAL A 76 -2.25 -1.44 9.31
CA VAL A 76 -1.16 -0.49 9.53
C VAL A 76 -1.26 -0.01 10.97
N ARG A 77 -0.11 0.10 11.65
CA ARG A 77 0.08 0.73 12.95
C ARG A 77 1.14 1.82 12.78
N GLY A 78 1.65 2.36 13.88
CA GLY A 78 2.80 3.27 13.87
C GLY A 78 2.45 4.71 13.53
N LEU A 79 1.18 5.12 13.67
CA LEU A 79 0.70 6.39 13.12
C LEU A 79 0.65 7.47 14.20
N ARG A 80 -0.03 8.57 13.88
CA ARG A 80 -0.40 9.66 14.78
C ARG A 80 -1.91 9.80 14.73
N PRO A 81 -2.56 10.30 15.79
CA PRO A 81 -4.00 10.50 15.79
C PRO A 81 -4.35 11.80 15.11
N ASN A 82 -5.59 11.88 14.62
CA ASN A 82 -6.13 12.96 13.81
C ASN A 82 -5.06 13.53 12.87
N THR A 83 -4.48 12.67 12.03
CA THR A 83 -3.42 12.95 11.07
C THR A 83 -3.79 12.19 9.80
N ILE A 84 -3.60 12.86 8.66
CA ILE A 84 -3.84 12.28 7.36
C ILE A 84 -2.67 11.39 6.97
N TYR A 85 -2.98 10.33 6.25
CA TYR A 85 -2.02 9.42 5.65
C TYR A 85 -2.53 8.97 4.29
N LEU A 86 -1.59 8.68 3.41
CA LEU A 86 -1.81 7.90 2.21
C LEU A 86 -1.18 6.56 2.39
N PHE A 87 -1.52 5.61 1.52
CA PHE A 87 -0.83 4.35 1.40
C PHE A 87 -0.68 4.01 -0.08
N MET A 88 0.40 3.30 -0.44
CA MET A 88 0.53 2.62 -1.71
C MET A 88 1.13 1.26 -1.41
N VAL A 89 0.83 0.29 -2.28
CA VAL A 89 1.11 -1.12 -2.08
C VAL A 89 2.05 -1.53 -3.21
N ARG A 90 3.31 -1.80 -2.88
CA ARG A 90 4.30 -2.38 -3.76
C ARG A 90 4.29 -3.88 -3.52
N ALA A 91 4.26 -4.71 -4.54
CA ALA A 91 4.55 -6.12 -4.40
C ALA A 91 6.06 -6.25 -4.57
N ILE A 92 6.71 -6.92 -3.63
CA ILE A 92 8.09 -7.29 -3.73
C ILE A 92 8.17 -8.62 -4.47
N ASN A 93 9.25 -8.83 -5.19
CA ASN A 93 9.55 -10.04 -5.94
C ASN A 93 11.06 -10.36 -5.81
N PRO A 94 11.57 -11.47 -6.36
CA PRO A 94 12.99 -11.82 -6.29
C PRO A 94 13.97 -10.88 -7.02
N GLN A 95 13.50 -9.77 -7.59
CA GLN A 95 14.22 -8.99 -8.61
C GLN A 95 14.06 -7.47 -8.42
N GLY A 96 13.07 -7.04 -7.63
CA GLY A 96 12.73 -5.64 -7.40
C GLY A 96 11.34 -5.56 -6.76
N LEU A 97 10.68 -4.43 -6.91
CA LEU A 97 9.34 -4.16 -6.42
C LEU A 97 8.52 -3.59 -7.58
N SER A 98 7.22 -3.87 -7.63
CA SER A 98 6.32 -3.48 -8.70
C SER A 98 6.02 -1.97 -8.68
N ASP A 99 5.42 -1.45 -9.76
CA ASP A 99 4.93 -0.07 -9.87
C ASP A 99 4.15 0.33 -8.62
N PRO A 100 4.08 1.63 -8.29
CA PRO A 100 3.19 2.08 -7.22
C PRO A 100 1.75 1.71 -7.61
N SER A 101 0.97 1.18 -6.66
CA SER A 101 -0.47 1.07 -6.81
C SER A 101 -1.09 2.48 -6.96
N PRO A 102 -2.39 2.57 -7.28
CA PRO A 102 -3.14 3.77 -6.94
C PRO A 102 -2.96 4.11 -5.46
N MET A 103 -2.92 5.40 -5.10
CA MET A 103 -3.00 5.84 -3.72
C MET A 103 -4.36 5.49 -3.16
N SER A 104 -4.39 5.10 -1.88
CA SER A 104 -5.59 4.69 -1.15
C SER A 104 -6.64 5.80 -0.95
N ASP A 105 -6.34 7.02 -1.41
CA ASP A 105 -6.93 8.31 -1.01
C ASP A 105 -6.48 8.64 0.43
N PRO A 106 -6.38 9.94 0.82
CA PRO A 106 -5.90 10.35 2.11
C PRO A 106 -6.92 10.00 3.19
N VAL A 107 -6.65 8.96 3.99
CA VAL A 107 -7.45 8.65 5.16
C VAL A 107 -7.06 9.61 6.29
N ARG A 108 -7.86 9.64 7.35
CA ARG A 108 -7.58 10.37 8.59
C ARG A 108 -7.72 9.39 9.74
N THR A 109 -6.71 9.33 10.62
CA THR A 109 -6.82 8.58 11.85
C THR A 109 -7.87 9.19 12.78
N GLN A 110 -8.35 8.41 13.75
CA GLN A 110 -9.33 8.86 14.73
C GLN A 110 -8.63 9.58 15.89
N ASP A 111 -9.45 9.97 16.87
CA ASP A 111 -9.06 10.72 18.05
C ASP A 111 -8.35 9.84 19.09
N SER A 112 -7.55 10.43 19.98
CA SER A 112 -6.77 9.78 21.01
C SER A 112 -7.19 10.16 22.44
N GLY A 113 -8.49 10.41 22.65
CA GLY A 113 -9.08 10.54 23.98
C GLY A 113 -9.29 9.16 24.60
N PRO A 114 -10.42 8.89 25.28
CA PRO A 114 -10.72 7.56 25.78
C PRO A 114 -10.82 6.55 24.63
N SER A 115 -10.75 5.26 24.95
CA SER A 115 -10.78 4.18 23.97
C SER A 115 -12.18 3.58 23.94
N SER A 116 -12.72 3.37 22.74
CA SER A 116 -13.78 2.40 22.52
C SER A 116 -13.25 0.99 22.82
N GLY A 117 -14.16 0.04 22.97
CA GLY A 117 -13.88 -1.33 23.33
C GLY A 117 -15.14 -1.91 23.90
N GLY A 1 2.55 7.94 -39.79
CA GLY A 1 2.93 6.57 -39.43
C GLY A 1 1.75 5.88 -38.76
N SER A 2 1.94 4.62 -38.38
CA SER A 2 0.99 3.87 -37.58
C SER A 2 1.78 3.37 -36.37
N SER A 3 2.18 4.34 -35.54
CA SER A 3 3.21 4.23 -34.53
C SER A 3 2.74 5.10 -33.38
N GLY A 4 1.83 4.56 -32.56
CA GLY A 4 1.03 5.33 -31.63
C GLY A 4 1.88 5.99 -30.54
N SER A 5 2.83 5.26 -29.98
CA SER A 5 3.78 5.73 -28.97
C SER A 5 4.71 4.59 -28.56
N SER A 6 5.92 4.93 -28.08
CA SER A 6 6.76 4.00 -27.34
C SER A 6 6.20 3.76 -25.94
N GLY A 7 5.70 4.81 -25.27
CA GLY A 7 5.39 4.71 -23.85
C GLY A 7 6.68 4.44 -23.07
N LYS A 8 6.58 3.78 -21.91
CA LYS A 8 7.73 3.29 -21.17
C LYS A 8 7.46 1.85 -20.80
N ASN A 9 8.41 0.96 -21.10
CA ASN A 9 8.42 -0.42 -20.67
C ASN A 9 9.88 -0.77 -20.42
N TYR A 10 10.35 -0.58 -19.18
CA TYR A 10 11.60 -1.19 -18.74
C TYR A 10 11.32 -2.68 -18.48
N ASP A 11 12.37 -3.50 -18.43
CA ASP A 11 12.33 -4.95 -18.20
C ASP A 11 11.79 -5.65 -19.46
N LEU A 12 11.64 -6.98 -19.43
CA LEU A 12 10.80 -7.75 -20.34
C LEU A 12 9.50 -8.09 -19.60
N SER A 13 9.06 -7.16 -18.75
CA SER A 13 7.88 -7.27 -17.90
C SER A 13 7.92 -8.50 -16.98
N ASP A 14 9.11 -8.86 -16.46
CA ASP A 14 9.31 -9.96 -15.53
C ASP A 14 8.63 -9.70 -14.19
N LEU A 15 8.60 -8.42 -13.77
CA LEU A 15 8.11 -7.96 -12.48
C LEU A 15 6.59 -8.17 -12.35
N PRO A 16 6.08 -8.35 -11.13
CA PRO A 16 4.66 -8.52 -10.85
C PRO A 16 3.89 -7.24 -11.17
N GLY A 17 2.58 -7.38 -11.35
CA GLY A 17 1.65 -6.29 -11.57
C GLY A 17 1.60 -5.41 -10.32
N PRO A 18 1.29 -4.12 -10.46
CA PRO A 18 0.95 -3.27 -9.33
C PRO A 18 -0.38 -3.77 -8.73
N PRO A 19 -0.52 -3.82 -7.39
CA PRO A 19 -1.79 -4.18 -6.77
C PRO A 19 -2.86 -3.12 -7.06
N SER A 20 -4.12 -3.49 -6.83
CA SER A 20 -5.24 -2.57 -6.96
C SER A 20 -5.27 -1.60 -5.77
N LYS A 21 -5.97 -0.47 -5.94
CA LYS A 21 -6.10 0.59 -4.93
C LYS A 21 -6.58 0.05 -3.58
N PRO A 22 -5.83 0.22 -2.48
CA PRO A 22 -6.22 -0.33 -1.19
C PRO A 22 -7.45 0.35 -0.58
N GLN A 23 -8.26 -0.43 0.14
CA GLN A 23 -9.48 -0.01 0.80
C GLN A 23 -9.36 -0.09 2.29
N VAL A 24 -9.64 1.05 2.91
CA VAL A 24 -9.54 1.26 4.31
C VAL A 24 -10.85 0.83 4.97
N THR A 25 -10.71 0.08 6.05
CA THR A 25 -11.82 -0.65 6.66
C THR A 25 -11.96 -0.18 8.11
N ASP A 26 -11.28 -0.83 9.05
CA ASP A 26 -11.13 -0.34 10.40
C ASP A 26 -10.16 0.84 10.37
N VAL A 27 -10.42 1.87 11.17
CA VAL A 27 -9.47 2.90 11.55
C VAL A 27 -9.74 3.23 13.01
N THR A 28 -8.68 3.36 13.80
CA THR A 28 -8.86 3.46 15.26
C THR A 28 -8.63 4.87 15.76
N LYS A 29 -7.47 5.42 15.39
CA LYS A 29 -6.81 6.70 15.67
C LYS A 29 -5.32 6.55 15.38
N ASN A 30 -4.76 5.34 15.48
CA ASN A 30 -3.35 5.07 15.19
C ASN A 30 -3.13 3.73 14.51
N SER A 31 -4.17 2.94 14.25
CA SER A 31 -4.08 1.88 13.27
C SER A 31 -5.20 2.03 12.23
N VAL A 32 -5.02 1.41 11.06
CA VAL A 32 -6.00 1.35 9.99
C VAL A 32 -5.75 0.07 9.18
N THR A 33 -6.82 -0.69 8.93
CA THR A 33 -6.85 -1.96 8.21
C THR A 33 -7.07 -1.67 6.73
N LEU A 34 -6.14 -2.13 5.88
CA LEU A 34 -6.14 -1.98 4.43
C LEU A 34 -6.37 -3.34 3.83
N SER A 35 -7.36 -3.43 2.96
CA SER A 35 -7.52 -4.50 1.99
C SER A 35 -6.92 -3.98 0.68
N TRP A 36 -6.44 -4.86 -0.17
CA TRP A 36 -6.36 -4.65 -1.61
C TRP A 36 -6.73 -5.97 -2.28
N GLN A 37 -6.87 -5.96 -3.60
CA GLN A 37 -6.81 -7.18 -4.38
C GLN A 37 -5.43 -7.23 -5.01
N PRO A 38 -4.88 -8.44 -5.16
CA PRO A 38 -3.53 -8.66 -5.64
C PRO A 38 -3.44 -8.31 -7.12
N GLY A 39 -2.24 -7.98 -7.59
CA GLY A 39 -1.99 -7.74 -8.99
C GLY A 39 -1.72 -9.03 -9.72
N THR A 40 -1.52 -8.86 -11.01
CA THR A 40 -1.17 -9.85 -11.99
C THR A 40 0.24 -10.40 -11.68
N PRO A 41 0.53 -11.63 -12.10
CA PRO A 41 1.90 -12.15 -12.13
C PRO A 41 2.80 -11.39 -13.12
N GLY A 42 4.01 -11.91 -13.32
CA GLY A 42 4.97 -11.49 -14.32
C GLY A 42 5.49 -12.76 -14.99
N THR A 43 6.74 -12.71 -15.44
CA THR A 43 7.50 -13.93 -15.72
C THR A 43 7.89 -14.53 -14.37
N LEU A 44 8.36 -13.70 -13.44
CA LEU A 44 8.87 -14.14 -12.16
C LEU A 44 7.79 -14.00 -11.09
N PRO A 45 7.83 -14.87 -10.07
CA PRO A 45 6.82 -14.93 -9.03
C PRO A 45 6.95 -13.72 -8.12
N ALA A 46 5.83 -13.35 -7.54
CA ALA A 46 5.78 -12.46 -6.40
C ALA A 46 6.40 -13.17 -5.21
N SER A 47 6.81 -12.38 -4.23
CA SER A 47 7.66 -12.77 -3.12
C SER A 47 7.13 -12.22 -1.80
N ALA A 48 6.67 -10.96 -1.77
CA ALA A 48 5.86 -10.40 -0.69
C ALA A 48 5.14 -9.15 -1.21
N TYR A 49 4.50 -8.39 -0.32
CA TYR A 49 4.21 -6.97 -0.56
C TYR A 49 5.03 -6.11 0.42
N ILE A 50 5.05 -4.81 0.16
CA ILE A 50 5.46 -3.71 1.02
C ILE A 50 4.25 -2.77 1.15
N ILE A 51 4.20 -1.95 2.21
CA ILE A 51 3.27 -0.83 2.32
C ILE A 51 4.12 0.40 2.65
N GLU A 52 3.79 1.51 2.03
CA GLU A 52 4.36 2.82 2.31
C GLU A 52 3.24 3.74 2.78
N ALA A 53 3.59 4.85 3.42
CA ALA A 53 2.68 5.91 3.81
C ALA A 53 3.42 7.25 3.67
N PHE A 54 2.63 8.31 3.63
CA PHE A 54 3.04 9.70 3.64
C PHE A 54 2.12 10.42 4.61
N SER A 55 2.57 11.48 5.29
CA SER A 55 1.68 12.45 5.91
C SER A 55 2.27 13.83 5.73
N GLN A 56 1.46 14.87 5.96
CA GLN A 56 1.89 16.25 6.02
C GLN A 56 2.09 16.73 7.46
N SER A 57 2.53 15.85 8.35
CA SER A 57 3.06 16.25 9.65
C SER A 57 3.97 15.17 10.28
N VAL A 58 4.72 14.44 9.47
CA VAL A 58 5.56 13.31 9.88
C VAL A 58 7.02 13.60 9.51
N SER A 59 7.35 13.54 8.22
CA SER A 59 8.68 13.75 7.69
C SER A 59 8.66 14.25 6.24
N ASN A 60 7.47 14.45 5.63
CA ASN A 60 7.20 14.87 4.26
C ASN A 60 7.70 13.93 3.16
N SER A 61 8.65 13.07 3.47
CA SER A 61 9.04 11.89 2.69
C SER A 61 7.88 10.89 2.62
N TRP A 62 7.90 9.98 1.64
CA TRP A 62 7.29 8.68 1.81
C TRP A 62 8.21 7.82 2.68
N GLN A 63 7.66 6.84 3.38
CA GLN A 63 8.44 5.87 4.16
C GLN A 63 7.78 4.51 4.01
N THR A 64 8.55 3.44 4.14
CA THR A 64 7.98 2.11 4.33
C THR A 64 7.35 2.10 5.71
N VAL A 65 6.14 1.58 5.82
CA VAL A 65 5.46 1.42 7.09
C VAL A 65 5.06 -0.03 7.34
N ALA A 66 5.00 -0.90 6.32
CA ALA A 66 5.04 -2.35 6.49
C ALA A 66 5.98 -2.93 5.46
N ASN A 67 6.51 -4.12 5.75
CA ASN A 67 7.48 -4.80 4.90
C ASN A 67 7.18 -6.29 4.95
N HIS A 68 7.44 -7.00 3.84
CA HIS A 68 7.24 -8.45 3.73
C HIS A 68 5.82 -8.85 4.14
N VAL A 69 4.81 -8.18 3.60
CA VAL A 69 3.41 -8.44 3.86
C VAL A 69 3.00 -9.65 3.02
N LYS A 70 2.90 -10.80 3.66
CA LYS A 70 2.55 -12.07 3.04
C LYS A 70 1.05 -12.30 3.19
N THR A 71 0.26 -11.30 2.80
CA THR A 71 -1.19 -11.30 2.78
C THR A 71 -1.63 -10.22 1.76
N THR A 72 -2.93 -9.91 1.73
CA THR A 72 -3.55 -8.83 0.95
C THR A 72 -4.51 -7.99 1.82
N LEU A 73 -4.63 -8.29 3.11
CA LEU A 73 -5.31 -7.46 4.08
C LEU A 73 -4.32 -7.29 5.23
N TYR A 74 -3.92 -6.08 5.58
CA TYR A 74 -2.93 -5.80 6.61
C TYR A 74 -3.29 -4.51 7.33
N THR A 75 -2.90 -4.40 8.60
CA THR A 75 -3.25 -3.29 9.47
C THR A 75 -1.99 -2.47 9.74
N VAL A 76 -2.00 -1.23 9.25
CA VAL A 76 -1.01 -0.20 9.59
C VAL A 76 -1.18 0.12 11.08
N ARG A 77 -0.08 0.44 11.77
CA ARG A 77 -0.10 0.77 13.19
C ARG A 77 0.71 2.02 13.50
N GLY A 78 0.69 2.43 14.76
CA GLY A 78 1.56 3.46 15.32
C GLY A 78 1.46 4.81 14.60
N LEU A 79 0.31 5.11 13.98
CA LEU A 79 0.10 6.35 13.24
C LEU A 79 -0.20 7.50 14.20
N ARG A 80 -0.44 8.69 13.65
CA ARG A 80 -0.85 9.87 14.42
C ARG A 80 -2.36 9.99 14.33
N PRO A 81 -3.04 10.34 15.42
CA PRO A 81 -4.46 10.62 15.41
C PRO A 81 -4.72 11.97 14.73
N ASN A 82 -5.97 12.15 14.28
CA ASN A 82 -6.48 13.37 13.64
C ASN A 82 -5.53 13.87 12.53
N THR A 83 -4.88 12.96 11.80
CA THR A 83 -3.84 13.22 10.83
C THR A 83 -4.17 12.42 9.56
N ILE A 84 -4.09 13.07 8.40
CA ILE A 84 -4.16 12.40 7.12
C ILE A 84 -2.95 11.50 6.98
N TYR A 85 -3.14 10.40 6.27
CA TYR A 85 -2.07 9.68 5.62
C TYR A 85 -2.51 9.39 4.20
N LEU A 86 -1.51 9.16 3.37
CA LEU A 86 -1.68 8.33 2.19
C LEU A 86 -0.95 7.04 2.48
N PHE A 87 -1.35 6.01 1.76
CA PHE A 87 -0.71 4.72 1.75
C PHE A 87 -0.56 4.30 0.29
N MET A 88 0.46 3.49 0.02
CA MET A 88 0.56 2.72 -1.20
C MET A 88 0.95 1.30 -0.82
N VAL A 89 0.82 0.38 -1.76
CA VAL A 89 1.32 -0.98 -1.65
C VAL A 89 2.30 -1.13 -2.82
N ARG A 90 3.39 -1.89 -2.63
CA ARG A 90 4.20 -2.42 -3.73
C ARG A 90 4.17 -3.92 -3.58
N ALA A 91 4.23 -4.65 -4.69
CA ALA A 91 4.57 -6.05 -4.64
C ALA A 91 6.09 -6.14 -4.66
N ILE A 92 6.62 -7.25 -4.20
CA ILE A 92 8.03 -7.62 -4.20
C ILE A 92 8.16 -8.90 -4.99
N ASN A 93 9.33 -9.07 -5.61
CA ASN A 93 9.73 -10.19 -6.44
C ASN A 93 11.26 -10.35 -6.30
N PRO A 94 11.90 -11.41 -6.83
CA PRO A 94 13.34 -11.64 -6.64
C PRO A 94 14.25 -10.52 -7.16
N GLN A 95 13.80 -9.71 -8.12
CA GLN A 95 14.59 -8.74 -8.86
C GLN A 95 14.26 -7.32 -8.38
N GLY A 96 12.97 -7.01 -8.24
CA GLY A 96 12.52 -5.65 -8.00
C GLY A 96 11.15 -5.62 -7.36
N LEU A 97 10.75 -4.40 -7.03
CA LEU A 97 9.41 -4.10 -6.56
C LEU A 97 8.53 -3.90 -7.79
N SER A 98 7.21 -3.88 -7.62
CA SER A 98 6.33 -3.48 -8.70
C SER A 98 6.44 -1.96 -8.92
N ASP A 99 5.90 -1.52 -10.05
CA ASP A 99 5.37 -0.17 -10.20
C ASP A 99 4.36 0.09 -9.06
N PRO A 100 4.07 1.37 -8.75
CA PRO A 100 3.25 1.69 -7.60
C PRO A 100 1.79 1.27 -7.82
N SER A 101 1.10 0.89 -6.74
CA SER A 101 -0.35 0.89 -6.71
C SER A 101 -0.87 2.33 -6.90
N PRO A 102 -2.17 2.50 -7.16
CA PRO A 102 -2.86 3.73 -6.78
C PRO A 102 -2.63 4.01 -5.29
N MET A 103 -2.62 5.28 -4.88
CA MET A 103 -2.70 5.60 -3.45
C MET A 103 -4.08 5.23 -2.91
N SER A 104 -4.15 4.96 -1.62
CA SER A 104 -5.34 4.58 -0.84
C SER A 104 -6.46 5.62 -0.84
N ASP A 105 -6.20 6.81 -1.39
CA ASP A 105 -6.88 8.08 -1.10
C ASP A 105 -6.38 8.62 0.25
N PRO A 106 -6.40 9.95 0.49
CA PRO A 106 -5.89 10.54 1.72
C PRO A 106 -6.91 10.33 2.83
N VAL A 107 -6.59 9.44 3.76
CA VAL A 107 -7.48 8.96 4.79
C VAL A 107 -7.06 9.54 6.13
N ARG A 108 -8.04 10.07 6.87
CA ARG A 108 -7.76 10.68 8.16
C ARG A 108 -7.92 9.63 9.23
N THR A 109 -6.99 9.57 10.17
CA THR A 109 -7.21 8.85 11.39
C THR A 109 -8.36 9.49 12.15
N GLN A 110 -9.01 8.67 12.97
CA GLN A 110 -9.88 9.12 14.03
C GLN A 110 -9.13 10.01 14.98
N ASP A 111 -9.94 10.58 15.85
CA ASP A 111 -9.38 11.26 17.00
C ASP A 111 -8.94 10.22 18.00
N SER A 112 -7.91 10.58 18.75
CA SER A 112 -7.40 9.96 19.95
C SER A 112 -8.40 9.86 21.11
N GLY A 113 -9.69 10.01 20.89
CA GLY A 113 -10.70 9.95 21.94
C GLY A 113 -10.80 8.53 22.50
N PRO A 114 -11.10 8.38 23.80
CA PRO A 114 -11.64 7.12 24.31
C PRO A 114 -13.05 6.97 23.73
N SER A 115 -13.40 5.75 23.34
CA SER A 115 -14.65 5.41 22.68
C SER A 115 -15.05 3.98 23.06
N SER A 116 -16.21 3.52 22.62
CA SER A 116 -16.73 2.19 22.88
C SER A 116 -17.56 1.75 21.67
N GLY A 117 -18.31 0.66 21.81
CA GLY A 117 -19.29 0.21 20.82
C GLY A 117 -20.59 0.05 21.55
N GLY A 1 -7.25 -17.55 -13.27
CA GLY A 1 -7.11 -16.78 -14.52
C GLY A 1 -8.03 -15.58 -14.52
N SER A 2 -8.72 -15.35 -15.64
CA SER A 2 -9.76 -14.35 -15.82
C SER A 2 -9.21 -12.93 -15.73
N SER A 3 -8.64 -12.46 -16.83
CA SER A 3 -8.37 -11.03 -17.04
C SER A 3 -8.54 -10.69 -18.52
N GLY A 4 -8.87 -9.43 -18.76
CA GLY A 4 -8.98 -8.86 -20.10
C GLY A 4 -7.59 -8.62 -20.68
N SER A 5 -7.57 -8.37 -21.98
CA SER A 5 -6.38 -8.21 -22.81
C SER A 5 -6.69 -7.00 -23.70
N SER A 6 -6.19 -5.82 -23.37
CA SER A 6 -6.41 -4.58 -24.13
C SER A 6 -5.25 -3.56 -23.95
N GLY A 7 -4.10 -3.98 -23.42
CA GLY A 7 -2.94 -3.15 -23.15
C GLY A 7 -1.97 -3.23 -24.32
N LYS A 8 -2.20 -2.43 -25.36
CA LYS A 8 -1.35 -2.41 -26.56
C LYS A 8 -0.04 -1.66 -26.29
N ASN A 9 0.85 -2.31 -25.55
CA ASN A 9 2.25 -1.98 -25.36
C ASN A 9 3.02 -3.27 -25.70
N TYR A 10 4.29 -3.16 -26.04
CA TYR A 10 5.21 -4.27 -25.86
C TYR A 10 5.41 -4.47 -24.35
N ASP A 11 5.81 -5.67 -23.91
CA ASP A 11 5.99 -5.88 -22.49
C ASP A 11 7.17 -5.06 -21.99
N LEU A 12 7.19 -4.78 -20.70
CA LEU A 12 8.07 -3.83 -20.06
C LEU A 12 8.94 -4.61 -19.07
N SER A 13 9.06 -4.13 -17.84
CA SER A 13 10.00 -4.63 -16.85
C SER A 13 9.63 -6.05 -16.40
N ASP A 14 10.62 -6.77 -15.87
CA ASP A 14 10.50 -8.14 -15.36
C ASP A 14 9.77 -8.20 -14.00
N LEU A 15 9.02 -7.14 -13.65
CA LEU A 15 8.40 -6.95 -12.35
C LEU A 15 6.88 -7.18 -12.44
N PRO A 16 6.24 -7.68 -11.37
CA PRO A 16 4.82 -8.02 -11.32
C PRO A 16 3.91 -6.81 -11.54
N GLY A 17 2.66 -7.08 -11.92
CA GLY A 17 1.59 -6.09 -12.06
C GLY A 17 1.34 -5.37 -10.73
N PRO A 18 1.07 -4.05 -10.75
CA PRO A 18 0.81 -3.29 -9.53
C PRO A 18 -0.49 -3.75 -8.86
N PRO A 19 -0.58 -3.71 -7.52
CA PRO A 19 -1.82 -4.00 -6.80
C PRO A 19 -2.95 -3.03 -7.16
N SER A 20 -4.17 -3.41 -6.80
CA SER A 20 -5.35 -2.59 -6.99
C SER A 20 -5.38 -1.45 -5.95
N LYS A 21 -6.25 -0.44 -6.10
CA LYS A 21 -6.41 0.61 -5.09
C LYS A 21 -6.82 -0.03 -3.76
N PRO A 22 -6.04 0.06 -2.68
CA PRO A 22 -6.50 -0.41 -1.39
C PRO A 22 -7.66 0.44 -0.88
N GLN A 23 -8.44 -0.15 0.01
CA GLN A 23 -9.56 0.42 0.71
C GLN A 23 -9.36 0.29 2.19
N VAL A 24 -9.85 1.28 2.91
CA VAL A 24 -9.72 1.39 4.32
C VAL A 24 -10.99 0.82 4.97
N THR A 25 -10.81 0.08 6.06
CA THR A 25 -11.94 -0.53 6.78
C THR A 25 -11.87 -0.21 8.26
N ASP A 26 -11.05 -0.90 9.04
CA ASP A 26 -10.77 -0.57 10.43
C ASP A 26 -9.94 0.71 10.48
N VAL A 27 -10.32 1.69 11.29
CA VAL A 27 -9.47 2.80 11.67
C VAL A 27 -9.68 3.11 13.15
N THR A 28 -8.58 3.35 13.87
CA THR A 28 -8.62 3.28 15.34
C THR A 28 -8.36 4.61 16.05
N LYS A 29 -7.11 5.04 16.05
CA LYS A 29 -6.48 6.34 16.29
C LYS A 29 -4.99 6.25 15.93
N ASN A 30 -4.40 5.06 16.09
CA ASN A 30 -2.99 4.77 15.87
C ASN A 30 -2.83 3.91 14.62
N SER A 31 -3.91 3.29 14.12
CA SER A 31 -3.83 2.26 13.12
C SER A 31 -4.97 2.39 12.14
N VAL A 32 -4.80 1.82 10.96
CA VAL A 32 -5.84 1.72 9.95
C VAL A 32 -5.52 0.47 9.11
N THR A 33 -6.52 -0.38 8.94
CA THR A 33 -6.44 -1.59 8.11
C THR A 33 -6.76 -1.24 6.67
N LEU A 34 -5.98 -1.84 5.76
CA LEU A 34 -6.07 -1.73 4.32
C LEU A 34 -6.47 -3.08 3.78
N SER A 35 -7.32 -3.08 2.75
CA SER A 35 -7.80 -4.24 2.00
C SER A 35 -7.63 -3.94 0.53
N TRP A 36 -7.01 -4.84 -0.19
CA TRP A 36 -6.85 -4.74 -1.65
C TRP A 36 -7.02 -6.09 -2.34
N GLN A 37 -7.10 -6.06 -3.69
CA GLN A 37 -6.93 -7.22 -4.53
C GLN A 37 -5.49 -7.25 -5.06
N PRO A 38 -4.93 -8.46 -5.23
CA PRO A 38 -3.59 -8.67 -5.73
C PRO A 38 -3.58 -8.52 -7.26
N GLY A 39 -2.54 -7.89 -7.80
CA GLY A 39 -2.25 -7.94 -9.21
C GLY A 39 -1.64 -9.29 -9.55
N THR A 40 -1.31 -9.44 -10.82
CA THR A 40 -0.84 -10.61 -11.49
C THR A 40 0.69 -10.73 -11.36
N PRO A 41 1.22 -11.96 -11.37
CA PRO A 41 2.62 -12.25 -11.61
C PRO A 41 2.99 -12.10 -13.09
N GLY A 42 4.24 -12.44 -13.43
CA GLY A 42 4.74 -12.41 -14.79
C GLY A 42 5.98 -13.29 -14.89
N THR A 43 7.07 -12.71 -15.40
CA THR A 43 8.34 -13.33 -15.74
C THR A 43 9.02 -14.05 -14.57
N LEU A 44 8.79 -13.54 -13.36
CA LEU A 44 9.32 -14.08 -12.12
C LEU A 44 8.18 -14.22 -11.11
N PRO A 45 8.39 -14.96 -10.02
CA PRO A 45 7.40 -15.14 -8.97
C PRO A 45 7.46 -13.97 -8.00
N ALA A 46 6.29 -13.46 -7.65
CA ALA A 46 6.06 -12.58 -6.52
C ALA A 46 6.43 -13.34 -5.25
N SER A 47 6.89 -12.60 -4.24
CA SER A 47 7.47 -13.15 -3.03
C SER A 47 6.72 -12.60 -1.82
N ALA A 48 6.66 -11.28 -1.71
CA ALA A 48 5.98 -10.57 -0.64
C ALA A 48 5.56 -9.22 -1.18
N TYR A 49 4.96 -8.37 -0.36
CA TYR A 49 4.60 -7.01 -0.72
C TYR A 49 5.26 -6.05 0.27
N ILE A 50 5.13 -4.77 -0.03
CA ILE A 50 5.41 -3.64 0.85
C ILE A 50 4.10 -2.84 0.95
N ILE A 51 3.91 -2.14 2.06
CA ILE A 51 2.99 -1.03 2.22
C ILE A 51 3.85 0.14 2.68
N GLU A 52 3.58 1.31 2.10
CA GLU A 52 4.13 2.58 2.52
C GLU A 52 2.98 3.49 2.93
N ALA A 53 3.31 4.57 3.64
CA ALA A 53 2.39 5.64 4.00
C ALA A 53 3.14 6.96 3.91
N PHE A 54 2.38 8.05 3.89
CA PHE A 54 2.89 9.41 3.78
C PHE A 54 1.83 10.37 4.29
N SER A 55 2.15 11.21 5.28
CA SER A 55 1.24 12.19 5.86
C SER A 55 1.55 13.62 5.43
N GLN A 56 2.57 13.79 4.57
CA GLN A 56 3.21 15.04 4.23
C GLN A 56 3.75 15.89 5.39
N SER A 57 3.65 15.44 6.64
CA SER A 57 3.99 16.21 7.83
C SER A 57 4.61 15.34 8.92
N VAL A 58 4.76 14.05 8.62
CA VAL A 58 5.43 13.04 9.42
C VAL A 58 6.94 13.25 9.33
N SER A 59 7.54 12.81 8.23
CA SER A 59 8.89 13.19 7.82
C SER A 59 8.87 13.84 6.43
N ASN A 60 7.69 14.26 5.98
CA ASN A 60 7.44 14.86 4.67
C ASN A 60 7.99 13.96 3.54
N SER A 61 8.05 12.64 3.81
CA SER A 61 8.73 11.59 3.06
C SER A 61 7.88 10.33 3.13
N TRP A 62 7.97 9.46 2.11
CA TRP A 62 7.27 8.17 2.10
C TRP A 62 8.03 7.16 2.96
N GLN A 63 7.32 6.29 3.69
CA GLN A 63 7.91 5.43 4.72
C GLN A 63 7.37 4.02 4.59
N THR A 64 8.24 3.02 4.68
CA THR A 64 7.85 1.61 4.72
C THR A 64 7.21 1.30 6.06
N VAL A 65 5.88 1.38 6.12
CA VAL A 65 5.14 1.12 7.34
C VAL A 65 4.96 -0.39 7.55
N ALA A 66 5.03 -1.20 6.50
CA ALA A 66 5.00 -2.66 6.63
C ALA A 66 5.75 -3.26 5.44
N ASN A 67 6.94 -3.77 5.68
CA ASN A 67 7.64 -4.57 4.70
C ASN A 67 7.13 -6.01 4.80
N HIS A 68 7.49 -6.82 3.80
CA HIS A 68 7.13 -8.23 3.62
C HIS A 68 5.69 -8.54 4.07
N VAL A 69 4.73 -7.87 3.47
CA VAL A 69 3.32 -8.14 3.70
C VAL A 69 3.01 -9.39 2.89
N LYS A 70 2.60 -10.47 3.56
CA LYS A 70 2.21 -11.72 2.93
C LYS A 70 0.71 -11.92 3.11
N THR A 71 -0.06 -10.89 2.77
CA THR A 71 -1.52 -10.88 2.84
C THR A 71 -2.03 -9.83 1.84
N THR A 72 -3.35 -9.67 1.83
CA THR A 72 -4.14 -8.66 1.14
C THR A 72 -4.92 -7.79 2.13
N LEU A 73 -4.79 -8.04 3.45
CA LEU A 73 -5.47 -7.30 4.50
C LEU A 73 -4.50 -7.08 5.66
N TYR A 74 -4.09 -5.84 5.89
CA TYR A 74 -3.04 -5.48 6.85
C TYR A 74 -3.39 -4.20 7.60
N THR A 75 -3.32 -4.27 8.93
CA THR A 75 -3.42 -3.18 9.88
C THR A 75 -2.09 -2.41 9.89
N VAL A 76 -2.04 -1.25 9.24
CA VAL A 76 -0.95 -0.30 9.42
C VAL A 76 -1.05 0.30 10.82
N ARG A 77 0.08 0.64 11.47
CA ARG A 77 0.16 0.99 12.89
C ARG A 77 1.04 2.21 13.16
N GLY A 78 1.06 2.65 14.42
CA GLY A 78 1.98 3.64 14.98
C GLY A 78 1.68 5.09 14.61
N LEU A 79 0.55 5.32 13.94
CA LEU A 79 0.19 6.57 13.28
C LEU A 79 -0.22 7.62 14.29
N ARG A 80 -0.41 8.84 13.78
CA ARG A 80 -0.86 10.02 14.52
C ARG A 80 -2.38 10.09 14.47
N PRO A 81 -3.08 10.50 15.52
CA PRO A 81 -4.54 10.69 15.51
C PRO A 81 -4.88 12.00 14.80
N ASN A 82 -6.09 12.13 14.26
CA ASN A 82 -6.59 13.28 13.47
C ASN A 82 -5.51 13.82 12.50
N THR A 83 -4.89 12.90 11.77
CA THR A 83 -3.82 13.15 10.81
C THR A 83 -4.16 12.38 9.55
N ILE A 84 -4.05 13.06 8.41
CA ILE A 84 -4.16 12.44 7.10
C ILE A 84 -2.95 11.56 6.89
N TYR A 85 -3.18 10.47 6.17
CA TYR A 85 -2.14 9.71 5.52
C TYR A 85 -2.65 9.30 4.16
N LEU A 86 -1.68 9.04 3.30
CA LEU A 86 -1.76 8.25 2.11
C LEU A 86 -1.03 6.97 2.41
N PHE A 87 -1.39 5.96 1.64
CA PHE A 87 -0.87 4.61 1.68
C PHE A 87 -0.68 4.14 0.23
N MET A 88 0.33 3.32 -0.06
CA MET A 88 0.41 2.59 -1.33
C MET A 88 0.98 1.21 -1.06
N VAL A 89 0.62 0.24 -1.90
CA VAL A 89 1.14 -1.13 -1.86
C VAL A 89 2.13 -1.27 -3.03
N ARG A 90 3.20 -2.03 -2.84
CA ARG A 90 4.12 -2.43 -3.90
C ARG A 90 4.27 -3.94 -3.81
N ALA A 91 4.31 -4.65 -4.93
CA ALA A 91 4.58 -6.08 -4.99
C ALA A 91 6.09 -6.27 -5.05
N ILE A 92 6.61 -7.37 -4.51
CA ILE A 92 8.03 -7.67 -4.45
C ILE A 92 8.31 -9.00 -5.10
N ASN A 93 9.46 -9.10 -5.76
CA ASN A 93 9.90 -10.25 -6.54
C ASN A 93 11.44 -10.34 -6.51
N PRO A 94 12.07 -11.36 -7.12
CA PRO A 94 13.51 -11.47 -7.18
C PRO A 94 14.08 -10.54 -8.25
N GLN A 95 13.97 -9.24 -8.02
CA GLN A 95 14.62 -8.13 -8.71
C GLN A 95 14.44 -6.93 -7.77
N GLY A 96 13.20 -6.42 -7.73
CA GLY A 96 12.82 -5.16 -7.13
C GLY A 96 11.38 -5.20 -6.65
N LEU A 97 10.87 -4.01 -6.39
CA LEU A 97 9.46 -3.76 -6.07
C LEU A 97 8.78 -3.22 -7.33
N SER A 98 7.48 -3.46 -7.47
CA SER A 98 6.64 -3.03 -8.58
C SER A 98 6.38 -1.53 -8.51
N ASP A 99 5.84 -0.93 -9.59
CA ASP A 99 5.16 0.35 -9.43
C ASP A 99 4.15 0.23 -8.29
N PRO A 100 3.85 1.32 -7.56
CA PRO A 100 2.85 1.28 -6.52
C PRO A 100 1.46 1.06 -7.09
N SER A 101 0.57 0.62 -6.22
CA SER A 101 -0.87 0.66 -6.42
C SER A 101 -1.32 2.10 -6.72
N PRO A 102 -2.56 2.29 -7.18
CA PRO A 102 -3.29 3.52 -6.92
C PRO A 102 -3.19 3.91 -5.44
N MET A 103 -3.12 5.21 -5.14
CA MET A 103 -3.18 5.73 -3.78
C MET A 103 -4.58 5.44 -3.19
N SER A 104 -4.64 5.16 -1.88
CA SER A 104 -5.84 4.84 -1.11
C SER A 104 -6.84 6.00 -1.02
N ASP A 105 -6.43 7.19 -1.48
CA ASP A 105 -6.97 8.52 -1.19
C ASP A 105 -6.48 8.96 0.20
N PRO A 106 -6.40 10.27 0.51
CA PRO A 106 -5.93 10.75 1.79
C PRO A 106 -7.01 10.48 2.83
N VAL A 107 -6.70 9.67 3.83
CA VAL A 107 -7.61 9.21 4.86
C VAL A 107 -7.16 9.70 6.22
N ARG A 108 -8.10 10.22 7.02
CA ARG A 108 -7.81 10.72 8.35
C ARG A 108 -7.92 9.56 9.33
N THR A 109 -7.04 9.54 10.32
CA THR A 109 -7.22 8.75 11.52
C THR A 109 -8.29 9.38 12.39
N GLN A 110 -8.82 8.53 13.25
CA GLN A 110 -9.79 8.83 14.26
C GLN A 110 -9.20 9.74 15.31
N ASP A 111 -10.11 10.13 16.19
CA ASP A 111 -9.74 10.70 17.47
C ASP A 111 -9.22 9.61 18.40
N SER A 112 -8.44 10.03 19.38
CA SER A 112 -7.99 9.23 20.50
C SER A 112 -9.07 9.28 21.61
N GLY A 113 -10.32 9.04 21.22
CA GLY A 113 -11.49 8.87 22.07
C GLY A 113 -12.03 7.44 21.93
N PRO A 114 -12.82 6.96 22.90
CA PRO A 114 -13.24 5.57 22.95
C PRO A 114 -14.24 5.24 21.83
N SER A 115 -14.46 3.96 21.57
CA SER A 115 -15.56 3.47 20.76
C SER A 115 -15.90 2.04 21.19
N SER A 116 -14.93 1.13 21.22
CA SER A 116 -15.13 -0.30 21.48
C SER A 116 -16.15 -0.96 20.52
N GLY A 117 -16.45 -0.34 19.38
CA GLY A 117 -17.35 -0.86 18.36
C GLY A 117 -17.40 0.14 17.21
N GLY A 1 -11.37 4.60 -9.24
CA GLY A 1 -12.45 4.44 -8.28
C GLY A 1 -12.74 2.97 -8.08
N SER A 2 -13.96 2.52 -8.40
CA SER A 2 -14.43 1.19 -8.07
C SER A 2 -15.11 0.57 -9.30
N SER A 3 -14.31 -0.02 -10.18
CA SER A 3 -14.76 -0.58 -11.45
C SER A 3 -13.88 -1.74 -11.96
N GLY A 4 -12.88 -2.17 -11.19
CA GLY A 4 -11.84 -3.10 -11.65
C GLY A 4 -11.09 -2.53 -12.86
N SER A 5 -10.26 -1.52 -12.61
CA SER A 5 -9.55 -0.75 -13.63
C SER A 5 -8.73 -1.66 -14.54
N SER A 6 -9.00 -1.61 -15.84
CA SER A 6 -8.34 -2.42 -16.84
C SER A 6 -6.82 -2.14 -16.86
N GLY A 7 -6.43 -0.87 -17.10
CA GLY A 7 -5.04 -0.52 -17.35
C GLY A 7 -4.63 -0.98 -18.76
N LYS A 8 -4.49 -2.30 -18.96
CA LYS A 8 -4.17 -3.01 -20.20
C LYS A 8 -3.09 -2.28 -21.01
N ASN A 9 -1.84 -2.45 -20.62
CA ASN A 9 -0.65 -1.99 -21.34
C ASN A 9 0.42 -3.08 -21.19
N TYR A 10 1.60 -2.91 -21.77
CA TYR A 10 2.73 -3.83 -21.66
C TYR A 10 4.02 -3.02 -21.60
N ASP A 11 4.77 -3.26 -20.53
CA ASP A 11 6.02 -2.57 -20.22
C ASP A 11 7.15 -3.60 -20.12
N LEU A 12 8.39 -3.17 -20.34
CA LEU A 12 9.60 -3.97 -20.29
C LEU A 12 10.02 -4.05 -18.84
N SER A 13 9.35 -4.91 -18.08
CA SER A 13 9.69 -5.22 -16.70
C SER A 13 9.53 -6.71 -16.43
N ASP A 14 10.30 -7.19 -15.44
CA ASP A 14 10.28 -8.55 -14.88
C ASP A 14 9.53 -8.54 -13.52
N LEU A 15 8.74 -7.50 -13.25
CA LEU A 15 8.08 -7.28 -11.96
C LEU A 15 6.61 -7.76 -12.03
N PRO A 16 5.94 -7.97 -10.89
CA PRO A 16 4.53 -8.37 -10.86
C PRO A 16 3.63 -7.30 -11.50
N GLY A 17 2.39 -7.67 -11.82
CA GLY A 17 1.32 -6.74 -12.11
C GLY A 17 1.00 -5.95 -10.84
N PRO A 18 1.00 -4.60 -10.88
CA PRO A 18 0.76 -3.80 -9.68
C PRO A 18 -0.64 -4.06 -9.10
N PRO A 19 -0.82 -3.83 -7.78
CA PRO A 19 -2.07 -4.09 -7.09
C PRO A 19 -3.08 -2.94 -7.33
N SER A 20 -4.31 -3.13 -6.85
CA SER A 20 -5.33 -2.09 -6.93
C SER A 20 -4.98 -0.89 -6.04
N LYS A 21 -5.73 0.21 -6.17
CA LYS A 21 -5.95 1.13 -5.07
C LYS A 21 -6.38 0.30 -3.86
N PRO A 22 -5.69 0.39 -2.71
CA PRO A 22 -6.19 -0.20 -1.48
C PRO A 22 -7.43 0.55 -1.03
N GLN A 23 -8.31 -0.17 -0.35
CA GLN A 23 -9.48 0.36 0.30
C GLN A 23 -9.26 0.21 1.79
N VAL A 24 -9.37 1.33 2.48
CA VAL A 24 -9.33 1.38 3.93
C VAL A 24 -10.58 0.69 4.47
N THR A 25 -10.45 -0.06 5.57
CA THR A 25 -11.55 -0.72 6.22
C THR A 25 -11.63 -0.22 7.66
N ASP A 26 -10.89 -0.89 8.56
CA ASP A 26 -10.83 -0.54 9.96
C ASP A 26 -9.94 0.68 10.14
N VAL A 27 -10.35 1.66 10.93
CA VAL A 27 -9.46 2.74 11.33
C VAL A 27 -9.67 3.07 12.79
N THR A 28 -8.56 3.30 13.47
CA THR A 28 -8.46 3.58 14.89
C THR A 28 -7.67 4.89 15.07
N LYS A 29 -7.15 5.15 16.26
CA LYS A 29 -6.46 6.41 16.56
C LYS A 29 -5.04 6.40 15.99
N ASN A 30 -4.40 5.25 15.85
CA ASN A 30 -3.03 5.15 15.33
C ASN A 30 -2.79 3.83 14.62
N SER A 31 -3.85 3.09 14.28
CA SER A 31 -3.78 2.07 13.27
C SER A 31 -4.88 2.25 12.20
N VAL A 32 -4.74 1.61 11.04
CA VAL A 32 -5.76 1.49 10.00
C VAL A 32 -5.50 0.16 9.26
N THR A 33 -6.55 -0.51 8.79
CA THR A 33 -6.47 -1.69 7.94
C THR A 33 -6.76 -1.29 6.50
N LEU A 34 -6.14 -2.03 5.59
CA LEU A 34 -6.09 -1.82 4.15
C LEU A 34 -6.49 -3.13 3.49
N SER A 35 -7.11 -3.03 2.32
CA SER A 35 -7.60 -4.17 1.56
C SER A 35 -7.33 -3.93 0.08
N TRP A 36 -6.47 -4.73 -0.56
CA TRP A 36 -6.12 -4.51 -1.97
C TRP A 36 -6.13 -5.83 -2.74
N GLN A 37 -6.38 -5.75 -4.05
CA GLN A 37 -6.39 -6.90 -4.93
C GLN A 37 -5.01 -7.07 -5.56
N PRO A 38 -4.56 -8.33 -5.69
CA PRO A 38 -3.28 -8.68 -6.28
C PRO A 38 -3.40 -8.63 -7.79
N GLY A 39 -2.31 -8.28 -8.47
CA GLY A 39 -2.18 -8.52 -9.89
C GLY A 39 -1.73 -9.94 -10.19
N THR A 40 -1.56 -10.21 -11.47
CA THR A 40 -0.76 -11.27 -12.04
C THR A 40 0.68 -11.15 -11.49
N PRO A 41 1.42 -12.26 -11.43
CA PRO A 41 2.86 -12.27 -11.30
C PRO A 41 3.48 -11.84 -12.65
N GLY A 42 4.19 -12.72 -13.34
CA GLY A 42 4.57 -12.59 -14.73
C GLY A 42 5.76 -13.49 -15.03
N THR A 43 6.92 -12.88 -15.26
CA THR A 43 8.19 -13.53 -15.51
C THR A 43 8.63 -14.40 -14.34
N LEU A 44 8.32 -13.96 -13.12
CA LEU A 44 8.78 -14.55 -11.87
C LEU A 44 7.57 -14.70 -10.93
N PRO A 45 7.72 -15.42 -9.81
CA PRO A 45 6.75 -15.43 -8.73
C PRO A 45 6.97 -14.23 -7.82
N ALA A 46 5.91 -13.82 -7.12
CA ALA A 46 6.00 -12.80 -6.09
C ALA A 46 6.71 -13.38 -4.86
N SER A 47 7.22 -12.48 -4.02
CA SER A 47 8.01 -12.78 -2.83
C SER A 47 7.28 -12.28 -1.58
N ALA A 48 6.69 -11.07 -1.61
CA ALA A 48 5.95 -10.48 -0.48
C ALA A 48 5.24 -9.20 -0.96
N TYR A 49 4.64 -8.42 -0.05
CA TYR A 49 4.16 -7.07 -0.29
C TYR A 49 4.95 -6.11 0.62
N ILE A 50 4.86 -4.82 0.32
CA ILE A 50 5.27 -3.67 1.09
C ILE A 50 4.04 -2.77 1.16
N ILE A 51 3.95 -1.94 2.20
CA ILE A 51 3.03 -0.83 2.30
C ILE A 51 3.85 0.39 2.68
N GLU A 52 3.59 1.51 2.03
CA GLU A 52 4.21 2.80 2.33
C GLU A 52 3.09 3.75 2.74
N ALA A 53 3.40 4.80 3.49
CA ALA A 53 2.48 5.83 3.93
C ALA A 53 3.16 7.18 3.77
N PHE A 54 2.36 8.25 3.68
CA PHE A 54 2.78 9.62 3.49
C PHE A 54 1.84 10.56 4.25
N SER A 55 2.29 11.79 4.47
CA SER A 55 1.72 12.68 5.46
C SER A 55 1.93 14.16 5.24
N GLN A 56 3.12 14.54 4.77
CA GLN A 56 3.62 15.88 4.61
C GLN A 56 3.83 16.70 5.91
N SER A 57 3.15 16.39 7.02
CA SER A 57 3.39 17.09 8.30
C SER A 57 4.12 16.20 9.31
N VAL A 58 4.05 14.87 9.22
CA VAL A 58 4.75 13.93 10.11
C VAL A 58 6.25 13.99 9.82
N SER A 59 6.69 13.36 8.73
CA SER A 59 8.09 13.20 8.37
C SER A 59 8.32 13.49 6.90
N ASN A 60 7.42 14.25 6.28
CA ASN A 60 7.39 14.75 4.90
C ASN A 60 8.23 13.89 3.96
N SER A 61 7.85 12.63 3.85
CA SER A 61 8.45 11.60 3.02
C SER A 61 7.50 10.41 2.93
N TRP A 62 7.65 9.56 1.90
CA TRP A 62 7.10 8.21 1.91
C TRP A 62 7.92 7.36 2.86
N GLN A 63 7.27 6.75 3.86
CA GLN A 63 7.91 5.83 4.79
C GLN A 63 7.32 4.45 4.54
N THR A 64 8.19 3.44 4.58
CA THR A 64 7.80 2.04 4.35
C THR A 64 7.27 1.51 5.68
N VAL A 65 5.96 1.55 5.88
CA VAL A 65 5.31 1.25 7.16
C VAL A 65 5.12 -0.26 7.37
N ALA A 66 5.16 -1.07 6.30
CA ALA A 66 5.21 -2.52 6.38
C ALA A 66 6.11 -3.04 5.28
N ASN A 67 6.88 -4.08 5.55
CA ASN A 67 7.72 -4.74 4.56
C ASN A 67 7.60 -6.26 4.71
N HIS A 68 7.90 -6.97 3.63
CA HIS A 68 7.90 -8.43 3.54
C HIS A 68 6.57 -9.03 4.02
N VAL A 69 5.45 -8.34 3.81
CA VAL A 69 4.15 -8.87 4.17
C VAL A 69 3.72 -9.94 3.21
N LYS A 70 2.88 -10.84 3.69
CA LYS A 70 2.44 -12.00 2.95
C LYS A 70 0.93 -12.08 3.15
N THR A 71 0.27 -10.98 2.81
CA THR A 71 -1.17 -10.89 2.91
C THR A 71 -1.70 -9.94 1.83
N THR A 72 -3.02 -9.82 1.75
CA THR A 72 -3.73 -8.83 0.95
C THR A 72 -4.57 -7.89 1.85
N LEU A 73 -4.60 -8.13 3.17
CA LEU A 73 -5.09 -7.21 4.18
C LEU A 73 -4.05 -7.07 5.26
N TYR A 74 -3.79 -5.82 5.66
CA TYR A 74 -2.78 -5.50 6.66
C TYR A 74 -3.24 -4.29 7.45
N THR A 75 -2.88 -4.28 8.74
CA THR A 75 -3.21 -3.23 9.70
C THR A 75 -1.95 -2.43 10.02
N VAL A 76 -1.75 -1.28 9.38
CA VAL A 76 -0.67 -0.36 9.68
C VAL A 76 -0.85 0.18 11.09
N ARG A 77 0.22 0.22 11.90
CA ARG A 77 0.22 0.92 13.18
C ARG A 77 1.40 1.88 13.29
N GLY A 78 1.36 2.68 14.37
CA GLY A 78 2.37 3.68 14.71
C GLY A 78 2.04 5.06 14.16
N LEU A 79 0.79 5.29 13.74
CA LEU A 79 0.34 6.51 13.11
C LEU A 79 -0.01 7.55 14.19
N ARG A 80 -0.69 8.63 13.79
CA ARG A 80 -1.15 9.68 14.70
C ARG A 80 -2.65 9.81 14.60
N PRO A 81 -3.34 10.10 15.71
CA PRO A 81 -4.76 10.43 15.72
C PRO A 81 -5.03 11.77 15.06
N ASN A 82 -6.26 11.96 14.58
CA ASN A 82 -6.79 13.11 13.84
C ASN A 82 -6.03 13.48 12.55
N THR A 83 -5.01 12.72 12.15
CA THR A 83 -4.03 13.06 11.14
C THR A 83 -4.40 12.35 9.83
N ILE A 84 -4.43 13.09 8.73
CA ILE A 84 -4.56 12.53 7.39
C ILE A 84 -3.29 11.77 7.05
N TYR A 85 -3.41 10.70 6.28
CA TYR A 85 -2.30 9.99 5.66
C TYR A 85 -2.73 9.54 4.27
N LEU A 86 -1.73 9.15 3.49
CA LEU A 86 -1.86 8.35 2.30
C LEU A 86 -1.11 7.07 2.51
N PHE A 87 -1.47 6.05 1.74
CA PHE A 87 -0.97 4.68 1.84
C PHE A 87 -0.83 4.09 0.45
N MET A 88 0.30 3.47 0.11
CA MET A 88 0.49 2.74 -1.13
C MET A 88 0.73 1.27 -0.80
N VAL A 89 0.79 0.43 -1.82
CA VAL A 89 1.20 -0.95 -1.75
C VAL A 89 2.29 -1.15 -2.82
N ARG A 90 3.21 -2.08 -2.61
CA ARG A 90 4.24 -2.49 -3.56
C ARG A 90 4.34 -4.02 -3.49
N ALA A 91 4.13 -4.75 -4.58
CA ALA A 91 4.27 -6.20 -4.60
C ALA A 91 5.75 -6.51 -4.87
N ILE A 92 6.41 -7.19 -3.94
CA ILE A 92 7.81 -7.56 -4.01
C ILE A 92 7.93 -8.89 -4.75
N ASN A 93 9.04 -9.05 -5.47
CA ASN A 93 9.41 -10.27 -6.20
C ASN A 93 10.94 -10.37 -6.24
N PRO A 94 11.54 -11.47 -6.75
CA PRO A 94 12.98 -11.62 -6.82
C PRO A 94 13.65 -10.79 -7.94
N GLN A 95 13.01 -9.70 -8.39
CA GLN A 95 13.56 -8.73 -9.35
C GLN A 95 13.41 -7.29 -8.90
N GLY A 96 12.56 -7.03 -7.94
CA GLY A 96 12.25 -5.69 -7.45
C GLY A 96 10.91 -5.61 -6.76
N LEU A 97 10.22 -4.48 -6.96
CA LEU A 97 8.90 -4.18 -6.46
C LEU A 97 8.06 -3.68 -7.63
N SER A 98 6.77 -4.01 -7.65
CA SER A 98 5.87 -3.66 -8.75
C SER A 98 5.57 -2.16 -8.72
N ASP A 99 5.13 -1.62 -9.85
CA ASP A 99 4.94 -0.19 -10.06
C ASP A 99 4.14 0.42 -8.89
N PRO A 100 4.57 1.53 -8.31
CA PRO A 100 3.96 2.13 -7.14
C PRO A 100 2.45 2.30 -7.33
N SER A 101 1.64 1.58 -6.54
CA SER A 101 0.19 1.55 -6.68
C SER A 101 -0.43 2.95 -6.68
N PRO A 102 -1.66 3.11 -7.20
CA PRO A 102 -2.51 4.27 -6.97
C PRO A 102 -2.67 4.55 -5.47
N MET A 103 -2.73 5.83 -5.10
CA MET A 103 -2.90 6.26 -3.73
C MET A 103 -4.27 5.90 -3.17
N SER A 104 -4.31 5.55 -1.87
CA SER A 104 -5.46 5.10 -1.09
C SER A 104 -6.56 6.12 -0.89
N ASP A 105 -6.34 7.36 -1.33
CA ASP A 105 -7.12 8.54 -0.99
C ASP A 105 -6.86 8.96 0.48
N PRO A 106 -6.85 10.28 0.77
CA PRO A 106 -6.38 10.81 2.04
C PRO A 106 -7.38 10.50 3.15
N VAL A 107 -7.01 9.56 4.02
CA VAL A 107 -7.83 9.06 5.12
C VAL A 107 -7.34 9.62 6.44
N ARG A 108 -8.25 9.97 7.33
CA ARG A 108 -7.95 10.45 8.67
C ARG A 108 -7.81 9.27 9.63
N THR A 109 -7.63 9.58 10.89
CA THR A 109 -7.57 8.67 12.00
C THR A 109 -8.51 9.18 13.07
N GLN A 110 -8.92 8.28 13.97
CA GLN A 110 -9.82 8.62 15.07
C GLN A 110 -9.09 9.50 16.07
N ASP A 111 -9.84 9.98 17.04
CA ASP A 111 -9.32 10.72 18.18
C ASP A 111 -8.75 9.74 19.22
N SER A 112 -7.89 10.25 20.11
CA SER A 112 -7.16 9.56 21.15
C SER A 112 -7.68 9.98 22.55
N GLY A 113 -8.55 10.99 22.65
CA GLY A 113 -9.16 11.44 23.90
C GLY A 113 -10.28 10.49 24.35
N PRO A 114 -10.97 10.79 25.46
CA PRO A 114 -12.23 10.17 25.84
C PRO A 114 -13.36 10.79 24.98
N SER A 115 -13.28 10.58 23.66
CA SER A 115 -14.02 11.27 22.63
C SER A 115 -15.53 11.26 22.93
N SER A 116 -16.08 12.43 23.21
CA SER A 116 -17.46 12.62 23.63
C SER A 116 -17.94 14.03 23.25
N GLY A 117 -19.22 14.31 23.50
CA GLY A 117 -19.95 15.46 23.02
C GLY A 117 -21.03 14.87 22.14
#